data_9C5B
#
_entry.id   9C5B
#
_cell.length_a   1.00
_cell.length_b   1.00
_cell.length_c   1.00
_cell.angle_alpha   90.00
_cell.angle_beta   90.00
_cell.angle_gamma   90.00
#
_symmetry.space_group_name_H-M   'P 1'
#
loop_
_entity.id
_entity.type
_entity.pdbx_description
1 polymer 'ADP-ribosylation factor 1'
2 polymer 'AP-3 complex subunit delta-1'
3 polymer 'AP-3 complex subunit mu-1'
4 polymer 'AP-3 complex subunit sigma-1'
5 polymer 'Lysosome-associated membrane glycoprotein 1'
6 polymer 'AP-3 complex subunit beta-1'
7 non-polymer 'MAGNESIUM ION'
8 non-polymer "GUANOSINE-5'-TRIPHOSPHATE"
#
loop_
_entity_poly.entity_id
_entity_poly.type
_entity_poly.pdbx_seq_one_letter_code
_entity_poly.pdbx_strand_id
1 'polypeptide(L)'
;GNIFANLFKGLFGKKEMRILMVGLDAAGKTTILYKLKLGEIVTTIPTIGFNVETVEYKNISFTVWDVGGLDKIRPLWRHY
FQNTQGLIFVVDSNDRERVNEAREELMRMLAEDELRDAVLLVFANKQDLPNAMNAAEITDKLGLHSLRHRNWYIQATCAT
SGDGLYEGLDWLSNQLRNQKSL
;
A,C
2 'polypeptide(L)'
;MALKMVKGSIDRMFDKNLQDLVRGIRNHKEDEAKYISQCIDEIKQELKQDNIAVKANAVCKLTYLQMLGYDISWAAFNII
EVMSASKFTFKRIGYLAASQSFHEGTDVIMLTTNQIRKDLSSPSQYDTGVALTGLSCFVTPDLARDLANDIMTLMSHTKP
YIRKKAVLIMYKVFLKYPESLRPAFPRLKEKLEDPDPGVQSAAVNVICELARRNPKNYLSLAPLFFKLMTSSTNNWVLIK
IIKLFGALTPLEPRLGKKLIEPLTNLIHSTSAMSLLYECVNTVIAVLISLSSGMPNHSASIQLCVQKLRILIEDSDQNLK
YLGLLAMSKILKTHPKSVQSHKDLILQCLDDKDESIRLRALDLLYGMVSKKNLMEIVKKLMTHVDKAEGTTYRDELLTKI
IDICSQSNYQYITNFEWYISILVELTRLEGTRHGHLIAAQMLDVAIRVKAIRKFAVSQMSALLDSAHLLASSTQRNGICE
VLYAAAWICGEFSEHLQEPHHTLEAMLRPRVTTLPGHIQAVYVQNVVKLYASILQQKEQAGEAEGAQAVTQLMVDRLPQF
VQSADLEVQERASCILQLVKHIQKLQAKDVPVAEEVSALFAGELNPVAPKAQKKVPV
;
D
3 'polypeptide(L)'
;MIHSLFLINCSGDIFLEKHWKSVVSQSVCDYFFEAQEKAADVENVPPVISTPHHYLISIYRDKLFFVSVIQTEVPPLFVI
EFLHRVADTFQDYFGECSEAAIKDNVVIVYELLEEMLDNGFPLATESNILKELIKPPTILRSVVNSITGSSNVGDTLPTG
QLSNIPWRRAGVKYTNNEAYFDVVEEIDAIIDKSGSTVFAEIQGVIDACIKLSGMPDLSLSFMNPRLLDDVSFHPCIRFK
RWESERVLSFIPPDGNFRLISYRVSSQNLVAIPVYVKHSISFKENSSCGRFDITIGPKQNMGKTIEGITVTVHMPKVVLN
MNLTPTQGSYTFDPVTKVLTWDVGKITPQKLPSLKGLVNLQSGAPKPEENPSLNIQFKIQQLAISGLKVNRLDMYGEKYK
PFKGVKYVTKAGKFQVRT
;
M
4 'polypeptide(L)'
;MIKAILIFNNHGKPRLSKFYQPYSEDTQQQIIRETFHLVSKRDENVCNFLEGGLLIGGSDNKLIYRHYATLYFVFCVDSS
ESELGILDLIQVFVETLDKCFENVCELDLIFHVDKVHNILAEMVMGGMVLETNMNEIVTQIDAQNKLEKSEAGLAGAPAR
AVSAVKNMNLPEIPRNINIGDISIKVPNLPSFK
;
S
5 'polypeptide(L)' GRKRSHAGYQTI Y
6 'polypeptide(L)'
;MSSNSFPYNEQSGGGEATELGQEATSTISPSGAFGLFSSDLKKNEDLKQMLESNKDSAKLDAMKRIVGMIAKGKNASELF
PAVVKNVASKNIEIKKLVYVYLVRYAEEQQDLALLSISTFQRALKDPNQLIRASALRVLSSIRVPIIVPIMMLAIKEASA
DLSPYVRKNAAHAIQKLYSLDPEQKEMLIEVIEKLLKDKSTLVAGSVVMAFEEVCPDRIDLIHKNYRKLCNLLVDVEEWG
QVVIIHMLTRYARTQFVSPWKEGDELEDNGKNFYESDDDQKEKTDKKKKPYTMDPDHRLLIRNTKPLLQSRNAAVVMAVA
QLYWHISPKSEAGIISKSLVRLLRSNREVQYIVLQNIATMSIQRKGMFEPYLKSFYVRSTDPTMIKTLKLEILTNLANEA
NISTLLREFQTYVKSQDKQFAAATIQTIGRCATNILEVTDTCLNGLVCLLSNRDEIVVAESVVVIKKLLQMQPAQHGEII
KHMAKLLDSITVPVARASILWLIGENCERVPKIAPDVLRKMAKSFTSEDDLVKLQILNLGAKLYLTNSKQTKLLTQYILN
LGKYDQNYDIRDRTRFIRQLIVPNVKSGALSKYAKKIFLAQKPAPLLESPFKDRDHFQLGTLSHTLNIKATGYLELSNWP
EVAPDPSVRNVEVIELAKEWTPAGKAKQENSAKKFYS
;
B
#
loop_
_chem_comp.id
_chem_comp.type
_chem_comp.name
_chem_comp.formula
GTP non-polymer GUANOSINE-5'-TRIPHOSPHATE 'C10 H16 N5 O14 P3'
MG non-polymer 'MAGNESIUM ION' 'Mg 2'
#
# COMPACT_ATOMS: atom_id res chain seq x y z
N GLU A 16 2.92 -11.01 -57.76
CA GLU A 16 2.42 -11.93 -58.77
C GLU A 16 0.92 -11.75 -58.93
N MET A 17 0.37 -12.39 -59.97
CA MET A 17 -1.07 -12.34 -60.21
C MET A 17 -1.78 -13.25 -59.21
N ARG A 18 -2.77 -12.70 -58.51
CA ARG A 18 -3.53 -13.45 -57.52
C ARG A 18 -4.71 -14.13 -58.21
N ILE A 19 -4.70 -15.46 -58.21
CA ILE A 19 -5.72 -16.26 -58.87
C ILE A 19 -6.34 -17.21 -57.85
N LEU A 20 -7.67 -17.24 -57.80
CA LEU A 20 -8.39 -18.18 -56.96
C LEU A 20 -9.03 -19.25 -57.84
N MET A 21 -8.64 -20.51 -57.61
CA MET A 21 -9.11 -21.64 -58.39
C MET A 21 -10.01 -22.50 -57.52
N VAL A 22 -11.23 -22.74 -57.98
CA VAL A 22 -12.25 -23.45 -57.23
C VAL A 22 -12.79 -24.59 -58.09
N GLY A 23 -13.76 -25.30 -57.54
CA GLY A 23 -14.41 -26.42 -58.22
C GLY A 23 -14.97 -27.40 -57.21
N LEU A 24 -15.68 -28.39 -57.73
CA LEU A 24 -16.23 -29.44 -56.88
C LEU A 24 -15.12 -30.36 -56.40
N ASP A 25 -15.44 -31.17 -55.39
CA ASP A 25 -14.46 -32.11 -54.85
C ASP A 25 -14.08 -33.15 -55.90
N ALA A 26 -12.82 -33.57 -55.86
CA ALA A 26 -12.22 -34.54 -56.77
C ALA A 26 -12.23 -34.09 -58.22
N ALA A 27 -12.31 -32.79 -58.49
CA ALA A 27 -12.35 -32.32 -59.87
C ALA A 27 -10.98 -32.35 -60.53
N GLY A 28 -9.92 -32.05 -59.78
CA GLY A 28 -8.58 -32.01 -60.34
C GLY A 28 -7.82 -30.74 -60.04
N LYS A 29 -8.29 -29.96 -59.06
CA LYS A 29 -7.62 -28.72 -58.70
C LYS A 29 -6.21 -28.99 -58.20
N THR A 30 -6.08 -29.90 -57.24
CA THR A 30 -4.76 -30.23 -56.68
C THR A 30 -3.86 -30.83 -57.74
N THR A 31 -4.38 -31.76 -58.54
CA THR A 31 -3.59 -32.40 -59.58
C THR A 31 -3.09 -31.37 -60.58
N ILE A 32 -3.97 -30.47 -61.02
CA ILE A 32 -3.58 -29.45 -61.99
C ILE A 32 -2.53 -28.53 -61.40
N LEU A 33 -2.73 -28.08 -60.16
CA LEU A 33 -1.77 -27.15 -59.54
C LEU A 33 -0.40 -27.78 -59.41
N TYR A 34 -0.34 -29.01 -58.87
CA TYR A 34 0.94 -29.67 -58.69
C TYR A 34 1.61 -30.02 -60.02
N LYS A 35 0.85 -30.43 -61.03
CA LYS A 35 1.44 -30.67 -62.35
C LYS A 35 1.99 -29.38 -62.93
N LEU A 36 1.27 -28.27 -62.75
CA LEU A 36 1.73 -27.00 -63.30
C LEU A 36 3.03 -26.57 -62.64
N LYS A 37 3.10 -26.67 -61.31
CA LYS A 37 4.33 -26.22 -60.66
C LYS A 37 5.49 -27.18 -60.87
N LEU A 38 5.27 -28.48 -60.71
CA LEU A 38 6.35 -29.44 -60.71
C LEU A 38 6.42 -30.32 -61.95
N GLY A 39 5.41 -30.29 -62.81
CA GLY A 39 5.39 -31.19 -63.94
C GLY A 39 5.15 -32.63 -63.55
N GLU A 40 4.61 -32.86 -62.35
CA GLU A 40 4.44 -34.21 -61.84
C GLU A 40 3.01 -34.40 -61.36
N ILE A 41 2.48 -35.58 -61.65
CA ILE A 41 1.16 -36.00 -61.17
C ILE A 41 1.37 -36.69 -59.83
N VAL A 42 0.96 -36.04 -58.75
CA VAL A 42 1.19 -36.54 -57.40
C VAL A 42 -0.09 -37.18 -56.88
N THR A 43 0.08 -38.15 -55.99
CA THR A 43 -1.07 -38.76 -55.31
C THR A 43 -1.73 -37.74 -54.40
N THR A 44 -3.06 -37.65 -54.48
CA THR A 44 -3.79 -36.60 -53.78
C THR A 44 -4.73 -37.20 -52.73
N ILE A 45 -4.89 -36.45 -51.65
CA ILE A 45 -5.86 -36.77 -50.61
C ILE A 45 -6.78 -35.55 -50.49
N PRO A 46 -8.01 -35.76 -50.03
CA PRO A 46 -8.96 -34.63 -49.96
C PRO A 46 -8.39 -33.46 -49.16
N THR A 47 -8.53 -32.26 -49.70
CA THR A 47 -7.95 -31.06 -49.11
C THR A 47 -8.87 -30.56 -48.00
N ILE A 48 -8.55 -30.92 -46.75
CA ILE A 48 -9.31 -30.39 -45.63
C ILE A 48 -9.14 -28.88 -45.53
N GLY A 49 -7.93 -28.39 -45.74
CA GLY A 49 -7.69 -26.96 -45.69
C GLY A 49 -7.58 -26.34 -47.07
N PHE A 50 -6.36 -26.01 -47.49
CA PHE A 50 -6.14 -25.37 -48.78
C PHE A 50 -4.69 -25.58 -49.20
N ASN A 51 -4.41 -25.20 -50.44
CA ASN A 51 -3.05 -25.20 -50.95
C ASN A 51 -2.78 -23.88 -51.66
N VAL A 52 -1.53 -23.43 -51.57
CA VAL A 52 -1.09 -22.20 -52.24
C VAL A 52 0.26 -22.46 -52.89
N GLU A 53 0.36 -22.13 -54.18
CA GLU A 53 1.60 -22.29 -54.91
C GLU A 53 1.69 -21.17 -55.94
N THR A 54 2.88 -20.57 -56.06
CA THR A 54 3.12 -19.47 -56.98
C THR A 54 3.84 -19.99 -58.21
N VAL A 55 3.21 -19.87 -59.37
CA VAL A 55 3.72 -20.40 -60.63
C VAL A 55 3.95 -19.25 -61.60
N GLU A 56 5.14 -19.21 -62.19
CA GLU A 56 5.46 -18.22 -63.21
C GLU A 56 5.31 -18.86 -64.59
N TYR A 57 4.46 -18.27 -65.42
CA TYR A 57 4.23 -18.75 -66.77
C TYR A 57 4.42 -17.60 -67.75
N LYS A 58 5.26 -17.83 -68.76
CA LYS A 58 5.60 -16.81 -69.75
C LYS A 58 5.98 -15.51 -69.02
N ASN A 59 7.00 -15.63 -68.19
CA ASN A 59 7.58 -14.53 -67.42
C ASN A 59 6.59 -13.87 -66.47
N ILE A 60 5.38 -14.43 -66.33
CA ILE A 60 4.37 -13.85 -65.46
C ILE A 60 4.06 -14.85 -64.35
N SER A 61 4.22 -14.40 -63.11
CA SER A 61 4.04 -15.24 -61.94
C SER A 61 2.58 -15.24 -61.52
N PHE A 62 2.02 -16.42 -61.35
CA PHE A 62 0.64 -16.60 -60.89
C PHE A 62 0.66 -17.35 -59.57
N THR A 63 0.09 -16.74 -58.54
CA THR A 63 -0.07 -17.40 -57.24
C THR A 63 -1.49 -17.96 -57.19
N VAL A 64 -1.64 -19.23 -57.58
CA VAL A 64 -2.93 -19.89 -57.63
C VAL A 64 -3.20 -20.52 -56.27
N TRP A 65 -4.29 -20.10 -55.64
CA TRP A 65 -4.67 -20.60 -54.32
C TRP A 65 -5.65 -21.75 -54.50
N ASP A 66 -5.20 -22.95 -54.17
CA ASP A 66 -6.02 -24.15 -54.28
C ASP A 66 -6.83 -24.29 -53.00
N VAL A 67 -8.14 -24.02 -53.09
CA VAL A 67 -9.07 -24.22 -52.00
C VAL A 67 -9.77 -25.55 -52.21
N GLY A 68 -10.05 -26.26 -51.12
CA GLY A 68 -10.65 -27.57 -51.24
C GLY A 68 -12.04 -27.50 -51.84
N GLY A 69 -12.37 -28.51 -52.66
CA GLY A 69 -13.64 -28.58 -53.33
C GLY A 69 -14.74 -29.33 -52.62
N LEU A 70 -14.50 -29.79 -51.39
CA LEU A 70 -15.52 -30.51 -50.65
C LEU A 70 -16.68 -29.58 -50.30
N ASP A 71 -17.89 -30.13 -50.34
CA ASP A 71 -19.08 -29.33 -50.06
C ASP A 71 -19.04 -28.77 -48.64
N LYS A 72 -18.59 -29.59 -47.69
CA LYS A 72 -18.55 -29.16 -46.29
C LYS A 72 -17.69 -27.92 -46.11
N ILE A 73 -16.65 -27.77 -46.93
CA ILE A 73 -15.80 -26.58 -46.88
C ILE A 73 -16.08 -25.62 -48.01
N ARG A 74 -17.05 -25.91 -48.86
CA ARG A 74 -17.48 -24.92 -49.85
C ARG A 74 -17.89 -23.57 -49.23
N PRO A 75 -18.60 -23.51 -48.10
CA PRO A 75 -18.87 -22.20 -47.51
C PRO A 75 -17.62 -21.42 -47.14
N LEU A 76 -16.50 -22.11 -46.94
CA LEU A 76 -15.26 -21.42 -46.62
C LEU A 76 -14.66 -20.67 -47.81
N TRP A 77 -15.28 -20.77 -48.99
CA TRP A 77 -14.71 -20.10 -50.17
C TRP A 77 -14.73 -18.58 -50.02
N ARG A 78 -15.53 -18.06 -49.09
CA ARG A 78 -15.67 -16.60 -48.96
C ARG A 78 -14.36 -15.95 -48.55
N HIS A 79 -13.55 -16.62 -47.73
CA HIS A 79 -12.35 -16.01 -47.18
C HIS A 79 -11.28 -15.72 -48.23
N TYR A 80 -11.32 -16.37 -49.39
CA TYR A 80 -10.27 -16.25 -50.38
C TYR A 80 -10.64 -15.38 -51.57
N PHE A 81 -11.76 -14.64 -51.49
CA PHE A 81 -12.22 -13.87 -52.65
C PHE A 81 -11.42 -12.59 -52.83
N GLN A 82 -10.96 -11.98 -51.74
CA GLN A 82 -10.43 -10.62 -51.79
C GLN A 82 -9.14 -10.53 -52.61
N ASN A 83 -9.03 -9.46 -53.38
CA ASN A 83 -7.85 -9.10 -54.19
C ASN A 83 -7.51 -10.13 -55.27
N THR A 84 -8.33 -11.15 -55.44
CA THR A 84 -8.08 -12.14 -56.49
C THR A 84 -8.29 -11.52 -57.86
N GLN A 85 -7.39 -11.84 -58.80
CA GLN A 85 -7.49 -11.32 -60.16
C GLN A 85 -8.04 -12.33 -61.16
N GLY A 86 -8.20 -13.59 -60.78
CA GLY A 86 -8.72 -14.58 -61.70
C GLY A 86 -9.36 -15.79 -61.05
N LEU A 87 -10.36 -16.37 -61.72
CA LEU A 87 -11.05 -17.54 -61.22
C LEU A 87 -10.86 -18.71 -62.18
N ILE A 88 -10.52 -19.87 -61.64
CA ILE A 88 -10.34 -21.08 -62.41
C ILE A 88 -11.29 -22.14 -61.86
N PHE A 89 -12.13 -22.69 -62.73
CA PHE A 89 -13.12 -23.70 -62.34
C PHE A 89 -12.79 -25.02 -63.04
N VAL A 90 -12.16 -25.93 -62.33
CA VAL A 90 -11.83 -27.25 -62.85
C VAL A 90 -13.14 -28.03 -63.02
N VAL A 91 -13.50 -28.31 -64.26
CA VAL A 91 -14.76 -28.94 -64.58
C VAL A 91 -14.52 -30.40 -64.88
N ASP A 92 -15.06 -31.28 -64.05
CA ASP A 92 -15.01 -32.71 -64.28
C ASP A 92 -16.06 -33.04 -65.34
N SER A 93 -15.64 -33.01 -66.62
CA SER A 93 -16.54 -33.34 -67.71
C SER A 93 -17.07 -34.75 -67.63
N ASN A 94 -16.37 -35.64 -66.94
CA ASN A 94 -16.82 -37.01 -66.71
C ASN A 94 -17.93 -37.09 -65.67
N ASP A 95 -17.99 -36.14 -64.74
CA ASP A 95 -18.98 -36.19 -63.66
C ASP A 95 -20.28 -35.58 -64.17
N ARG A 96 -21.02 -36.37 -64.93
CA ARG A 96 -22.30 -35.91 -65.47
C ARG A 96 -23.30 -35.64 -64.36
N GLU A 97 -23.25 -36.43 -63.30
CA GLU A 97 -24.24 -36.31 -62.23
C GLU A 97 -24.17 -34.97 -61.52
N ARG A 98 -22.98 -34.36 -61.44
CA ARG A 98 -22.78 -33.15 -60.66
C ARG A 98 -22.59 -31.91 -61.53
N VAL A 99 -22.91 -31.98 -62.82
CA VAL A 99 -22.81 -30.79 -63.66
C VAL A 99 -23.74 -29.71 -63.16
N ASN A 100 -24.94 -30.08 -62.70
CA ASN A 100 -25.81 -29.10 -62.08
C ASN A 100 -25.13 -28.46 -60.88
N GLU A 101 -24.78 -29.27 -59.87
CA GLU A 101 -24.21 -28.70 -58.65
C GLU A 101 -23.06 -27.77 -58.98
N ALA A 102 -22.26 -28.12 -59.99
CA ALA A 102 -21.22 -27.23 -60.47
C ALA A 102 -21.82 -25.91 -60.96
N ARG A 103 -22.93 -25.98 -61.71
CA ARG A 103 -23.43 -24.73 -62.31
C ARG A 103 -24.09 -23.83 -61.27
N GLU A 104 -24.81 -24.41 -60.29
CA GLU A 104 -25.31 -23.56 -59.21
C GLU A 104 -24.15 -22.94 -58.43
N GLU A 105 -23.11 -23.71 -58.14
CA GLU A 105 -21.97 -23.13 -57.43
C GLU A 105 -21.34 -21.99 -58.22
N LEU A 106 -21.17 -22.16 -59.53
CA LEU A 106 -20.58 -21.11 -60.34
C LEU A 106 -21.46 -19.87 -60.36
N MET A 107 -22.77 -20.03 -60.51
CA MET A 107 -23.66 -18.89 -60.53
C MET A 107 -23.66 -18.15 -59.20
N ARG A 108 -23.66 -18.88 -58.09
CA ARG A 108 -23.60 -18.22 -56.79
C ARG A 108 -22.27 -17.50 -56.60
N MET A 109 -21.17 -18.10 -57.07
CA MET A 109 -19.87 -17.46 -56.94
C MET A 109 -19.83 -16.16 -57.74
N LEU A 110 -20.36 -16.18 -58.97
CA LEU A 110 -20.38 -14.97 -59.78
C LEU A 110 -21.36 -13.93 -59.23
N ALA A 111 -22.29 -14.33 -58.36
CA ALA A 111 -23.19 -13.37 -57.75
C ALA A 111 -22.48 -12.46 -56.76
N GLU A 112 -21.28 -12.80 -56.33
CA GLU A 112 -20.52 -11.96 -55.41
C GLU A 112 -20.02 -10.72 -56.13
N ASP A 113 -20.16 -9.56 -55.48
CA ASP A 113 -19.66 -8.32 -56.07
C ASP A 113 -18.14 -8.25 -56.03
N GLU A 114 -17.51 -9.03 -55.15
CA GLU A 114 -16.06 -9.00 -55.01
C GLU A 114 -15.37 -9.55 -56.25
N LEU A 115 -16.10 -10.31 -57.08
CA LEU A 115 -15.52 -10.94 -58.26
C LEU A 115 -16.01 -10.32 -59.56
N ARG A 116 -16.37 -9.03 -59.55
CA ARG A 116 -16.89 -8.40 -60.77
C ARG A 116 -15.78 -8.12 -61.78
N ASP A 117 -14.58 -7.76 -61.34
CA ASP A 117 -13.49 -7.42 -62.23
C ASP A 117 -12.49 -8.56 -62.41
N ALA A 118 -12.76 -9.73 -61.84
CA ALA A 118 -11.88 -10.87 -62.01
C ALA A 118 -12.18 -11.58 -63.32
N VAL A 119 -11.27 -12.44 -63.74
CA VAL A 119 -11.42 -13.18 -64.99
C VAL A 119 -11.65 -14.66 -64.68
N LEU A 120 -12.44 -15.30 -65.53
CA LEU A 120 -12.81 -16.70 -65.35
C LEU A 120 -12.24 -17.51 -66.50
N LEU A 121 -11.38 -18.46 -66.17
CA LEU A 121 -10.91 -19.48 -67.10
C LEU A 121 -11.52 -20.80 -66.67
N VAL A 122 -12.15 -21.50 -67.60
CA VAL A 122 -12.86 -22.74 -67.31
C VAL A 122 -12.01 -23.92 -67.77
N PHE A 123 -11.62 -24.77 -66.83
CA PHE A 123 -10.90 -26.00 -67.12
C PHE A 123 -11.88 -27.17 -67.10
N ALA A 124 -12.19 -27.70 -68.28
CA ALA A 124 -12.99 -28.91 -68.39
C ALA A 124 -12.02 -30.08 -68.29
N ASN A 125 -11.97 -30.68 -67.10
CA ASN A 125 -10.97 -31.69 -66.78
C ASN A 125 -11.49 -33.10 -67.04
N LYS A 126 -10.59 -34.07 -66.92
CA LYS A 126 -10.89 -35.49 -67.06
C LYS A 126 -11.47 -35.83 -68.43
N GLN A 127 -10.82 -35.35 -69.50
CA GLN A 127 -11.23 -35.72 -70.84
C GLN A 127 -10.85 -37.14 -71.22
N ASP A 128 -10.02 -37.80 -70.40
CA ASP A 128 -9.56 -39.14 -70.74
C ASP A 128 -10.67 -40.18 -70.69
N LEU A 129 -11.64 -40.05 -69.80
CA LEU A 129 -12.69 -41.05 -69.75
C LEU A 129 -13.55 -41.00 -71.02
N PRO A 130 -14.02 -42.15 -71.48
CA PRO A 130 -14.82 -42.16 -72.73
C PRO A 130 -16.12 -41.38 -72.62
N ASN A 131 -16.64 -41.18 -71.41
CA ASN A 131 -17.93 -40.53 -71.23
C ASN A 131 -17.81 -39.05 -70.88
N ALA A 132 -16.65 -38.45 -71.07
CA ALA A 132 -16.50 -37.03 -70.83
C ALA A 132 -17.14 -36.22 -71.95
N MET A 133 -17.93 -35.21 -71.58
CA MET A 133 -18.63 -34.40 -72.56
C MET A 133 -17.67 -33.39 -73.19
N ASN A 134 -18.03 -32.88 -74.36
CA ASN A 134 -17.20 -31.91 -75.04
C ASN A 134 -17.28 -30.56 -74.34
N ALA A 135 -16.30 -29.69 -74.62
CA ALA A 135 -16.23 -28.41 -73.94
C ALA A 135 -17.44 -27.54 -74.25
N ALA A 136 -18.00 -27.66 -75.45
CA ALA A 136 -19.17 -26.86 -75.80
C ALA A 136 -20.35 -27.20 -74.90
N GLU A 137 -20.59 -28.49 -74.66
CA GLU A 137 -21.63 -28.87 -73.74
C GLU A 137 -21.31 -28.41 -72.33
N ILE A 138 -20.02 -28.36 -71.97
CA ILE A 138 -19.62 -27.83 -70.68
C ILE A 138 -20.05 -26.38 -70.55
N THR A 139 -19.79 -25.58 -71.60
CA THR A 139 -20.19 -24.18 -71.61
C THR A 139 -21.70 -24.04 -71.49
N ASP A 140 -22.43 -24.85 -72.26
CA ASP A 140 -23.88 -24.74 -72.25
C ASP A 140 -24.45 -25.10 -70.88
N LYS A 141 -23.93 -26.16 -70.26
CA LYS A 141 -24.38 -26.53 -68.93
C LYS A 141 -24.02 -25.47 -67.90
N LEU A 142 -22.83 -24.87 -68.01
CA LEU A 142 -22.40 -23.83 -67.10
C LEU A 142 -22.92 -22.46 -67.49
N GLY A 143 -23.63 -22.35 -68.61
CA GLY A 143 -24.17 -21.07 -69.03
C GLY A 143 -23.13 -20.01 -69.22
N LEU A 144 -21.94 -20.39 -69.70
CA LEU A 144 -20.89 -19.40 -69.93
C LEU A 144 -21.28 -18.42 -71.03
N HIS A 145 -22.19 -18.82 -71.93
CA HIS A 145 -22.62 -17.95 -73.01
C HIS A 145 -23.53 -16.83 -72.52
N SER A 146 -24.19 -17.00 -71.38
CA SER A 146 -25.12 -16.01 -70.88
C SER A 146 -24.49 -15.00 -69.93
N LEU A 147 -23.18 -15.09 -69.71
CA LEU A 147 -22.53 -14.18 -68.77
C LEU A 147 -22.44 -12.77 -69.37
N ARG A 148 -22.57 -11.77 -68.50
CA ARG A 148 -22.51 -10.37 -68.91
C ARG A 148 -21.42 -9.65 -68.12
N HIS A 149 -20.63 -8.85 -68.82
CA HIS A 149 -19.49 -8.15 -68.23
C HIS A 149 -18.53 -9.14 -67.57
N ARG A 150 -18.21 -10.21 -68.31
CA ARG A 150 -17.34 -11.27 -67.80
C ARG A 150 -16.50 -11.83 -68.94
N ASN A 151 -15.22 -11.49 -68.93
CA ASN A 151 -14.28 -12.05 -69.90
C ASN A 151 -13.97 -13.48 -69.52
N TRP A 152 -14.34 -14.43 -70.37
CA TRP A 152 -14.24 -15.84 -70.02
C TRP A 152 -13.74 -16.64 -71.21
N TYR A 153 -13.15 -17.78 -70.91
CA TYR A 153 -12.75 -18.75 -71.92
C TYR A 153 -12.88 -20.15 -71.33
N ILE A 154 -12.98 -21.14 -72.20
CA ILE A 154 -13.11 -22.54 -71.79
C ILE A 154 -12.09 -23.37 -72.57
N GLN A 155 -11.52 -24.35 -71.89
CA GLN A 155 -10.52 -25.25 -72.49
C GLN A 155 -10.73 -26.66 -71.94
N ALA A 156 -10.97 -27.61 -72.83
CA ALA A 156 -11.05 -29.00 -72.42
C ALA A 156 -9.68 -29.47 -71.96
N THR A 157 -9.59 -29.88 -70.70
CA THR A 157 -8.30 -30.19 -70.09
C THR A 157 -8.29 -31.64 -69.61
N CYS A 158 -7.07 -32.17 -69.46
CA CYS A 158 -6.86 -33.53 -68.95
C CYS A 158 -5.74 -33.47 -67.92
N ALA A 159 -6.09 -33.71 -66.66
CA ALA A 159 -5.11 -33.61 -65.59
C ALA A 159 -4.00 -34.65 -65.72
N THR A 160 -4.36 -35.88 -66.10
CA THR A 160 -3.34 -36.92 -66.17
C THR A 160 -2.32 -36.64 -67.27
N SER A 161 -2.74 -36.11 -68.42
CA SER A 161 -1.83 -35.86 -69.53
C SER A 161 -1.34 -34.43 -69.61
N GLY A 162 -2.07 -33.46 -69.04
CA GLY A 162 -1.65 -32.08 -69.05
C GLY A 162 -2.04 -31.29 -70.30
N ASP A 163 -2.80 -31.90 -71.21
CA ASP A 163 -3.20 -31.21 -72.43
C ASP A 163 -4.15 -30.06 -72.12
N GLY A 164 -3.92 -28.91 -72.77
CA GLY A 164 -4.76 -27.75 -72.60
C GLY A 164 -4.38 -26.84 -71.45
N LEU A 165 -3.42 -27.23 -70.62
CA LEU A 165 -3.08 -26.41 -69.46
C LEU A 165 -2.27 -25.19 -69.87
N TYR A 166 -1.31 -25.36 -70.79
CA TYR A 166 -0.49 -24.23 -71.19
C TYR A 166 -1.27 -23.24 -72.05
N GLU A 167 -2.22 -23.72 -72.84
CA GLU A 167 -3.10 -22.78 -73.56
C GLU A 167 -3.93 -21.95 -72.59
N GLY A 168 -4.48 -22.59 -71.56
CA GLY A 168 -5.25 -21.86 -70.56
C GLY A 168 -4.40 -20.85 -69.82
N LEU A 169 -3.18 -21.25 -69.46
CA LEU A 169 -2.26 -20.30 -68.82
C LEU A 169 -1.92 -19.14 -69.74
N ASP A 170 -1.71 -19.42 -71.03
CA ASP A 170 -1.45 -18.36 -72.00
C ASP A 170 -2.60 -17.37 -72.04
N TRP A 171 -3.83 -17.87 -72.14
CA TRP A 171 -4.98 -16.98 -72.18
C TRP A 171 -5.12 -16.18 -70.89
N LEU A 172 -4.90 -16.85 -69.76
CA LEU A 172 -5.02 -16.18 -68.47
C LEU A 172 -4.04 -15.02 -68.38
N SER A 173 -2.79 -15.27 -68.78
CA SER A 173 -1.82 -14.18 -68.83
C SER A 173 -2.28 -13.08 -69.78
N ASN A 174 -2.78 -13.48 -70.96
CA ASN A 174 -3.11 -12.49 -71.99
C ASN A 174 -4.16 -11.52 -71.49
N GLN A 175 -5.23 -12.02 -70.86
CA GLN A 175 -6.19 -11.11 -70.25
C GLN A 175 -5.59 -10.37 -69.06
N LEU A 176 -4.79 -11.04 -68.24
CA LEU A 176 -4.22 -10.37 -67.08
C LEU A 176 -3.10 -9.40 -67.42
N ARG A 177 -2.16 -9.79 -68.27
CA ARG A 177 -1.02 -8.93 -68.56
C ARG A 177 -1.43 -7.77 -69.46
N ASN A 178 -0.57 -6.76 -69.53
CA ASN A 178 -0.82 -5.56 -70.30
C ASN A 178 0.26 -5.27 -71.34
N GLN A 179 1.37 -5.99 -71.31
CA GLN A 179 2.45 -5.81 -72.28
C GLN A 179 3.28 -7.07 -72.32
N LYS A 180 4.21 -7.13 -73.27
CA LYS A 180 5.08 -8.28 -73.42
C LYS A 180 6.08 -8.37 -72.26
N GLY B 1 45.89 -1.76 -30.40
CA GLY B 1 44.54 -1.22 -30.40
C GLY B 1 44.50 0.14 -29.72
N ASN B 2 43.30 0.68 -29.54
CA ASN B 2 43.18 1.99 -28.91
C ASN B 2 43.28 1.90 -27.40
N ILE B 3 44.51 1.97 -26.93
CA ILE B 3 44.83 1.96 -25.52
C ILE B 3 45.39 3.30 -25.12
N PHE B 4 45.15 4.32 -25.96
CA PHE B 4 45.78 5.65 -25.69
C PHE B 4 45.42 6.13 -24.29
N ALA B 5 44.18 5.97 -23.86
CA ALA B 5 43.81 6.52 -22.56
C ALA B 5 44.85 6.11 -21.50
N ASN B 6 45.37 4.90 -21.63
CA ASN B 6 46.37 4.39 -20.72
C ASN B 6 47.73 4.94 -21.07
N LEU B 7 47.98 5.12 -22.37
CA LEU B 7 49.24 5.67 -22.82
C LEU B 7 49.36 7.11 -22.35
N PHE B 8 48.23 7.82 -22.37
CA PHE B 8 48.11 9.19 -21.90
C PHE B 8 48.53 9.29 -20.47
N LYS B 9 47.97 8.41 -19.64
CA LYS B 9 48.32 8.43 -18.24
C LYS B 9 49.80 8.07 -18.09
N GLY B 10 50.29 7.14 -18.92
CA GLY B 10 51.69 6.73 -18.93
C GLY B 10 52.64 7.89 -19.29
N LEU B 11 52.15 8.85 -20.08
CA LEU B 11 52.96 10.00 -20.45
C LEU B 11 53.31 10.87 -19.24
N PHE B 12 52.49 10.79 -18.19
CA PHE B 12 52.70 11.60 -17.00
C PHE B 12 52.92 10.74 -15.75
N GLY B 13 52.61 9.45 -15.87
CA GLY B 13 52.75 8.49 -14.78
C GLY B 13 51.40 8.05 -14.26
N LYS B 14 51.05 6.81 -14.55
CA LYS B 14 49.79 6.23 -14.10
C LYS B 14 49.93 5.64 -12.70
N LYS B 15 51.15 5.30 -12.32
CA LYS B 15 51.46 4.67 -11.04
C LYS B 15 50.82 5.40 -9.87
N GLU B 16 50.20 4.61 -8.99
CA GLU B 16 49.47 5.09 -7.82
C GLU B 16 50.13 4.67 -6.51
N MET B 17 49.91 3.41 -6.11
CA MET B 17 50.47 2.79 -4.90
C MET B 17 49.66 3.07 -3.64
N ARG B 18 48.78 2.12 -3.34
CA ARG B 18 47.93 2.17 -2.17
C ARG B 18 48.75 1.81 -0.95
N ILE B 19 48.89 2.77 -0.04
CA ILE B 19 49.70 2.53 1.14
C ILE B 19 48.95 2.78 2.44
N LEU B 20 49.00 1.82 3.32
CA LEU B 20 48.33 1.98 4.58
C LEU B 20 49.29 2.37 5.67
N MET B 21 48.98 3.43 6.40
CA MET B 21 49.84 3.83 7.50
C MET B 21 49.25 3.50 8.84
N VAL B 22 50.01 2.73 9.60
CA VAL B 22 49.64 2.26 10.92
C VAL B 22 50.77 2.47 11.92
N GLY B 23 50.43 2.33 13.19
CA GLY B 23 51.39 2.51 14.27
C GLY B 23 50.66 2.84 15.56
N LEU B 24 51.39 3.21 16.59
CA LEU B 24 50.79 3.52 17.87
C LEU B 24 50.66 5.00 18.11
N ASP B 25 49.90 5.34 19.14
CA ASP B 25 49.65 6.73 19.46
C ASP B 25 50.90 7.51 19.74
N ALA B 26 50.91 8.74 19.23
CA ALA B 26 51.99 9.72 19.36
C ALA B 26 53.24 9.37 18.56
N ALA B 27 53.15 8.39 17.65
CA ALA B 27 54.29 8.02 16.82
C ALA B 27 54.71 9.13 15.82
N GLY B 28 53.79 10.05 15.50
CA GLY B 28 54.06 11.12 14.54
C GLY B 28 53.50 10.81 13.16
N LYS B 29 52.66 9.78 13.05
CA LYS B 29 52.10 9.32 11.79
C LYS B 29 51.40 10.41 11.02
N THR B 30 50.47 11.09 11.68
CA THR B 30 49.73 12.16 11.05
C THR B 30 50.67 13.25 10.62
N THR B 31 51.55 13.63 11.52
CA THR B 31 52.53 14.66 11.22
C THR B 31 53.25 14.35 9.93
N ILE B 32 53.70 13.11 9.80
CA ILE B 32 54.40 12.69 8.61
C ILE B 32 53.58 12.85 7.38
N LEU B 33 52.35 12.36 7.44
CA LEU B 33 51.49 12.42 6.28
C LEU B 33 51.30 13.81 5.79
N TYR B 34 51.01 14.72 6.69
CA TYR B 34 50.75 16.05 6.25
C TYR B 34 51.98 16.80 5.88
N LYS B 35 53.12 16.47 6.43
CA LYS B 35 54.26 17.18 5.92
C LYS B 35 54.47 16.72 4.49
N LEU B 36 54.26 15.46 4.21
CA LEU B 36 54.37 15.03 2.83
C LEU B 36 53.26 15.60 1.95
N LYS B 37 52.07 15.74 2.50
CA LYS B 37 50.97 16.29 1.72
C LYS B 37 51.06 17.77 1.50
N LEU B 38 51.25 18.50 2.58
CA LEU B 38 51.29 19.94 2.52
C LEU B 38 52.68 20.51 2.65
N GLY B 39 53.50 19.91 3.50
CA GLY B 39 54.85 20.40 3.72
C GLY B 39 54.95 21.18 5.01
N GLU B 40 53.83 21.70 5.48
CA GLU B 40 53.81 22.47 6.69
C GLU B 40 53.29 21.67 7.85
N ILE B 41 53.56 22.16 9.04
CA ILE B 41 53.08 21.49 10.23
C ILE B 41 51.77 22.09 10.67
N VAL B 42 50.74 21.26 10.65
CA VAL B 42 49.40 21.69 10.97
C VAL B 42 49.06 21.36 12.40
N THR B 43 48.58 22.34 13.13
CA THR B 43 48.17 22.13 14.51
C THR B 43 47.07 21.10 14.56
N THR B 44 47.22 20.09 15.41
CA THR B 44 46.21 19.07 15.52
C THR B 44 46.03 18.47 16.90
N ILE B 45 45.08 17.55 16.96
CA ILE B 45 44.72 16.79 18.12
C ILE B 45 44.86 15.34 17.68
N PRO B 46 44.85 14.39 18.61
CA PRO B 46 44.93 12.96 18.39
C PRO B 46 43.86 12.51 17.41
N THR B 47 44.29 11.65 16.49
CA THR B 47 43.40 11.09 15.47
C THR B 47 42.46 10.09 16.11
N ILE B 48 41.19 10.19 15.79
CA ILE B 48 40.18 9.31 16.36
C ILE B 48 39.63 8.36 15.32
N GLY B 49 39.43 8.89 14.12
CA GLY B 49 38.96 8.12 12.99
C GLY B 49 40.16 7.84 12.10
N PHE B 50 40.02 8.14 10.81
CA PHE B 50 41.18 8.00 9.93
C PHE B 50 41.18 9.11 8.90
N ASN B 51 42.34 9.42 8.36
CA ASN B 51 42.44 10.41 7.30
C ASN B 51 42.96 9.74 6.07
N VAL B 52 42.92 10.42 4.95
CA VAL B 52 43.52 9.87 3.76
C VAL B 52 43.94 10.99 2.85
N GLU B 53 45.16 10.89 2.32
CA GLU B 53 45.65 11.93 1.45
C GLU B 53 46.38 11.32 0.26
N THR B 54 46.38 12.04 -0.87
CA THR B 54 47.09 11.57 -2.05
C THR B 54 48.20 12.52 -2.40
N VAL B 55 49.39 11.99 -2.54
CA VAL B 55 50.57 12.78 -2.84
C VAL B 55 51.28 12.27 -4.07
N GLU B 56 51.46 13.12 -5.06
CA GLU B 56 52.21 12.69 -6.22
C GLU B 56 53.68 12.92 -5.99
N TYR B 57 54.47 11.89 -6.25
CA TYR B 57 55.90 11.99 -6.09
C TYR B 57 56.58 11.11 -7.11
N LYS B 58 57.53 11.67 -7.86
CA LYS B 58 58.21 10.93 -8.91
C LYS B 58 57.24 10.26 -9.86
N ASN B 59 56.18 10.98 -10.20
CA ASN B 59 55.14 10.51 -11.09
C ASN B 59 54.38 9.31 -10.51
N ILE B 60 54.28 9.27 -9.19
CA ILE B 60 53.54 8.22 -8.52
C ILE B 60 52.52 8.84 -7.61
N SER B 61 51.25 8.53 -7.82
CA SER B 61 50.18 9.13 -7.04
C SER B 61 49.93 8.37 -5.75
N PHE B 62 50.90 8.43 -4.86
CA PHE B 62 50.82 7.69 -3.62
C PHE B 62 49.60 8.08 -2.82
N THR B 63 48.84 7.09 -2.36
CA THR B 63 47.70 7.40 -1.51
C THR B 63 47.88 6.73 -0.20
N VAL B 64 47.80 7.51 0.86
CA VAL B 64 48.03 6.98 2.18
C VAL B 64 46.87 7.18 3.12
N TRP B 65 46.49 6.10 3.79
CA TRP B 65 45.47 6.22 4.80
C TRP B 65 46.08 6.31 6.17
N ASP B 66 45.66 7.31 6.91
CA ASP B 66 46.07 7.58 8.27
C ASP B 66 45.10 6.97 9.22
N VAL B 67 45.26 5.70 9.54
CA VAL B 67 44.29 5.13 10.46
C VAL B 67 44.90 5.22 11.83
N GLY B 68 44.19 5.87 12.75
CA GLY B 68 44.69 6.15 14.11
C GLY B 68 45.29 4.94 14.85
N GLY B 69 46.20 5.25 15.78
CA GLY B 69 46.87 4.23 16.57
C GLY B 69 46.17 3.92 17.88
N LEU B 70 45.03 4.57 18.09
CA LEU B 70 44.24 4.41 19.27
C LEU B 70 43.74 2.99 19.41
N ASP B 71 43.98 2.39 20.57
CA ASP B 71 43.60 1.02 20.84
C ASP B 71 42.12 0.78 20.70
N LYS B 72 41.33 1.81 21.00
CA LYS B 72 39.89 1.76 20.89
C LYS B 72 39.43 1.46 19.47
N ILE B 73 40.27 1.78 18.48
CA ILE B 73 39.92 1.53 17.10
C ILE B 73 40.91 0.59 16.44
N ARG B 74 42.05 0.37 17.09
CA ARG B 74 43.13 -0.48 16.57
C ARG B 74 42.69 -1.69 15.72
N PRO B 75 41.82 -2.61 16.20
CA PRO B 75 41.39 -3.80 15.49
C PRO B 75 40.70 -3.52 14.16
N LEU B 76 40.22 -2.29 13.98
CA LEU B 76 39.52 -1.90 12.77
C LEU B 76 40.47 -1.79 11.59
N TRP B 77 41.78 -1.84 11.85
CA TRP B 77 42.77 -1.78 10.80
C TRP B 77 42.54 -2.87 9.79
N ARG B 78 41.98 -4.00 10.22
CA ARG B 78 41.73 -5.11 9.32
C ARG B 78 40.92 -4.75 8.10
N HIS B 79 40.11 -3.70 8.19
CA HIS B 79 39.26 -3.33 7.09
C HIS B 79 40.03 -2.59 6.02
N TYR B 80 41.23 -2.19 6.35
CA TYR B 80 42.06 -1.49 5.42
C TYR B 80 43.15 -2.37 4.88
N PHE B 81 43.15 -3.65 5.22
CA PHE B 81 44.25 -4.48 4.77
C PHE B 81 44.09 -4.89 3.31
N GLN B 82 42.86 -5.16 2.93
CA GLN B 82 42.53 -5.57 1.58
C GLN B 82 42.92 -4.54 0.54
N ASN B 83 43.60 -5.01 -0.49
CA ASN B 83 44.04 -4.22 -1.64
C ASN B 83 45.12 -3.20 -1.37
N THR B 84 45.84 -3.30 -0.27
CA THR B 84 46.94 -2.35 -0.11
C THR B 84 48.16 -2.90 -0.81
N GLN B 85 49.13 -2.05 -1.02
CA GLN B 85 50.35 -2.44 -1.70
C GLN B 85 51.54 -2.24 -0.81
N GLY B 86 51.57 -1.09 -0.15
CA GLY B 86 52.64 -0.78 0.76
C GLY B 86 52.09 -0.64 2.16
N LEU B 87 52.96 -0.87 3.13
CA LEU B 87 52.57 -0.75 4.51
C LEU B 87 53.57 0.08 5.27
N ILE B 88 53.10 1.17 5.81
CA ILE B 88 53.92 2.03 6.60
C ILE B 88 53.74 1.76 8.04
N PHE B 89 54.84 1.49 8.71
CA PHE B 89 54.77 1.35 10.13
C PHE B 89 55.65 2.41 10.76
N VAL B 90 55.02 3.31 11.47
CA VAL B 90 55.77 4.38 12.06
C VAL B 90 56.18 4.06 13.47
N VAL B 91 57.45 4.28 13.73
CA VAL B 91 58.05 4.02 15.01
C VAL B 91 58.51 5.24 15.72
N ASP B 92 58.09 5.37 16.96
CA ASP B 92 58.61 6.44 17.77
C ASP B 92 59.99 6.03 18.19
N SER B 93 60.99 6.64 17.59
CA SER B 93 62.37 6.27 17.82
C SER B 93 62.85 6.26 19.26
N ASN B 94 62.16 6.86 20.23
CA ASN B 94 62.69 6.74 21.59
C ASN B 94 61.70 6.07 22.50
N ASP B 95 60.62 5.53 21.95
CA ASP B 95 59.65 4.91 22.81
C ASP B 95 60.01 3.48 23.11
N ARG B 96 60.92 3.33 24.03
CA ARG B 96 61.37 2.03 24.45
C ARG B 96 60.27 1.36 25.26
N GLU B 97 59.52 2.17 25.99
CA GLU B 97 58.47 1.68 26.84
C GLU B 97 57.40 0.84 26.15
N ARG B 98 57.01 1.22 24.94
CA ARG B 98 56.00 0.46 24.24
C ARG B 98 56.55 -0.28 23.03
N VAL B 99 57.86 -0.46 22.95
CA VAL B 99 58.41 -1.06 21.75
C VAL B 99 58.03 -2.52 21.55
N ASN B 100 57.80 -3.25 22.64
CA ASN B 100 57.40 -4.64 22.51
C ASN B 100 56.03 -4.71 21.92
N GLU B 101 55.19 -3.75 22.27
CA GLU B 101 53.85 -3.66 21.78
C GLU B 101 53.84 -3.32 20.33
N ALA B 102 54.71 -2.39 19.96
CA ALA B 102 54.82 -1.99 18.58
C ALA B 102 55.23 -3.18 17.75
N ARG B 103 56.23 -3.91 18.21
CA ARG B 103 56.69 -5.08 17.49
C ARG B 103 55.60 -6.10 17.40
N GLU B 104 54.95 -6.37 18.51
CA GLU B 104 53.91 -7.36 18.53
C GLU B 104 52.82 -7.05 17.55
N GLU B 105 52.31 -5.82 17.59
CA GLU B 105 51.24 -5.48 16.69
C GLU B 105 51.71 -5.54 15.27
N LEU B 106 52.94 -5.14 15.04
CA LEU B 106 53.50 -5.24 13.72
C LEU B 106 53.46 -6.68 13.26
N MET B 107 53.89 -7.60 14.12
CA MET B 107 53.90 -9.00 13.75
C MET B 107 52.51 -9.53 13.49
N ARG B 108 51.53 -9.04 14.24
CA ARG B 108 50.16 -9.45 14.02
C ARG B 108 49.73 -9.07 12.63
N MET B 109 50.13 -7.89 12.20
CA MET B 109 49.83 -7.44 10.86
C MET B 109 50.62 -8.23 9.85
N LEU B 110 51.86 -8.55 10.17
CA LEU B 110 52.70 -9.32 9.27
C LEU B 110 52.13 -10.71 9.03
N ALA B 111 51.38 -11.22 10.00
CA ALA B 111 50.73 -12.51 9.88
C ALA B 111 49.43 -12.45 9.06
N GLU B 112 48.99 -11.26 8.68
CA GLU B 112 47.78 -11.10 7.90
C GLU B 112 47.94 -11.45 6.42
N ASP B 113 47.13 -12.40 5.95
CA ASP B 113 47.15 -12.85 4.56
C ASP B 113 46.92 -11.75 3.55
N GLU B 114 46.04 -10.81 3.87
CA GLU B 114 45.80 -9.68 2.98
C GLU B 114 47.05 -8.80 2.90
N LEU B 115 47.90 -8.84 3.92
CA LEU B 115 49.11 -8.07 3.95
C LEU B 115 50.31 -8.92 3.60
N ARG B 116 50.11 -10.22 3.47
CA ARG B 116 51.17 -11.16 3.10
C ARG B 116 52.04 -10.71 1.95
N ASP B 117 51.43 -10.10 0.94
CA ASP B 117 52.17 -9.67 -0.22
C ASP B 117 52.60 -8.21 -0.17
N ALA B 118 52.36 -7.54 0.95
CA ALA B 118 52.69 -6.12 1.07
C ALA B 118 54.15 -5.89 1.41
N VAL B 119 54.62 -4.71 1.05
CA VAL B 119 55.98 -4.32 1.35
C VAL B 119 56.03 -3.46 2.60
N LEU B 120 56.88 -3.85 3.54
CA LEU B 120 56.96 -3.13 4.81
C LEU B 120 58.06 -2.10 4.92
N LEU B 121 57.66 -0.86 5.13
CA LEU B 121 58.61 0.20 5.35
C LEU B 121 58.41 0.80 6.70
N VAL B 122 59.45 0.74 7.51
CA VAL B 122 59.40 1.25 8.86
C VAL B 122 60.06 2.59 9.00
N PHE B 123 59.38 3.51 9.65
CA PHE B 123 59.92 4.83 9.87
C PHE B 123 60.31 5.10 11.28
N ALA B 124 61.60 5.20 11.54
CA ALA B 124 62.08 5.53 12.87
C ALA B 124 62.00 7.03 13.09
N ASN B 125 60.78 7.52 13.34
CA ASN B 125 60.51 8.94 13.48
C ASN B 125 61.06 9.56 14.77
N LYS B 126 61.24 10.87 14.73
CA LYS B 126 61.75 11.68 15.81
C LYS B 126 63.23 11.45 16.01
N GLN B 127 63.92 11.28 14.87
CA GLN B 127 65.36 11.13 14.79
C GLN B 127 66.12 12.21 15.54
N ASP B 128 65.52 13.39 15.63
CA ASP B 128 66.14 14.53 16.28
C ASP B 128 66.12 14.51 17.80
N LEU B 129 65.62 13.46 18.42
CA LEU B 129 65.64 13.45 19.86
C LEU B 129 66.96 12.91 20.37
N PRO B 130 67.47 13.48 21.46
CA PRO B 130 68.75 13.22 22.11
C PRO B 130 68.82 11.85 22.72
N ASN B 131 67.67 11.23 22.91
CA ASN B 131 67.62 9.92 23.48
C ASN B 131 66.98 8.93 22.53
N ALA B 132 66.92 9.31 21.24
CA ALA B 132 66.35 8.44 20.23
C ALA B 132 67.22 7.21 19.99
N MET B 133 66.57 6.10 19.71
CA MET B 133 67.22 4.85 19.38
C MET B 133 67.74 4.95 17.96
N ASN B 134 68.90 4.38 17.67
CA ASN B 134 69.37 4.50 16.29
C ASN B 134 68.72 3.41 15.50
N ALA B 135 69.00 3.36 14.22
CA ALA B 135 68.36 2.39 13.37
C ALA B 135 68.65 0.99 13.83
N ALA B 136 69.89 0.74 14.24
CA ALA B 136 70.29 -0.59 14.66
C ALA B 136 69.52 -1.03 15.88
N GLU B 137 69.47 -0.16 16.88
CA GLU B 137 68.78 -0.46 18.10
C GLU B 137 67.34 -0.77 17.84
N ILE B 138 66.72 0.04 17.00
CA ILE B 138 65.34 -0.17 16.67
C ILE B 138 65.14 -1.46 15.94
N THR B 139 66.01 -1.70 14.97
CA THR B 139 65.96 -2.91 14.18
C THR B 139 65.98 -4.12 15.08
N ASP B 140 66.89 -4.08 16.05
CA ASP B 140 67.07 -5.15 17.01
C ASP B 140 65.84 -5.35 17.87
N LYS B 141 65.28 -4.25 18.36
CA LYS B 141 64.08 -4.32 19.16
C LYS B 141 62.91 -4.85 18.37
N LEU B 142 62.86 -4.57 17.08
CA LEU B 142 61.82 -5.12 16.25
C LEU B 142 62.17 -6.50 15.76
N GLY B 143 63.46 -6.81 15.70
CA GLY B 143 63.90 -8.12 15.25
C GLY B 143 63.64 -8.24 13.77
N LEU B 144 63.84 -7.15 13.03
CA LEU B 144 63.48 -7.13 11.63
C LEU B 144 64.26 -8.12 10.79
N HIS B 145 65.47 -8.48 11.20
CA HIS B 145 66.22 -9.44 10.42
C HIS B 145 65.74 -10.86 10.60
N SER B 146 64.81 -11.06 11.53
CA SER B 146 64.21 -12.37 11.69
C SER B 146 63.10 -12.55 10.66
N LEU B 147 62.73 -11.47 9.96
CA LEU B 147 61.68 -11.54 8.97
C LEU B 147 62.12 -12.39 7.80
N ARG B 148 61.19 -13.16 7.27
CA ARG B 148 61.49 -14.07 6.18
C ARG B 148 60.33 -14.11 5.20
N HIS B 149 60.64 -14.16 3.91
CA HIS B 149 59.62 -14.13 2.86
C HIS B 149 58.85 -12.83 2.97
N ARG B 150 59.58 -11.74 3.11
CA ARG B 150 58.98 -10.45 3.29
C ARG B 150 59.91 -9.35 2.88
N ASN B 151 59.43 -8.48 2.03
CA ASN B 151 60.21 -7.35 1.58
C ASN B 151 60.11 -6.24 2.60
N TRP B 152 61.21 -5.95 3.29
CA TRP B 152 61.15 -4.93 4.31
C TRP B 152 62.41 -4.10 4.37
N TYR B 153 62.26 -2.94 4.96
CA TYR B 153 63.35 -2.00 5.16
C TYR B 153 63.01 -0.97 6.18
N ILE B 154 64.00 -0.56 6.95
CA ILE B 154 63.82 0.46 7.95
C ILE B 154 64.51 1.72 7.54
N GLN B 155 63.85 2.84 7.74
CA GLN B 155 64.41 4.11 7.42
C GLN B 155 64.24 5.09 8.55
N ALA B 156 65.35 5.63 9.04
CA ALA B 156 65.28 6.63 10.09
C ALA B 156 64.85 7.95 9.54
N THR B 157 64.08 8.71 10.33
CA THR B 157 63.57 9.98 9.86
C THR B 157 63.18 10.96 10.95
N CYS B 158 62.95 12.19 10.53
CA CYS B 158 62.46 13.22 11.43
C CYS B 158 61.45 14.09 10.74
N ALA B 159 60.18 13.80 10.99
CA ALA B 159 59.08 14.50 10.36
C ALA B 159 59.12 15.98 10.61
N THR B 160 59.59 16.38 11.78
CA THR B 160 59.69 17.80 12.09
C THR B 160 60.50 18.55 11.05
N SER B 161 61.58 17.95 10.57
CA SER B 161 62.43 18.59 9.59
C SER B 161 62.20 18.01 8.20
N GLY B 162 61.51 16.86 8.13
CA GLY B 162 61.26 16.17 6.87
C GLY B 162 62.48 15.36 6.48
N ASP B 163 63.30 15.03 7.47
CA ASP B 163 64.55 14.36 7.18
C ASP B 163 64.32 12.96 6.69
N GLY B 164 64.41 12.80 5.39
CA GLY B 164 64.33 11.50 4.75
C GLY B 164 62.92 11.04 4.45
N LEU B 165 61.94 11.91 4.58
CA LEU B 165 60.60 11.44 4.29
C LEU B 165 60.49 11.11 2.82
N TYR B 166 61.18 11.89 2.02
CA TYR B 166 61.21 11.69 0.59
C TYR B 166 61.93 10.40 0.30
N GLU B 167 62.99 10.16 1.07
CA GLU B 167 63.79 8.95 0.94
C GLU B 167 62.94 7.73 1.14
N GLY B 168 62.04 7.81 2.11
CA GLY B 168 61.13 6.70 2.33
C GLY B 168 60.36 6.41 1.05
N LEU B 169 59.87 7.46 0.43
CA LEU B 169 59.15 7.28 -0.81
C LEU B 169 60.07 6.76 -1.89
N ASP B 170 61.33 7.18 -1.87
CA ASP B 170 62.29 6.73 -2.86
C ASP B 170 62.46 5.24 -2.79
N TRP B 171 62.52 4.70 -1.59
CA TRP B 171 62.65 3.26 -1.47
C TRP B 171 61.39 2.63 -2.05
N LEU B 172 60.25 3.18 -1.71
CA LEU B 172 58.99 2.69 -2.21
C LEU B 172 58.84 2.85 -3.70
N SER B 173 59.53 3.85 -4.26
CA SER B 173 59.46 4.06 -5.70
C SER B 173 60.23 3.00 -6.44
N ASN B 174 60.99 2.18 -5.73
CA ASN B 174 61.69 1.10 -6.35
C ASN B 174 61.13 -0.23 -5.89
N GLN B 175 60.42 -0.23 -4.77
CA GLN B 175 59.89 -1.49 -4.26
C GLN B 175 58.43 -1.68 -4.51
N LEU B 176 57.67 -0.62 -4.45
CA LEU B 176 56.28 -0.73 -4.85
C LEU B 176 56.28 -0.56 -6.33
N ARG B 177 56.95 0.48 -6.80
CA ARG B 177 57.15 0.59 -8.23
C ARG B 177 58.39 -0.17 -8.61
N ASN B 178 58.27 -1.47 -8.52
CA ASN B 178 59.32 -2.41 -8.81
C ASN B 178 59.18 -2.85 -10.25
N GLN B 179 59.86 -3.91 -10.63
CA GLN B 179 59.83 -4.41 -12.00
C GLN B 179 58.43 -4.80 -12.54
N LYS B 180 57.42 -4.90 -11.68
CA LYS B 180 56.07 -5.22 -12.12
C LYS B 180 55.04 -4.82 -11.08
N MET C 1 4.31 3.73 -61.94
CA MET C 1 4.59 2.30 -61.86
C MET C 1 5.69 2.04 -60.85
N ALA C 2 6.94 2.20 -61.27
CA ALA C 2 8.08 1.98 -60.41
C ALA C 2 8.05 2.93 -59.23
N LEU C 3 7.64 4.17 -59.46
CA LEU C 3 7.57 5.14 -58.39
C LEU C 3 6.40 4.87 -57.47
N LYS C 4 5.37 4.19 -57.98
CA LYS C 4 4.25 3.81 -57.15
C LYS C 4 4.72 2.72 -56.19
N MET C 5 5.58 1.84 -56.69
CA MET C 5 6.19 0.79 -55.87
C MET C 5 7.08 1.45 -54.81
N VAL C 6 7.82 2.47 -55.23
CA VAL C 6 8.67 3.23 -54.31
C VAL C 6 7.82 3.90 -53.24
N LYS C 7 6.69 4.49 -53.63
CA LYS C 7 5.78 5.10 -52.67
C LYS C 7 5.34 4.09 -51.62
N GLY C 8 5.02 2.87 -52.07
CA GLY C 8 4.64 1.80 -51.15
C GLY C 8 5.75 1.55 -50.14
N SER C 9 7.00 1.50 -50.62
CA SER C 9 8.17 1.33 -49.75
C SER C 9 8.31 2.49 -48.77
N ILE C 10 8.10 3.71 -49.26
CA ILE C 10 8.17 4.91 -48.43
C ILE C 10 7.13 4.86 -47.33
N ASP C 11 5.90 4.51 -47.71
CA ASP C 11 4.82 4.39 -46.75
C ASP C 11 5.14 3.31 -45.74
N ARG C 12 5.71 2.19 -46.23
CA ARG C 12 6.16 1.08 -45.40
C ARG C 12 7.14 1.54 -44.34
N MET C 13 8.06 2.43 -44.71
CA MET C 13 9.03 2.96 -43.75
C MET C 13 8.40 3.74 -42.59
N PHE C 14 7.18 4.25 -42.79
CA PHE C 14 6.51 4.98 -41.73
C PHE C 14 5.46 4.11 -41.03
N ASP C 15 5.40 2.83 -41.40
CA ASP C 15 4.49 1.90 -40.76
C ASP C 15 5.13 1.37 -39.51
N LYS C 16 4.29 1.09 -38.51
CA LYS C 16 4.78 0.64 -37.22
C LYS C 16 4.94 -0.88 -37.12
N ASN C 17 6.07 -1.29 -36.55
CA ASN C 17 6.29 -2.70 -36.26
C ASN C 17 5.82 -2.98 -34.83
N LEU C 18 6.05 -4.20 -34.36
CA LEU C 18 5.68 -4.56 -32.99
C LEU C 18 6.26 -3.61 -31.98
N GLN C 19 7.55 -3.33 -32.10
CA GLN C 19 8.22 -2.49 -31.14
C GLN C 19 7.69 -1.06 -31.19
N ASP C 20 7.38 -0.59 -32.40
CA ASP C 20 6.83 0.75 -32.58
C ASP C 20 5.48 0.84 -31.93
N LEU C 21 4.69 -0.23 -32.04
CA LEU C 21 3.40 -0.31 -31.39
C LEU C 21 3.58 -0.11 -29.91
N VAL C 22 4.51 -0.87 -29.34
CA VAL C 22 4.78 -0.81 -27.93
C VAL C 22 5.25 0.55 -27.48
N ARG C 23 6.22 1.11 -28.20
CA ARG C 23 6.76 2.41 -27.87
C ARG C 23 5.70 3.48 -27.93
N GLY C 24 4.84 3.40 -28.94
CA GLY C 24 3.75 4.34 -29.08
C GLY C 24 2.78 4.22 -27.92
N ILE C 25 2.46 3.00 -27.53
CA ILE C 25 1.58 2.78 -26.39
C ILE C 25 2.19 3.38 -25.13
N ARG C 26 3.50 3.19 -24.96
CA ARG C 26 4.19 3.75 -23.82
C ARG C 26 4.19 5.28 -23.86
N ASN C 27 4.29 5.84 -25.06
CA ASN C 27 4.26 7.29 -25.23
C ASN C 27 2.84 7.85 -25.27
N HIS C 28 1.85 7.00 -25.50
CA HIS C 28 0.46 7.42 -25.58
C HIS C 28 -0.40 6.60 -24.63
N LYS C 29 0.06 6.40 -23.40
CA LYS C 29 -0.71 5.63 -22.43
C LYS C 29 -2.05 6.28 -22.12
N GLU C 30 -2.04 7.59 -21.96
CA GLU C 30 -3.26 8.34 -21.69
C GLU C 30 -4.28 8.22 -22.82
N ASP C 31 -3.78 8.06 -24.04
CA ASP C 31 -4.61 7.89 -25.22
C ASP C 31 -4.47 6.48 -25.79
N GLU C 32 -4.10 5.52 -24.94
CA GLU C 32 -3.85 4.15 -25.34
C GLU C 32 -4.97 3.53 -26.15
N ALA C 33 -6.20 3.66 -25.68
CA ALA C 33 -7.34 3.10 -26.38
C ALA C 33 -7.48 3.70 -27.78
N LYS C 34 -7.23 5.01 -27.88
CA LYS C 34 -7.34 5.72 -29.14
C LYS C 34 -6.26 5.26 -30.09
N TYR C 35 -5.04 5.21 -29.55
CA TYR C 35 -3.86 4.82 -30.26
C TYR C 35 -3.97 3.43 -30.82
N ILE C 36 -4.32 2.49 -29.94
CA ILE C 36 -4.45 1.11 -30.34
C ILE C 36 -5.57 0.89 -31.31
N SER C 37 -6.75 1.46 -31.07
CA SER C 37 -7.83 1.26 -32.01
C SER C 37 -7.49 1.84 -33.38
N GLN C 38 -6.69 2.91 -33.39
CA GLN C 38 -6.21 3.47 -34.63
C GLN C 38 -5.26 2.52 -35.30
N CYS C 39 -4.37 1.93 -34.51
CA CYS C 39 -3.42 0.99 -35.04
C CYS C 39 -4.11 -0.25 -35.55
N ILE C 40 -5.16 -0.67 -34.87
CA ILE C 40 -5.93 -1.82 -35.30
C ILE C 40 -6.56 -1.56 -36.64
N ASP C 41 -7.15 -0.39 -36.83
CA ASP C 41 -7.73 -0.08 -38.12
C ASP C 41 -6.65 -0.01 -39.19
N GLU C 42 -5.47 0.48 -38.83
CA GLU C 42 -4.36 0.50 -39.76
C GLU C 42 -3.97 -0.93 -40.10
N ILE C 43 -3.99 -1.81 -39.10
CA ILE C 43 -3.76 -3.23 -39.30
C ILE C 43 -4.78 -3.84 -40.22
N LYS C 44 -6.04 -3.49 -40.05
CA LYS C 44 -7.09 -4.00 -40.92
C LYS C 44 -6.73 -3.68 -42.36
N GLN C 45 -6.25 -2.46 -42.58
CA GLN C 45 -5.84 -2.03 -43.90
C GLN C 45 -4.58 -2.78 -44.36
N GLU C 46 -3.62 -2.96 -43.44
CA GLU C 46 -2.39 -3.67 -43.74
C GLU C 46 -2.64 -5.13 -44.10
N LEU C 47 -3.65 -5.72 -43.50
CA LEU C 47 -3.98 -7.10 -43.79
C LEU C 47 -4.74 -7.27 -45.09
N LYS C 48 -5.10 -6.16 -45.73
CA LYS C 48 -5.73 -6.21 -47.04
C LYS C 48 -4.69 -6.02 -48.12
N GLN C 49 -3.41 -5.95 -47.72
CA GLN C 49 -2.32 -5.81 -48.65
C GLN C 49 -1.86 -7.17 -49.14
N ASP C 50 -0.96 -7.18 -50.10
CA ASP C 50 -0.41 -8.42 -50.62
C ASP C 50 1.00 -8.70 -50.14
N ASN C 51 1.51 -7.86 -49.24
CA ASN C 51 2.86 -8.05 -48.71
C ASN C 51 2.84 -8.85 -47.43
N ILE C 52 3.16 -10.14 -47.54
CA ILE C 52 3.10 -11.05 -46.40
C ILE C 52 4.04 -10.69 -45.27
N ALA C 53 5.16 -10.03 -45.56
CA ALA C 53 6.07 -9.65 -44.50
C ALA C 53 5.40 -8.59 -43.64
N VAL C 54 4.74 -7.65 -44.30
CA VAL C 54 3.99 -6.60 -43.62
C VAL C 54 2.83 -7.17 -42.86
N LYS C 55 2.12 -8.10 -43.49
CA LYS C 55 0.99 -8.71 -42.84
C LYS C 55 1.44 -9.54 -41.66
N ALA C 56 2.58 -10.22 -41.75
CA ALA C 56 3.11 -10.96 -40.62
C ALA C 56 3.44 -9.99 -39.50
N ASN C 57 4.00 -8.82 -39.87
CA ASN C 57 4.26 -7.75 -38.91
C ASN C 57 2.98 -7.29 -38.24
N ALA C 58 1.93 -7.15 -39.03
CA ALA C 58 0.65 -6.76 -38.51
C ALA C 58 0.16 -7.79 -37.51
N VAL C 59 0.37 -9.08 -37.82
CA VAL C 59 0.02 -10.16 -36.91
C VAL C 59 0.85 -10.10 -35.65
N CYS C 60 2.12 -9.74 -35.76
CA CYS C 60 2.97 -9.59 -34.58
C CYS C 60 2.38 -8.54 -33.66
N LYS C 61 1.94 -7.42 -34.25
CA LYS C 61 1.31 -6.36 -33.48
C LYS C 61 0.03 -6.85 -32.85
N LEU C 62 -0.75 -7.62 -33.60
CA LEU C 62 -1.98 -8.17 -33.08
C LEU C 62 -1.70 -9.14 -31.95
N THR C 63 -0.62 -9.90 -32.06
CA THR C 63 -0.22 -10.87 -31.05
C THR C 63 0.08 -10.12 -29.76
N TYR C 64 0.77 -9.00 -29.88
CA TYR C 64 1.03 -8.15 -28.74
C TYR C 64 -0.30 -7.72 -28.13
N LEU C 65 -1.20 -7.26 -28.98
CA LEU C 65 -2.50 -6.82 -28.52
C LEU C 65 -3.31 -7.98 -27.93
N GLN C 66 -3.06 -9.21 -28.39
CA GLN C 66 -3.66 -10.39 -27.77
C GLN C 66 -3.23 -10.46 -26.31
N MET C 67 -1.95 -10.19 -26.05
CA MET C 67 -1.46 -10.15 -24.66
C MET C 67 -2.19 -9.07 -23.88
N LEU C 68 -2.48 -7.95 -24.54
CA LEU C 68 -3.20 -6.85 -23.91
C LEU C 68 -4.71 -7.06 -23.80
N GLY C 69 -5.23 -8.18 -24.29
CA GLY C 69 -6.65 -8.46 -24.15
C GLY C 69 -7.54 -7.95 -25.28
N TYR C 70 -6.96 -7.73 -26.45
CA TYR C 70 -7.78 -7.27 -27.57
C TYR C 70 -8.25 -8.41 -28.44
N ASP C 71 -9.47 -8.26 -28.93
CA ASP C 71 -10.09 -9.26 -29.79
C ASP C 71 -9.58 -9.10 -31.20
N ILE C 72 -8.73 -10.04 -31.60
CA ILE C 72 -8.15 -10.03 -32.92
C ILE C 72 -8.64 -11.21 -33.73
N SER C 73 -9.75 -11.83 -33.29
CA SER C 73 -10.26 -13.03 -33.96
C SER C 73 -10.71 -12.75 -35.38
N TRP C 74 -11.09 -11.53 -35.67
CA TRP C 74 -11.43 -11.12 -37.02
C TRP C 74 -10.26 -11.25 -38.00
N ALA C 75 -9.04 -11.31 -37.48
CA ALA C 75 -7.85 -11.45 -38.31
C ALA C 75 -7.41 -12.90 -38.43
N ALA C 76 -8.14 -13.84 -37.82
CA ALA C 76 -7.72 -15.24 -37.80
C ALA C 76 -7.44 -15.77 -39.18
N PHE C 77 -8.30 -15.48 -40.15
CA PHE C 77 -8.03 -15.94 -41.54
C PHE C 77 -6.69 -15.36 -42.00
N ASN C 78 -6.47 -14.06 -41.76
CA ASN C 78 -5.26 -13.44 -42.20
C ASN C 78 -4.05 -14.05 -41.51
N ILE C 79 -4.24 -14.46 -40.25
CA ILE C 79 -3.21 -15.16 -39.51
C ILE C 79 -2.90 -16.48 -40.19
N ILE C 80 -3.94 -17.16 -40.68
CA ILE C 80 -3.75 -18.40 -41.39
C ILE C 80 -2.88 -18.16 -42.61
N GLU C 81 -3.14 -17.09 -43.33
CA GLU C 81 -2.31 -16.74 -44.47
C GLU C 81 -0.86 -16.63 -44.07
N VAL C 82 -0.60 -15.97 -42.95
CA VAL C 82 0.75 -15.87 -42.44
C VAL C 82 1.32 -17.26 -42.19
N MET C 83 0.53 -18.17 -41.62
CA MET C 83 0.99 -19.55 -41.42
C MET C 83 1.21 -20.28 -42.74
N SER C 84 0.52 -19.86 -43.80
CA SER C 84 0.70 -20.50 -45.10
C SER C 84 1.85 -19.90 -45.90
N ALA C 85 2.57 -18.93 -45.32
CA ALA C 85 3.68 -18.26 -46.00
C ALA C 85 4.79 -19.24 -46.35
N SER C 86 5.47 -18.99 -47.46
CA SER C 86 6.57 -19.83 -47.90
C SER C 86 7.78 -19.80 -46.97
N LYS C 87 7.90 -18.74 -46.17
CA LYS C 87 9.01 -18.64 -45.24
C LYS C 87 8.55 -18.91 -43.83
N PHE C 88 9.28 -19.78 -43.15
CA PHE C 88 8.95 -20.17 -41.77
C PHE C 88 9.12 -18.99 -40.83
N THR C 89 9.90 -17.99 -41.26
CA THR C 89 10.12 -16.79 -40.50
C THR C 89 8.83 -16.03 -40.29
N PHE C 90 7.84 -16.31 -41.13
CA PHE C 90 6.55 -15.68 -40.97
C PHE C 90 5.56 -16.73 -40.52
N LYS C 91 5.74 -17.99 -40.93
CA LYS C 91 4.80 -19.04 -40.54
C LYS C 91 4.75 -19.15 -39.03
N ARG C 92 5.94 -19.09 -38.43
CA ARG C 92 6.12 -19.16 -36.99
C ARG C 92 5.33 -18.09 -36.29
N ILE C 93 5.34 -16.87 -36.84
CA ILE C 93 4.60 -15.76 -36.28
C ILE C 93 3.14 -16.10 -36.25
N GLY C 94 2.65 -16.64 -37.36
CA GLY C 94 1.27 -17.04 -37.47
C GLY C 94 0.95 -18.11 -36.45
N TYR C 95 1.84 -19.09 -36.31
CA TYR C 95 1.61 -20.17 -35.35
C TYR C 95 1.61 -19.66 -33.93
N LEU C 96 2.45 -18.67 -33.65
CA LEU C 96 2.47 -18.07 -32.33
C LEU C 96 1.15 -17.41 -32.03
N ALA C 97 0.69 -16.58 -32.97
CA ALA C 97 -0.59 -15.91 -32.79
C ALA C 97 -1.71 -16.91 -32.64
N ALA C 98 -1.72 -17.91 -33.50
CA ALA C 98 -2.75 -18.94 -33.51
C ALA C 98 -2.83 -19.69 -32.21
N SER C 99 -1.68 -19.92 -31.58
CA SER C 99 -1.66 -20.67 -30.33
C SER C 99 -2.42 -19.94 -29.23
N GLN C 100 -2.54 -18.62 -29.33
CA GLN C 100 -3.24 -17.85 -28.31
C GLN C 100 -4.53 -17.24 -28.84
N SER C 101 -4.70 -17.19 -30.16
CA SER C 101 -5.87 -16.53 -30.74
C SER C 101 -6.93 -17.46 -31.30
N PHE C 102 -6.54 -18.61 -31.84
CA PHE C 102 -7.50 -19.49 -32.49
C PHE C 102 -8.30 -20.31 -31.49
N HIS C 103 -9.56 -20.56 -31.84
CA HIS C 103 -10.46 -21.35 -31.01
C HIS C 103 -11.18 -22.39 -31.83
N GLU C 104 -11.53 -23.50 -31.18
CA GLU C 104 -12.20 -24.62 -31.83
C GLU C 104 -13.59 -24.27 -32.35
N GLY C 105 -14.16 -23.17 -31.87
CA GLY C 105 -15.45 -22.70 -32.32
C GLY C 105 -15.37 -21.81 -33.55
N THR C 106 -14.16 -21.58 -34.08
CA THR C 106 -14.02 -20.76 -35.27
C THR C 106 -13.74 -21.65 -36.49
N ASP C 107 -13.87 -21.08 -37.68
CA ASP C 107 -13.76 -21.87 -38.92
C ASP C 107 -12.35 -22.19 -39.38
N VAL C 108 -11.37 -21.77 -38.60
CA VAL C 108 -9.97 -22.02 -38.88
C VAL C 108 -9.68 -23.51 -38.76
N ILE C 109 -10.56 -24.22 -38.05
CA ILE C 109 -10.44 -25.63 -37.82
C ILE C 109 -10.53 -26.42 -39.12
N MET C 110 -11.14 -25.84 -40.13
CA MET C 110 -11.21 -26.49 -41.41
C MET C 110 -10.17 -25.89 -42.32
N LEU C 111 -10.06 -24.56 -42.27
CA LEU C 111 -9.19 -23.80 -43.15
C LEU C 111 -7.72 -24.19 -43.07
N THR C 112 -7.25 -24.50 -41.88
CA THR C 112 -5.84 -24.80 -41.69
C THR C 112 -5.41 -26.24 -41.98
N THR C 113 -6.37 -27.15 -42.18
CA THR C 113 -6.03 -28.57 -42.28
C THR C 113 -4.88 -28.93 -43.21
N ASN C 114 -4.90 -28.46 -44.45
CA ASN C 114 -3.84 -28.84 -45.38
C ASN C 114 -2.50 -28.24 -45.03
N GLN C 115 -2.50 -26.96 -44.65
CA GLN C 115 -1.27 -26.29 -44.34
C GLN C 115 -0.58 -26.90 -43.15
N ILE C 116 -1.38 -27.32 -42.18
CA ILE C 116 -0.83 -27.96 -41.02
C ILE C 116 -0.17 -29.23 -41.43
N ARG C 117 -0.87 -30.06 -42.18
CA ARG C 117 -0.30 -31.32 -42.58
C ARG C 117 0.91 -31.13 -43.46
N LYS C 118 0.91 -30.08 -44.25
CA LYS C 118 2.03 -29.80 -45.12
C LYS C 118 3.26 -29.51 -44.28
N ASP C 119 3.10 -28.67 -43.26
CA ASP C 119 4.18 -28.36 -42.35
C ASP C 119 4.61 -29.57 -41.53
N LEU C 120 3.66 -30.44 -41.21
CA LEU C 120 4.03 -31.64 -40.48
C LEU C 120 4.79 -32.59 -41.39
N SER C 121 4.44 -32.61 -42.67
CA SER C 121 5.13 -33.46 -43.63
C SER C 121 6.45 -32.86 -44.10
N SER C 122 6.63 -31.57 -43.87
CA SER C 122 7.86 -30.92 -44.27
C SER C 122 9.06 -31.57 -43.59
N PRO C 123 10.16 -31.76 -44.32
CA PRO C 123 11.44 -32.32 -43.89
C PRO C 123 12.12 -31.41 -42.89
N SER C 124 11.71 -30.14 -42.85
CA SER C 124 12.28 -29.23 -41.88
C SER C 124 11.72 -29.51 -40.52
N GLN C 125 12.58 -29.99 -39.63
CA GLN C 125 12.13 -30.29 -38.27
C GLN C 125 11.76 -29.04 -37.54
N TYR C 126 12.25 -27.89 -37.97
CA TYR C 126 11.89 -26.71 -37.28
C TYR C 126 10.56 -26.20 -37.76
N ASP C 127 10.25 -26.40 -39.04
CA ASP C 127 8.91 -26.00 -39.48
C ASP C 127 7.87 -26.88 -38.82
N THR C 128 8.14 -28.18 -38.78
CA THR C 128 7.24 -29.13 -38.17
C THR C 128 7.08 -28.87 -36.70
N GLY C 129 8.19 -28.64 -36.01
CA GLY C 129 8.17 -28.37 -34.59
C GLY C 129 7.32 -27.14 -34.28
N VAL C 130 7.49 -26.09 -35.07
CA VAL C 130 6.69 -24.89 -34.88
C VAL C 130 5.23 -25.19 -35.04
N ALA C 131 4.88 -25.95 -36.07
CA ALA C 131 3.50 -26.32 -36.30
C ALA C 131 2.95 -27.11 -35.12
N LEU C 132 3.75 -28.04 -34.59
CA LEU C 132 3.32 -28.86 -33.47
C LEU C 132 3.04 -28.05 -32.24
N THR C 133 3.88 -27.05 -31.98
CA THR C 133 3.67 -26.25 -30.81
C THR C 133 2.50 -25.30 -31.01
N GLY C 134 2.25 -24.88 -32.25
CA GLY C 134 1.03 -24.14 -32.53
C GLY C 134 -0.19 -24.97 -32.18
N LEU C 135 -0.15 -26.23 -32.61
CA LEU C 135 -1.20 -27.19 -32.35
C LEU C 135 -1.35 -27.53 -30.88
N SER C 136 -0.25 -27.47 -30.13
CA SER C 136 -0.33 -27.81 -28.72
C SER C 136 -1.24 -26.87 -27.96
N CYS C 137 -1.49 -25.67 -28.47
CA CYS C 137 -2.39 -24.78 -27.78
C CYS C 137 -3.65 -24.64 -28.60
N PHE C 138 -3.51 -24.77 -29.93
CA PHE C 138 -4.70 -24.72 -30.80
C PHE C 138 -4.87 -26.03 -31.60
N VAL C 139 -5.72 -26.93 -31.11
CA VAL C 139 -6.07 -28.13 -31.84
C VAL C 139 -7.44 -28.62 -31.38
N THR C 140 -8.23 -29.16 -32.30
CA THR C 140 -9.58 -29.63 -31.98
C THR C 140 -9.60 -31.14 -32.11
N PRO C 141 -10.66 -31.82 -31.66
CA PRO C 141 -10.96 -33.24 -31.81
C PRO C 141 -11.00 -33.66 -33.28
N ASP C 142 -11.27 -32.71 -34.17
CA ASP C 142 -11.32 -33.04 -35.57
C ASP C 142 -9.94 -32.99 -36.13
N LEU C 143 -9.18 -32.01 -35.66
CA LEU C 143 -7.81 -31.92 -36.06
C LEU C 143 -7.07 -33.08 -35.45
N ALA C 144 -7.44 -33.46 -34.24
CA ALA C 144 -6.82 -34.58 -33.57
C ALA C 144 -7.06 -35.85 -34.35
N ARG C 145 -8.30 -36.06 -34.77
CA ARG C 145 -8.64 -37.24 -35.55
C ARG C 145 -7.80 -37.40 -36.80
N ASP C 146 -7.63 -36.33 -37.54
CA ASP C 146 -6.96 -36.46 -38.82
C ASP C 146 -5.46 -36.16 -38.79
N LEU C 147 -5.01 -35.27 -37.91
CA LEU C 147 -3.60 -34.93 -37.87
C LEU C 147 -2.79 -36.03 -37.20
N ALA C 148 -3.41 -36.75 -36.26
CA ALA C 148 -2.74 -37.82 -35.54
C ALA C 148 -2.24 -38.90 -36.47
N ASN C 149 -2.91 -39.07 -37.59
CA ASN C 149 -2.52 -40.05 -38.56
C ASN C 149 -1.10 -39.77 -39.07
N ASP C 150 -0.71 -38.50 -39.06
CA ASP C 150 0.60 -38.10 -39.48
C ASP C 150 1.53 -37.96 -38.27
N ILE C 151 0.98 -37.48 -37.16
CA ILE C 151 1.77 -37.26 -35.97
C ILE C 151 2.31 -38.54 -35.39
N MET C 152 1.51 -39.61 -35.41
CA MET C 152 2.02 -40.88 -34.92
C MET C 152 3.25 -41.29 -35.71
N THR C 153 3.26 -40.99 -37.00
CA THR C 153 4.44 -41.23 -37.81
C THR C 153 5.56 -40.32 -37.34
N LEU C 154 5.24 -39.07 -37.01
CA LEU C 154 6.23 -38.11 -36.52
C LEU C 154 6.87 -38.58 -35.23
N MET C 155 6.18 -39.41 -34.45
CA MET C 155 6.80 -39.92 -33.24
C MET C 155 7.92 -40.93 -33.55
N SER C 156 8.10 -41.30 -34.82
CA SER C 156 9.19 -42.17 -35.24
C SER C 156 10.20 -41.38 -36.08
N HIS C 157 10.09 -40.05 -36.04
CA HIS C 157 10.96 -39.17 -36.79
C HIS C 157 12.40 -39.32 -36.38
N THR C 158 13.29 -39.21 -37.35
CA THR C 158 14.73 -39.33 -37.13
C THR C 158 15.22 -38.49 -35.96
N LYS C 159 14.77 -37.26 -35.88
CA LYS C 159 15.21 -36.39 -34.82
C LYS C 159 14.33 -36.51 -33.58
N PRO C 160 14.94 -36.63 -32.40
CA PRO C 160 14.33 -36.73 -31.09
C PRO C 160 13.67 -35.44 -30.72
N TYR C 161 14.16 -34.36 -31.32
CA TYR C 161 13.60 -33.04 -31.16
C TYR C 161 12.13 -33.09 -31.49
N ILE C 162 11.82 -33.72 -32.61
CA ILE C 162 10.46 -33.85 -33.06
C ILE C 162 9.75 -34.97 -32.41
N ARG C 163 10.44 -36.10 -32.22
CA ARG C 163 9.76 -37.21 -31.60
C ARG C 163 9.21 -36.76 -30.27
N LYS C 164 10.03 -36.04 -29.51
CA LYS C 164 9.66 -35.48 -28.22
C LYS C 164 8.42 -34.60 -28.33
N LYS C 165 8.45 -33.61 -29.20
CA LYS C 165 7.30 -32.73 -29.35
C LYS C 165 6.06 -33.49 -29.78
N ALA C 166 6.25 -34.44 -30.70
CA ALA C 166 5.16 -35.24 -31.21
C ALA C 166 4.52 -36.04 -30.09
N VAL C 167 5.33 -36.56 -29.20
CA VAL C 167 4.77 -37.30 -28.09
C VAL C 167 3.86 -36.44 -27.23
N LEU C 168 4.30 -35.23 -26.89
CA LEU C 168 3.48 -34.41 -26.03
C LEU C 168 2.17 -34.00 -26.68
N ILE C 169 2.21 -33.69 -27.98
CA ILE C 169 0.95 -33.34 -28.61
C ILE C 169 0.00 -34.51 -28.69
N MET C 170 0.54 -35.75 -28.77
CA MET C 170 -0.34 -36.90 -28.80
C MET C 170 -1.14 -37.02 -27.53
N TYR C 171 -0.59 -36.55 -26.42
CA TYR C 171 -1.38 -36.50 -25.20
C TYR C 171 -2.66 -35.73 -25.42
N LYS C 172 -2.53 -34.54 -25.99
CA LYS C 172 -3.70 -33.73 -26.26
C LYS C 172 -4.62 -34.38 -27.26
N VAL C 173 -4.04 -35.11 -28.20
CA VAL C 173 -4.83 -35.88 -29.14
C VAL C 173 -5.68 -36.88 -28.39
N PHE C 174 -5.09 -37.53 -27.40
CA PHE C 174 -5.81 -38.50 -26.61
C PHE C 174 -6.94 -37.84 -25.85
N LEU C 175 -6.68 -36.63 -25.36
CA LEU C 175 -7.68 -35.87 -24.62
C LEU C 175 -8.87 -35.52 -25.48
N LYS C 176 -8.61 -35.22 -26.74
CA LYS C 176 -9.67 -34.82 -27.63
C LYS C 176 -10.17 -35.97 -28.49
N TYR C 177 -9.31 -36.95 -28.71
CA TYR C 177 -9.65 -38.07 -29.55
C TYR C 177 -9.04 -39.38 -29.03
N PRO C 178 -9.59 -39.93 -27.95
CA PRO C 178 -9.19 -41.15 -27.25
C PRO C 178 -9.32 -42.37 -28.15
N GLU C 179 -10.09 -42.26 -29.22
CA GLU C 179 -10.18 -43.32 -30.19
C GLU C 179 -8.81 -43.61 -30.80
N SER C 180 -7.94 -42.59 -30.85
CA SER C 180 -6.58 -42.77 -31.33
C SER C 180 -5.71 -43.26 -30.21
N LEU C 181 -6.07 -42.88 -28.99
CA LEU C 181 -5.34 -43.39 -27.84
C LEU C 181 -5.29 -44.87 -27.80
N ARG C 182 -6.41 -45.53 -28.06
CA ARG C 182 -6.40 -46.99 -28.02
C ARG C 182 -5.21 -47.62 -28.80
N PRO C 183 -5.10 -47.49 -30.14
CA PRO C 183 -4.00 -48.03 -30.94
C PRO C 183 -2.67 -47.35 -30.62
N ALA C 184 -2.73 -46.11 -30.13
CA ALA C 184 -1.51 -45.39 -29.80
C ALA C 184 -1.02 -45.69 -28.40
N PHE C 185 -1.81 -46.39 -27.59
CA PHE C 185 -1.41 -46.71 -26.25
C PHE C 185 -0.15 -47.56 -26.20
N PRO C 186 -0.09 -48.73 -26.87
CA PRO C 186 1.08 -49.58 -26.95
C PRO C 186 2.20 -48.88 -27.67
N ARG C 187 1.85 -47.94 -28.54
CA ARG C 187 2.86 -47.21 -29.24
C ARG C 187 3.58 -46.33 -28.25
N LEU C 188 2.82 -45.71 -27.36
CA LEU C 188 3.40 -44.90 -26.30
C LEU C 188 4.30 -45.74 -25.44
N LYS C 189 3.85 -46.96 -25.12
CA LYS C 189 4.66 -47.85 -24.32
C LYS C 189 6.00 -48.11 -25.01
N GLU C 190 5.97 -48.18 -26.33
CA GLU C 190 7.18 -48.32 -27.12
C GLU C 190 7.98 -47.02 -27.10
N LYS C 191 7.31 -45.87 -27.05
CA LYS C 191 8.00 -44.58 -27.03
C LYS C 191 8.69 -44.38 -25.69
N LEU C 192 8.20 -45.04 -24.65
CA LEU C 192 8.85 -45.04 -23.34
C LEU C 192 10.20 -45.74 -23.38
N GLU C 193 10.47 -46.47 -24.46
CA GLU C 193 11.70 -47.19 -24.62
C GLU C 193 12.67 -46.43 -25.52
N ASP C 194 12.34 -45.18 -25.88
CA ASP C 194 13.19 -44.38 -26.76
C ASP C 194 14.55 -44.12 -26.12
N PRO C 195 15.65 -44.52 -26.79
CA PRO C 195 17.04 -44.36 -26.41
C PRO C 195 17.39 -42.94 -25.97
N ASP C 196 16.76 -41.94 -26.58
CA ASP C 196 17.00 -40.56 -26.20
C ASP C 196 16.07 -40.20 -25.05
N PRO C 197 16.61 -39.95 -23.85
CA PRO C 197 15.92 -39.71 -22.60
C PRO C 197 15.05 -38.49 -22.65
N GLY C 198 15.33 -37.56 -23.54
CA GLY C 198 14.51 -36.36 -23.65
C GLY C 198 13.13 -36.73 -24.20
N VAL C 199 13.11 -37.61 -25.17
CA VAL C 199 11.86 -38.03 -25.79
C VAL C 199 11.15 -38.91 -24.82
N GLN C 200 11.93 -39.83 -24.27
CA GLN C 200 11.47 -40.78 -23.31
C GLN C 200 10.79 -40.07 -22.16
N SER C 201 11.40 -38.99 -21.67
CA SER C 201 10.85 -38.19 -20.60
C SER C 201 9.49 -37.66 -20.96
N ALA C 202 9.35 -37.16 -22.18
CA ALA C 202 8.06 -36.67 -22.63
C ALA C 202 7.05 -37.79 -22.62
N ALA C 203 7.46 -38.97 -23.07
CA ALA C 203 6.57 -40.12 -23.10
C ALA C 203 6.12 -40.44 -21.70
N VAL C 204 7.02 -40.29 -20.74
CA VAL C 204 6.67 -40.53 -19.36
C VAL C 204 5.62 -39.53 -18.91
N ASN C 205 5.80 -38.27 -19.25
CA ASN C 205 4.85 -37.25 -18.86
C ASN C 205 3.46 -37.58 -19.37
N VAL C 206 3.40 -38.10 -20.59
CA VAL C 206 2.13 -38.41 -21.18
C VAL C 206 1.47 -39.58 -20.51
N ILE C 207 2.20 -40.68 -20.39
CA ILE C 207 1.61 -41.86 -19.79
C ILE C 207 1.24 -41.65 -18.35
N CYS C 208 1.97 -40.78 -17.64
CA CYS C 208 1.62 -40.51 -16.27
C CYS C 208 0.31 -39.76 -16.21
N GLU C 209 0.13 -38.83 -17.14
CA GLU C 209 -1.13 -38.13 -17.23
C GLU C 209 -2.27 -39.04 -17.58
N LEU C 210 -2.03 -39.98 -18.48
CA LEU C 210 -3.06 -40.91 -18.87
C LEU C 210 -3.47 -41.79 -17.71
N ALA C 211 -2.48 -42.24 -16.93
CA ALA C 211 -2.74 -43.06 -15.76
C ALA C 211 -3.49 -42.27 -14.70
N ARG C 212 -3.12 -41.00 -14.52
CA ARG C 212 -3.79 -40.14 -13.57
C ARG C 212 -5.26 -39.99 -13.89
N ARG C 213 -5.54 -39.73 -15.15
CA ARG C 213 -6.91 -39.57 -15.57
C ARG C 213 -7.66 -40.89 -15.57
N ASN C 214 -6.99 -41.96 -15.98
CA ASN C 214 -7.62 -43.26 -16.04
C ASN C 214 -6.71 -44.38 -15.59
N PRO C 215 -6.70 -44.66 -14.28
CA PRO C 215 -5.94 -45.67 -13.57
C PRO C 215 -6.15 -47.08 -14.10
N LYS C 216 -7.21 -47.33 -14.85
CA LYS C 216 -7.41 -48.66 -15.37
C LYS C 216 -6.25 -49.08 -16.30
N ASN C 217 -5.52 -48.12 -16.86
CA ASN C 217 -4.42 -48.43 -17.74
C ASN C 217 -3.05 -48.45 -17.05
N TYR C 218 -2.98 -48.38 -15.71
CA TYR C 218 -1.64 -48.36 -15.11
C TYR C 218 -1.26 -49.71 -14.56
N LEU C 219 -2.27 -50.55 -14.26
CA LEU C 219 -2.02 -51.80 -13.55
C LEU C 219 -0.96 -52.67 -14.18
N SER C 220 -1.12 -53.01 -15.43
CA SER C 220 -0.14 -53.84 -16.11
C SER C 220 1.15 -53.08 -16.38
N LEU C 221 1.08 -51.75 -16.31
CA LEU C 221 2.22 -50.91 -16.50
C LEU C 221 2.96 -50.62 -15.22
N ALA C 222 2.44 -51.09 -14.08
CA ALA C 222 3.08 -50.79 -12.81
C ALA C 222 4.56 -51.23 -12.80
N PRO C 223 4.93 -52.45 -13.28
CA PRO C 223 6.29 -52.95 -13.43
C PRO C 223 7.12 -52.02 -14.28
N LEU C 224 6.47 -51.41 -15.26
CA LEU C 224 7.15 -50.53 -16.19
C LEU C 224 7.41 -49.19 -15.55
N PHE C 225 6.47 -48.71 -14.74
CA PHE C 225 6.67 -47.45 -14.06
C PHE C 225 7.81 -47.60 -13.10
N PHE C 226 7.89 -48.78 -12.49
CA PHE C 226 8.98 -49.15 -11.64
C PHE C 226 10.30 -49.08 -12.37
N LYS C 227 10.35 -49.71 -13.54
CA LYS C 227 11.55 -49.69 -14.35
C LYS C 227 11.92 -48.28 -14.78
N LEU C 228 10.91 -47.47 -15.10
CA LEU C 228 11.16 -46.10 -15.51
C LEU C 228 11.80 -45.32 -14.40
N MET C 229 11.29 -45.48 -13.18
CA MET C 229 11.88 -44.80 -12.05
C MET C 229 13.28 -45.30 -11.81
N THR C 230 13.42 -46.62 -11.83
CA THR C 230 14.68 -47.28 -11.58
C THR C 230 15.77 -46.82 -12.53
N SER C 231 15.43 -46.72 -13.81
CA SER C 231 16.39 -46.34 -14.81
C SER C 231 16.55 -44.83 -14.99
N SER C 232 15.52 -44.05 -14.67
CA SER C 232 15.62 -42.62 -14.86
C SER C 232 16.58 -41.96 -13.92
N THR C 233 17.31 -40.98 -14.45
CA THR C 233 18.21 -40.18 -13.68
C THR C 233 17.75 -38.72 -13.74
N ASN C 234 16.60 -38.49 -14.38
CA ASN C 234 16.04 -37.15 -14.49
C ASN C 234 15.11 -36.89 -13.34
N ASN C 235 15.51 -35.99 -12.45
CA ASN C 235 14.75 -35.71 -11.25
C ASN C 235 13.32 -35.30 -11.53
N TRP C 236 13.11 -34.48 -12.56
CA TRP C 236 11.75 -34.08 -12.89
C TRP C 236 10.92 -35.29 -13.24
N VAL C 237 11.52 -36.19 -14.01
CA VAL C 237 10.85 -37.42 -14.39
C VAL C 237 10.58 -38.29 -13.19
N LEU C 238 11.56 -38.36 -12.30
CA LEU C 238 11.39 -39.16 -11.11
C LEU C 238 10.23 -38.63 -10.31
N ILE C 239 10.11 -37.31 -10.23
CA ILE C 239 9.00 -36.71 -9.54
C ILE C 239 7.69 -37.14 -10.11
N LYS C 240 7.60 -37.15 -11.42
CA LYS C 240 6.37 -37.54 -12.07
C LYS C 240 5.99 -38.97 -11.76
N ILE C 241 6.95 -39.86 -11.83
CA ILE C 241 6.69 -41.26 -11.61
C ILE C 241 6.36 -41.52 -10.16
N ILE C 242 7.13 -40.89 -9.28
CA ILE C 242 6.94 -41.01 -7.86
C ILE C 242 5.61 -40.45 -7.42
N LYS C 243 5.23 -39.28 -7.92
CA LYS C 243 3.91 -38.76 -7.57
C LYS C 243 2.85 -39.67 -8.08
N LEU C 244 3.07 -40.24 -9.26
CA LEU C 244 2.13 -41.19 -9.79
C LEU C 244 2.03 -42.33 -8.81
N PHE C 245 3.17 -42.81 -8.32
CA PHE C 245 3.17 -43.89 -7.35
C PHE C 245 2.37 -43.53 -6.11
N GLY C 246 2.46 -42.28 -5.68
CA GLY C 246 1.63 -41.82 -4.57
C GLY C 246 0.16 -41.96 -4.93
N ALA C 247 -0.17 -41.70 -6.19
CA ALA C 247 -1.53 -41.84 -6.68
C ALA C 247 -1.90 -43.28 -7.05
N LEU C 248 -0.93 -44.20 -7.08
CA LEU C 248 -1.25 -45.58 -7.45
C LEU C 248 -1.39 -46.48 -6.23
N THR C 249 -0.59 -46.20 -5.19
CA THR C 249 -0.57 -46.99 -3.96
C THR C 249 -1.96 -47.17 -3.31
N PRO C 250 -2.83 -46.13 -3.23
CA PRO C 250 -4.21 -46.20 -2.73
C PRO C 250 -5.04 -47.23 -3.47
N LEU C 251 -4.66 -47.52 -4.71
CA LEU C 251 -5.36 -48.46 -5.55
C LEU C 251 -4.72 -49.83 -5.46
N GLU C 252 -3.39 -49.84 -5.29
CA GLU C 252 -2.66 -51.08 -5.16
C GLU C 252 -1.53 -50.98 -4.13
N PRO C 253 -1.85 -51.16 -2.85
CA PRO C 253 -0.97 -51.12 -1.69
C PRO C 253 0.25 -52.01 -1.82
N ARG C 254 0.12 -53.13 -2.54
CA ARG C 254 1.23 -54.05 -2.68
C ARG C 254 2.30 -53.49 -3.61
N LEU C 255 1.91 -52.52 -4.44
CA LEU C 255 2.85 -51.84 -5.28
C LEU C 255 3.73 -51.04 -4.36
N GLY C 256 3.07 -50.27 -3.49
CA GLY C 256 3.77 -49.47 -2.50
C GLY C 256 4.65 -50.35 -1.61
N LYS C 257 4.12 -51.52 -1.26
CA LYS C 257 4.84 -52.50 -0.44
C LYS C 257 6.19 -52.83 -1.05
N LYS C 258 6.25 -52.94 -2.35
CA LYS C 258 7.53 -53.22 -2.97
C LYS C 258 8.33 -51.96 -3.25
N LEU C 259 7.65 -50.88 -3.61
CA LEU C 259 8.29 -49.61 -3.92
C LEU C 259 9.01 -48.99 -2.77
N ILE C 260 8.51 -49.20 -1.57
CA ILE C 260 9.09 -48.58 -0.41
C ILE C 260 10.58 -48.88 -0.25
N GLU C 261 11.05 -50.02 -0.75
CA GLU C 261 12.47 -50.34 -0.63
C GLU C 261 13.34 -49.44 -1.50
N PRO C 262 13.20 -49.43 -2.83
CA PRO C 262 13.93 -48.59 -3.73
C PRO C 262 13.63 -47.13 -3.46
N LEU C 263 12.46 -46.83 -2.92
CA LEU C 263 12.18 -45.46 -2.57
C LEU C 263 13.03 -45.06 -1.38
N THR C 264 13.19 -45.98 -0.43
CA THR C 264 14.07 -45.73 0.69
C THR C 264 15.49 -45.52 0.20
N ASN C 265 15.91 -46.38 -0.70
CA ASN C 265 17.23 -46.31 -1.25
C ASN C 265 17.42 -45.02 -2.02
N LEU C 266 16.37 -44.61 -2.72
CA LEU C 266 16.34 -43.38 -3.44
C LEU C 266 16.55 -42.23 -2.52
N ILE C 267 15.81 -42.21 -1.42
CA ILE C 267 15.93 -41.19 -0.42
C ILE C 267 17.35 -41.09 0.09
N HIS C 268 17.99 -42.22 0.31
CA HIS C 268 19.36 -42.19 0.75
C HIS C 268 20.26 -41.58 -0.31
N SER C 269 20.00 -41.88 -1.58
CA SER C 269 20.81 -41.34 -2.65
C SER C 269 20.42 -39.92 -3.06
N THR C 270 19.23 -39.49 -2.70
CA THR C 270 18.76 -38.18 -3.08
C THR C 270 19.60 -37.05 -2.53
N SER C 271 20.04 -36.19 -3.44
CA SER C 271 20.84 -35.01 -3.08
C SER C 271 20.01 -33.74 -3.19
N ALA C 272 19.01 -33.75 -4.06
CA ALA C 272 18.15 -32.59 -4.25
C ALA C 272 17.11 -32.54 -3.17
N MET C 273 17.05 -31.44 -2.46
CA MET C 273 16.09 -31.29 -1.38
C MET C 273 14.69 -31.21 -1.92
N SER C 274 14.54 -30.63 -3.11
CA SER C 274 13.24 -30.55 -3.71
C SER C 274 12.71 -31.94 -4.04
N LEU C 275 13.62 -32.82 -4.43
CA LEU C 275 13.27 -34.19 -4.69
C LEU C 275 13.02 -34.90 -3.38
N LEU C 276 13.90 -34.66 -2.42
CA LEU C 276 13.82 -35.29 -1.13
C LEU C 276 12.45 -35.13 -0.54
N TYR C 277 11.95 -33.90 -0.51
CA TYR C 277 10.60 -33.69 0.00
C TYR C 277 9.58 -34.53 -0.70
N GLU C 278 9.63 -34.54 -2.03
CA GLU C 278 8.65 -35.31 -2.76
C GLU C 278 8.73 -36.78 -2.42
N CYS C 279 9.95 -37.27 -2.25
CA CYS C 279 10.17 -38.66 -1.92
C CYS C 279 9.61 -38.96 -0.56
N VAL C 280 9.93 -38.12 0.41
CA VAL C 280 9.48 -38.31 1.76
C VAL C 280 7.98 -38.23 1.86
N ASN C 281 7.40 -37.20 1.26
CA ASN C 281 5.97 -37.05 1.31
C ASN C 281 5.28 -38.27 0.75
N THR C 282 5.80 -38.76 -0.36
CA THR C 282 5.24 -39.92 -1.01
C THR C 282 5.30 -41.14 -0.15
N VAL C 283 6.48 -41.43 0.41
CA VAL C 283 6.59 -42.63 1.19
C VAL C 283 5.80 -42.54 2.47
N ILE C 284 5.56 -41.33 2.97
CA ILE C 284 4.71 -41.23 4.15
C ILE C 284 3.35 -41.76 3.82
N ALA C 285 2.80 -41.32 2.70
CA ALA C 285 1.49 -41.78 2.28
C ALA C 285 1.51 -43.30 2.10
N VAL C 286 2.60 -43.81 1.53
CA VAL C 286 2.75 -45.24 1.32
C VAL C 286 2.76 -45.97 2.64
N LEU C 287 3.53 -45.47 3.59
CA LEU C 287 3.64 -46.07 4.90
C LEU C 287 2.33 -46.08 5.62
N ILE C 288 1.54 -45.03 5.44
CA ILE C 288 0.23 -44.99 6.06
C ILE C 288 -0.62 -46.12 5.56
N SER C 289 -0.67 -46.30 4.24
CA SER C 289 -1.45 -47.38 3.68
C SER C 289 -0.87 -48.75 4.04
N LEU C 290 0.44 -48.82 4.26
CA LEU C 290 1.08 -50.06 4.64
C LEU C 290 1.14 -50.30 6.13
N SER C 291 0.87 -49.26 6.93
CA SER C 291 1.03 -49.37 8.38
C SER C 291 0.15 -50.46 8.97
N SER C 292 -0.99 -50.70 8.32
CA SER C 292 -1.88 -51.74 8.76
C SER C 292 -1.31 -53.09 8.37
N GLY C 293 -0.83 -53.82 9.38
CA GLY C 293 -0.24 -55.13 9.16
C GLY C 293 1.27 -55.07 8.91
N MET C 294 1.89 -53.91 9.12
CA MET C 294 3.34 -53.83 8.91
C MET C 294 4.02 -53.00 9.97
N PRO C 295 4.30 -53.58 11.14
CA PRO C 295 4.88 -52.97 12.33
C PRO C 295 6.39 -52.73 12.24
N ASN C 296 6.82 -52.10 11.16
CA ASN C 296 8.19 -51.66 10.97
C ASN C 296 8.19 -50.33 10.24
N HIS C 297 6.99 -49.85 9.91
CA HIS C 297 6.81 -48.59 9.21
C HIS C 297 7.30 -47.43 10.05
N SER C 298 7.32 -47.59 11.37
CA SER C 298 7.80 -46.55 12.25
C SER C 298 9.29 -46.34 12.11
N ALA C 299 10.02 -47.37 11.67
CA ALA C 299 11.44 -47.22 11.45
C ALA C 299 11.62 -46.41 10.20
N SER C 300 10.78 -46.68 9.22
CA SER C 300 10.81 -45.94 7.99
C SER C 300 10.41 -44.50 8.27
N ILE C 301 9.42 -44.31 9.13
CA ILE C 301 9.02 -43.00 9.56
C ILE C 301 10.14 -42.30 10.26
N GLN C 302 10.85 -43.03 11.10
CA GLN C 302 11.99 -42.45 11.79
C GLN C 302 12.89 -41.80 10.79
N LEU C 303 13.21 -42.53 9.73
CA LEU C 303 14.01 -41.94 8.67
C LEU C 303 13.35 -40.72 8.09
N CYS C 304 12.07 -40.83 7.80
CA CYS C 304 11.33 -39.74 7.19
C CYS C 304 11.46 -38.48 8.00
N VAL C 305 11.29 -38.59 9.31
CA VAL C 305 11.36 -37.42 10.15
C VAL C 305 12.78 -36.95 10.34
N GLN C 306 13.76 -37.84 10.16
CA GLN C 306 15.12 -37.33 10.23
C GLN C 306 15.31 -36.40 9.05
N LYS C 307 14.72 -36.77 7.92
CA LYS C 307 14.83 -35.99 6.73
C LYS C 307 13.96 -34.77 6.81
N LEU C 308 12.79 -34.90 7.46
CA LEU C 308 11.94 -33.75 7.61
C LEU C 308 12.61 -32.74 8.47
N ARG C 309 13.31 -33.19 9.51
CA ARG C 309 14.04 -32.28 10.36
C ARG C 309 15.05 -31.52 9.55
N ILE C 310 15.78 -32.23 8.70
CA ILE C 310 16.76 -31.59 7.85
C ILE C 310 16.11 -30.52 7.00
N LEU C 311 14.96 -30.84 6.41
CA LEU C 311 14.27 -29.88 5.58
C LEU C 311 13.83 -28.68 6.43
N ILE C 312 13.34 -28.95 7.62
CA ILE C 312 12.92 -27.91 8.55
C ILE C 312 14.10 -27.03 8.97
N GLU C 313 15.26 -27.65 9.16
CA GLU C 313 16.47 -26.95 9.54
C GLU C 313 17.03 -26.08 8.42
N ASP C 314 16.55 -26.26 7.19
CA ASP C 314 17.04 -25.48 6.06
C ASP C 314 16.51 -24.06 6.14
N SER C 315 17.08 -23.18 5.33
CA SER C 315 16.66 -21.78 5.27
C SER C 315 15.51 -21.53 4.31
N ASP C 316 15.23 -22.49 3.42
CA ASP C 316 14.18 -22.23 2.46
C ASP C 316 12.82 -22.50 3.02
N GLN C 317 12.17 -21.42 3.42
CA GLN C 317 10.84 -21.40 3.98
C GLN C 317 9.79 -22.20 3.22
N ASN C 318 10.00 -22.38 1.92
CA ASN C 318 9.02 -23.08 1.12
C ASN C 318 8.99 -24.54 1.50
N LEU C 319 10.16 -25.15 1.48
CA LEU C 319 10.27 -26.53 1.88
C LEU C 319 10.17 -26.67 3.38
N LYS C 320 10.51 -25.63 4.15
CA LYS C 320 10.37 -25.74 5.60
C LYS C 320 8.92 -25.96 5.93
N TYR C 321 8.05 -25.18 5.30
CA TYR C 321 6.62 -25.32 5.47
C TYR C 321 6.17 -26.70 5.11
N LEU C 322 6.60 -27.15 3.94
CA LEU C 322 6.21 -28.44 3.46
C LEU C 322 6.65 -29.54 4.39
N GLY C 323 7.84 -29.39 4.97
CA GLY C 323 8.36 -30.34 5.92
C GLY C 323 7.44 -30.43 7.12
N LEU C 324 7.00 -29.27 7.60
CA LEU C 324 6.12 -29.21 8.74
C LEU C 324 4.77 -29.82 8.41
N LEU C 325 4.30 -29.58 7.20
CA LEU C 325 3.07 -30.16 6.73
C LEU C 325 3.16 -31.67 6.77
N ALA C 326 4.24 -32.20 6.23
CA ALA C 326 4.47 -33.63 6.27
C ALA C 326 4.60 -34.10 7.71
N MET C 327 5.22 -33.28 8.55
CA MET C 327 5.38 -33.63 9.95
C MET C 327 4.03 -33.78 10.60
N SER C 328 3.09 -32.93 10.21
CA SER C 328 1.73 -33.02 10.70
C SER C 328 1.14 -34.35 10.33
N LYS C 329 1.36 -34.76 9.09
CA LYS C 329 0.84 -36.04 8.62
C LYS C 329 1.35 -37.16 9.50
N ILE C 330 2.60 -37.06 9.94
CA ILE C 330 3.14 -38.05 10.84
C ILE C 330 2.55 -37.92 12.22
N LEU C 331 2.44 -36.68 12.71
CA LEU C 331 1.89 -36.38 14.02
C LEU C 331 0.53 -37.03 14.21
N LYS C 332 -0.28 -36.95 13.18
CA LYS C 332 -1.63 -37.49 13.22
C LYS C 332 -1.70 -39.00 13.53
N THR C 333 -0.63 -39.75 13.27
CA THR C 333 -0.67 -41.18 13.56
C THR C 333 0.43 -41.65 14.52
N HIS C 334 1.56 -40.93 14.58
CA HIS C 334 2.65 -41.31 15.46
C HIS C 334 3.28 -40.11 16.19
N PRO C 335 2.50 -39.38 16.99
CA PRO C 335 2.85 -38.18 17.73
C PRO C 335 3.89 -38.50 18.79
N LYS C 336 3.93 -39.77 19.18
CA LYS C 336 4.88 -40.29 20.14
C LYS C 336 6.31 -40.13 19.69
N SER C 337 6.52 -39.98 18.39
CA SER C 337 7.84 -39.75 17.88
C SER C 337 8.01 -38.29 17.55
N VAL C 338 6.92 -37.67 17.13
CA VAL C 338 6.94 -36.27 16.75
C VAL C 338 7.30 -35.36 17.89
N GLN C 339 6.83 -35.69 19.08
CA GLN C 339 7.12 -34.92 20.29
C GLN C 339 8.60 -34.63 20.49
N SER C 340 9.49 -35.46 19.91
CA SER C 340 10.92 -35.27 20.04
C SER C 340 11.41 -33.98 19.38
N HIS C 341 10.62 -33.44 18.46
CA HIS C 341 10.98 -32.23 17.77
C HIS C 341 10.23 -31.02 18.28
N LYS C 342 9.59 -31.15 19.44
CA LYS C 342 8.83 -30.07 20.03
C LYS C 342 9.61 -28.76 20.10
N ASP C 343 10.85 -28.82 20.57
CA ASP C 343 11.66 -27.62 20.69
C ASP C 343 11.92 -26.98 19.34
N LEU C 344 12.16 -27.82 18.34
CA LEU C 344 12.38 -27.35 16.99
C LEU C 344 11.18 -26.58 16.50
N ILE C 345 10.02 -27.14 16.75
CA ILE C 345 8.78 -26.53 16.33
C ILE C 345 8.59 -25.19 17.02
N LEU C 346 8.96 -25.11 18.29
CA LEU C 346 8.89 -23.83 18.99
C LEU C 346 9.82 -22.82 18.34
N GLN C 347 11.01 -23.28 17.96
CA GLN C 347 11.98 -22.43 17.30
C GLN C 347 11.47 -21.91 15.97
N CYS C 348 10.68 -22.72 15.28
CA CYS C 348 10.10 -22.34 14.00
C CYS C 348 9.24 -21.08 14.08
N LEU C 349 8.73 -20.77 15.27
CA LEU C 349 7.89 -19.59 15.45
C LEU C 349 8.65 -18.29 15.24
N ASP C 350 9.98 -18.37 15.27
CA ASP C 350 10.82 -17.19 15.10
C ASP C 350 11.04 -16.79 13.65
N ASP C 351 10.42 -17.50 12.71
CA ASP C 351 10.56 -17.15 11.29
C ASP C 351 9.64 -15.97 10.98
N LYS C 352 9.64 -15.51 9.74
CA LYS C 352 8.84 -14.38 9.32
C LYS C 352 7.53 -14.81 8.67
N ASP C 353 7.55 -15.96 8.00
CA ASP C 353 6.37 -16.45 7.30
C ASP C 353 5.38 -17.07 8.26
N GLU C 354 4.29 -16.35 8.47
CA GLU C 354 3.27 -16.74 9.41
C GLU C 354 2.59 -18.05 9.08
N SER C 355 2.63 -18.53 7.83
CA SER C 355 1.97 -19.79 7.57
C SER C 355 2.77 -20.91 8.18
N ILE C 356 4.07 -20.70 8.30
CA ILE C 356 4.95 -21.64 8.95
C ILE C 356 4.71 -21.60 10.42
N ARG C 357 4.61 -20.39 10.93
CA ARG C 357 4.41 -20.16 12.34
C ARG C 357 3.06 -20.75 12.76
N LEU C 358 2.05 -20.59 11.91
CA LEU C 358 0.75 -21.17 12.15
C LEU C 358 0.80 -22.67 12.12
N ARG C 359 1.53 -23.21 11.16
CA ARG C 359 1.68 -24.65 11.08
C ARG C 359 2.35 -25.16 12.32
N ALA C 360 3.36 -24.44 12.80
CA ALA C 360 4.06 -24.80 14.01
C ALA C 360 3.11 -24.83 15.18
N LEU C 361 2.21 -23.85 15.25
CA LEU C 361 1.24 -23.82 16.32
C LEU C 361 0.33 -25.02 16.27
N ASP C 362 -0.03 -25.44 15.07
CA ASP C 362 -0.85 -26.62 14.91
C ASP C 362 -0.12 -27.85 15.39
N LEU C 363 1.16 -27.92 15.08
CA LEU C 363 1.97 -29.03 15.51
C LEU C 363 2.12 -29.04 17.01
N LEU C 364 2.27 -27.85 17.59
CA LEU C 364 2.38 -27.74 19.03
C LEU C 364 1.11 -28.22 19.67
N TYR C 365 -0.03 -27.86 19.09
CA TYR C 365 -1.32 -28.32 19.59
C TYR C 365 -1.31 -29.83 19.68
N GLY C 366 -0.94 -30.47 18.59
CA GLY C 366 -0.90 -31.92 18.55
C GLY C 366 0.10 -32.51 19.55
N MET C 367 1.22 -31.82 19.80
CA MET C 367 2.23 -32.31 20.72
C MET C 367 1.97 -32.00 22.20
N VAL C 368 1.00 -31.15 22.52
CA VAL C 368 0.74 -30.87 23.91
C VAL C 368 0.08 -31.98 24.70
N SER C 369 0.64 -32.21 25.87
CA SER C 369 0.14 -33.19 26.81
C SER C 369 0.38 -32.66 28.19
N LYS C 370 -0.07 -33.42 29.18
CA LYS C 370 0.13 -33.07 30.57
C LYS C 370 1.60 -33.03 30.96
N LYS C 371 2.44 -33.67 30.16
CA LYS C 371 3.85 -33.73 30.43
C LYS C 371 4.61 -32.59 29.80
N ASN C 372 3.92 -31.69 29.10
CA ASN C 372 4.63 -30.59 28.48
C ASN C 372 3.77 -29.38 28.20
N LEU C 373 2.52 -29.40 28.67
CA LEU C 373 1.64 -28.27 28.46
C LEU C 373 2.17 -26.99 28.97
N MET C 374 2.45 -26.98 30.25
CA MET C 374 2.83 -25.77 30.94
C MET C 374 4.11 -25.23 30.37
N GLU C 375 5.02 -26.13 30.03
CA GLU C 375 6.29 -25.76 29.47
C GLU C 375 6.12 -25.11 28.12
N ILE C 376 5.30 -25.73 27.28
CA ILE C 376 5.03 -25.19 25.97
C ILE C 376 4.34 -23.86 26.09
N VAL C 377 3.37 -23.76 26.99
CA VAL C 377 2.67 -22.51 27.23
C VAL C 377 3.62 -21.42 27.64
N LYS C 378 4.57 -21.71 28.51
CA LYS C 378 5.53 -20.70 28.90
C LYS C 378 6.27 -20.18 27.68
N LYS C 379 6.54 -21.06 26.72
CA LYS C 379 7.21 -20.65 25.51
C LYS C 379 6.26 -19.95 24.56
N LEU C 380 4.99 -20.36 24.57
CA LEU C 380 4.00 -19.72 23.75
C LEU C 380 3.81 -18.31 24.20
N MET C 381 3.82 -18.13 25.52
CA MET C 381 3.69 -16.83 26.10
C MET C 381 4.89 -16.02 25.77
N THR C 382 6.06 -16.62 25.91
CA THR C 382 7.28 -15.94 25.56
C THR C 382 7.17 -15.38 24.16
N HIS C 383 6.65 -16.20 23.25
CA HIS C 383 6.52 -15.76 21.89
C HIS C 383 5.52 -14.63 21.75
N VAL C 384 4.30 -14.79 22.27
CA VAL C 384 3.31 -13.72 22.11
C VAL C 384 3.74 -12.44 22.80
N ASP C 385 4.55 -12.57 23.84
CA ASP C 385 5.04 -11.41 24.53
C ASP C 385 5.96 -10.61 23.61
N LYS C 386 6.88 -11.30 22.95
CA LYS C 386 7.76 -10.62 22.02
C LYS C 386 7.12 -10.37 20.66
N ALA C 387 6.06 -11.11 20.35
CA ALA C 387 5.39 -11.01 19.06
C ALA C 387 4.72 -9.68 18.83
N GLU C 388 4.74 -9.27 17.57
CA GLU C 388 4.12 -8.04 17.10
C GLU C 388 3.04 -8.36 16.09
N GLY C 389 2.07 -7.48 15.96
CA GLY C 389 0.97 -7.67 15.02
C GLY C 389 -0.28 -8.03 15.79
N THR C 390 -1.27 -7.16 15.75
CA THR C 390 -2.51 -7.35 16.51
C THR C 390 -3.23 -8.63 16.16
N THR C 391 -3.41 -8.88 14.86
CA THR C 391 -4.15 -10.05 14.44
C THR C 391 -3.35 -11.30 14.67
N TYR C 392 -2.04 -11.17 14.62
CA TYR C 392 -1.16 -12.27 14.88
C TYR C 392 -1.29 -12.65 16.33
N ARG C 393 -1.25 -11.65 17.20
CA ARG C 393 -1.40 -11.85 18.62
C ARG C 393 -2.77 -12.42 18.95
N ASP C 394 -3.81 -11.93 18.27
CA ASP C 394 -5.16 -12.49 18.49
C ASP C 394 -5.17 -13.95 18.18
N GLU C 395 -4.47 -14.33 17.11
CA GLU C 395 -4.39 -15.71 16.75
C GLU C 395 -3.58 -16.48 17.77
N LEU C 396 -2.48 -15.91 18.22
CA LEU C 396 -1.66 -16.58 19.21
C LEU C 396 -2.44 -16.82 20.46
N LEU C 397 -3.19 -15.82 20.88
CA LEU C 397 -4.01 -15.92 22.05
C LEU C 397 -5.01 -17.01 21.92
N THR C 398 -5.72 -16.98 20.81
CA THR C 398 -6.74 -17.94 20.53
C THR C 398 -6.16 -19.33 20.58
N LYS C 399 -5.01 -19.50 19.95
CA LYS C 399 -4.36 -20.78 19.91
C LYS C 399 -3.91 -21.21 21.28
N ILE C 400 -3.37 -20.30 22.07
CA ILE C 400 -2.96 -20.66 23.41
C ILE C 400 -4.14 -21.17 24.18
N ILE C 401 -5.25 -20.46 24.05
CA ILE C 401 -6.47 -20.83 24.72
C ILE C 401 -6.96 -22.17 24.24
N ASP C 402 -7.01 -22.37 22.94
CA ASP C 402 -7.50 -23.61 22.39
C ASP C 402 -6.62 -24.78 22.79
N ILE C 403 -5.32 -24.56 22.77
CA ILE C 403 -4.37 -25.56 23.16
C ILE C 403 -4.52 -25.96 24.60
N CYS C 404 -4.68 -24.99 25.48
CA CYS C 404 -4.79 -25.34 26.87
C CYS C 404 -6.21 -25.76 27.25
N SER C 405 -7.20 -25.35 26.49
CA SER C 405 -8.58 -25.68 26.82
C SER C 405 -9.09 -26.93 26.18
N GLN C 406 -8.41 -27.41 25.14
CA GLN C 406 -8.84 -28.64 24.48
C GLN C 406 -9.28 -29.69 25.49
N SER C 407 -10.45 -30.26 25.21
CA SER C 407 -11.06 -31.28 26.04
C SER C 407 -11.20 -30.89 27.50
N ASN C 408 -11.85 -29.74 27.72
CA ASN C 408 -12.14 -29.21 29.05
C ASN C 408 -10.91 -29.02 29.90
N TYR C 409 -9.87 -28.45 29.31
CA TYR C 409 -8.59 -28.24 29.99
C TYR C 409 -8.01 -29.57 30.41
N GLN C 410 -7.98 -30.52 29.48
CA GLN C 410 -7.53 -31.88 29.73
C GLN C 410 -6.16 -32.01 30.34
N TYR C 411 -5.27 -31.10 30.01
CA TYR C 411 -3.92 -31.23 30.50
C TYR C 411 -3.57 -30.24 31.61
N ILE C 412 -4.56 -29.59 32.20
CA ILE C 412 -4.26 -28.69 33.30
C ILE C 412 -4.68 -29.28 34.60
N THR C 413 -3.72 -29.43 35.50
CA THR C 413 -4.00 -29.92 36.83
C THR C 413 -3.87 -28.76 37.80
N ASN C 414 -3.04 -27.80 37.45
CA ASN C 414 -2.84 -26.63 38.27
C ASN C 414 -3.58 -25.45 37.68
N PHE C 415 -4.82 -25.26 38.10
CA PHE C 415 -5.59 -24.16 37.60
C PHE C 415 -5.21 -22.86 38.23
N GLU C 416 -4.59 -22.92 39.41
CA GLU C 416 -4.07 -21.70 40.03
C GLU C 416 -3.10 -21.07 39.05
N TRP C 417 -2.22 -21.93 38.54
CA TRP C 417 -1.26 -21.55 37.52
C TRP C 417 -2.00 -21.03 36.32
N TYR C 418 -2.96 -21.80 35.83
CA TYR C 418 -3.70 -21.42 34.66
C TYR C 418 -4.28 -20.05 34.73
N ILE C 419 -4.96 -19.76 35.83
CA ILE C 419 -5.54 -18.46 35.97
C ILE C 419 -4.50 -17.39 36.00
N SER C 420 -3.39 -17.60 36.70
CA SER C 420 -2.38 -16.56 36.70
C SER C 420 -1.85 -16.34 35.29
N ILE C 421 -1.87 -17.39 34.48
CA ILE C 421 -1.48 -17.25 33.10
C ILE C 421 -2.50 -16.45 32.37
N LEU C 422 -3.75 -16.77 32.62
CA LEU C 422 -4.86 -16.09 32.01
C LEU C 422 -4.80 -14.61 32.37
N VAL C 423 -4.41 -14.32 33.61
CA VAL C 423 -4.22 -12.95 34.05
C VAL C 423 -3.13 -12.30 33.22
N GLU C 424 -2.05 -13.01 32.98
CA GLU C 424 -1.04 -12.44 32.13
C GLU C 424 -1.58 -12.21 30.73
N LEU C 425 -2.48 -13.08 30.28
CA LEU C 425 -3.07 -12.91 28.98
C LEU C 425 -3.97 -11.67 28.94
N THR C 426 -4.53 -11.25 30.10
CA THR C 426 -5.36 -10.04 30.12
C THR C 426 -4.50 -8.80 29.90
N ARG C 427 -3.18 -8.95 29.98
CA ARG C 427 -2.29 -7.84 29.82
C ARG C 427 -1.96 -7.62 28.35
N LEU C 428 -2.52 -8.44 27.48
CA LEU C 428 -2.27 -8.32 26.06
C LEU C 428 -3.10 -7.19 25.46
N GLU C 429 -2.65 -5.98 25.72
CA GLU C 429 -3.30 -4.77 25.29
C GLU C 429 -3.60 -4.70 23.83
N GLY C 430 -4.85 -4.39 23.50
CA GLY C 430 -5.28 -4.24 22.14
C GLY C 430 -5.98 -5.46 21.56
N THR C 431 -5.97 -6.59 22.27
CA THR C 431 -6.63 -7.79 21.75
C THR C 431 -8.10 -7.62 21.53
N ARG C 432 -8.58 -8.25 20.46
CA ARG C 432 -9.99 -8.23 20.14
C ARG C 432 -10.74 -9.40 20.73
N HIS C 433 -10.06 -10.20 21.56
CA HIS C 433 -10.70 -11.35 22.16
C HIS C 433 -10.61 -11.33 23.66
N GLY C 434 -10.84 -10.17 24.25
CA GLY C 434 -10.84 -10.04 25.69
C GLY C 434 -12.05 -10.76 26.25
N HIS C 435 -13.16 -10.72 25.51
CA HIS C 435 -14.35 -11.43 25.93
C HIS C 435 -14.14 -12.93 25.93
N LEU C 436 -13.22 -13.38 25.08
CA LEU C 436 -12.88 -14.78 25.04
C LEU C 436 -12.19 -15.11 26.32
N ILE C 437 -11.23 -14.27 26.69
CA ILE C 437 -10.53 -14.43 27.94
C ILE C 437 -11.49 -14.40 29.11
N ALA C 438 -12.40 -13.45 29.10
CA ALA C 438 -13.38 -13.30 30.15
C ALA C 438 -14.21 -14.56 30.29
N ALA C 439 -14.58 -15.14 29.17
CA ALA C 439 -15.31 -16.40 29.20
C ALA C 439 -14.50 -17.48 29.87
N GLN C 440 -13.20 -17.51 29.59
CA GLN C 440 -12.35 -18.52 30.19
C GLN C 440 -12.24 -18.30 31.68
N MET C 441 -12.19 -17.03 32.08
CA MET C 441 -12.09 -16.66 33.47
C MET C 441 -13.25 -17.21 34.23
N LEU C 442 -14.44 -16.97 33.70
CA LEU C 442 -15.64 -17.42 34.33
C LEU C 442 -15.74 -18.91 34.33
N ASP C 443 -15.38 -19.54 33.23
CA ASP C 443 -15.52 -20.98 33.15
C ASP C 443 -14.75 -21.68 34.22
N VAL C 444 -13.50 -21.31 34.40
CA VAL C 444 -12.68 -21.96 35.41
C VAL C 444 -13.05 -21.57 36.79
N ALA C 445 -13.25 -20.29 37.04
CA ALA C 445 -13.59 -19.88 38.39
C ALA C 445 -14.87 -20.57 38.84
N ILE C 446 -15.84 -20.69 37.94
CA ILE C 446 -17.06 -21.37 38.25
C ILE C 446 -16.85 -22.87 38.44
N ARG C 447 -16.16 -23.51 37.51
CA ARG C 447 -15.98 -24.94 37.61
C ARG C 447 -15.02 -25.39 38.70
N VAL C 448 -13.88 -24.73 38.84
CA VAL C 448 -12.89 -25.16 39.81
C VAL C 448 -13.05 -24.47 41.14
N LYS C 449 -14.02 -24.97 41.89
CA LYS C 449 -14.36 -24.48 43.22
C LYS C 449 -13.18 -24.33 44.15
N ALA C 450 -12.26 -25.28 44.09
CA ALA C 450 -11.12 -25.33 44.99
C ALA C 450 -10.27 -24.08 45.00
N ILE C 451 -10.17 -23.38 43.88
CA ILE C 451 -9.29 -22.22 43.88
C ILE C 451 -10.05 -20.95 43.71
N ARG C 452 -11.33 -20.95 44.02
CA ARG C 452 -12.09 -19.73 43.85
C ARG C 452 -11.54 -18.59 44.69
N LYS C 453 -11.09 -18.87 45.91
CA LYS C 453 -10.52 -17.82 46.73
C LYS C 453 -9.36 -17.15 46.02
N PHE C 454 -8.52 -17.95 45.39
CA PHE C 454 -7.43 -17.45 44.59
C PHE C 454 -7.93 -16.57 43.49
N ALA C 455 -8.88 -17.09 42.72
CA ALA C 455 -9.43 -16.37 41.60
C ALA C 455 -10.00 -15.05 42.04
N VAL C 456 -10.67 -15.03 43.18
CA VAL C 456 -11.23 -13.82 43.72
C VAL C 456 -10.16 -12.80 43.99
N SER C 457 -9.07 -13.23 44.64
CA SER C 457 -8.01 -12.28 44.94
C SER C 457 -7.38 -11.72 43.69
N GLN C 458 -7.33 -12.52 42.64
CA GLN C 458 -6.68 -12.06 41.43
C GLN C 458 -7.60 -11.16 40.67
N MET C 459 -8.88 -11.48 40.70
CA MET C 459 -9.83 -10.65 40.01
C MET C 459 -10.04 -9.36 40.73
N SER C 460 -9.91 -9.37 42.06
CA SER C 460 -10.04 -8.11 42.78
C SER C 460 -8.90 -7.21 42.41
N ALA C 461 -7.73 -7.80 42.15
CA ALA C 461 -6.60 -7.04 41.69
C ALA C 461 -6.91 -6.48 40.31
N LEU C 462 -7.55 -7.29 39.47
CA LEU C 462 -7.93 -6.85 38.14
C LEU C 462 -8.92 -5.70 38.22
N LEU C 463 -9.81 -5.77 39.19
CA LEU C 463 -10.77 -4.71 39.39
C LEU C 463 -10.07 -3.44 39.84
N ASP C 464 -9.04 -3.54 40.67
CA ASP C 464 -8.31 -2.34 41.02
C ASP C 464 -7.60 -1.77 39.80
N SER C 465 -7.08 -2.67 38.95
CA SER C 465 -6.40 -2.31 37.70
C SER C 465 -7.35 -1.79 36.63
N ALA C 466 -8.66 -1.76 36.92
CA ALA C 466 -9.68 -1.28 35.99
C ALA C 466 -9.38 0.13 35.53
N HIS C 467 -8.68 0.93 36.33
CA HIS C 467 -8.35 2.29 35.89
C HIS C 467 -7.40 2.31 34.68
N LEU C 468 -6.74 1.18 34.43
CA LEU C 468 -5.87 1.02 33.28
C LEU C 468 -6.61 0.22 32.22
N LEU C 469 -7.35 -0.79 32.66
CA LEU C 469 -8.11 -1.65 31.76
C LEU C 469 -9.19 -0.86 31.04
N ALA C 470 -9.70 0.18 31.71
CA ALA C 470 -10.74 1.05 31.18
C ALA C 470 -10.19 2.01 30.12
N SER C 471 -8.90 1.95 29.83
CA SER C 471 -8.34 2.73 28.74
C SER C 471 -8.86 2.23 27.39
N SER C 472 -9.38 0.99 27.34
CA SER C 472 -9.97 0.49 26.11
C SER C 472 -11.31 -0.15 26.39
N THR C 473 -12.35 0.60 26.04
CA THR C 473 -13.73 0.23 26.26
C THR C 473 -14.36 -0.31 24.99
N GLN C 474 -13.60 -1.08 24.23
CA GLN C 474 -14.08 -1.60 22.97
C GLN C 474 -14.80 -2.92 23.15
N ARG C 475 -15.75 -3.18 22.25
CA ARG C 475 -16.52 -4.41 22.28
C ARG C 475 -15.60 -5.58 22.08
N ASN C 476 -15.69 -6.55 23.00
CA ASN C 476 -14.87 -7.75 23.02
C ASN C 476 -13.40 -7.48 23.33
N GLY C 477 -13.08 -6.27 23.79
CA GLY C 477 -11.71 -5.88 24.09
C GLY C 477 -11.33 -6.03 25.56
N ILE C 478 -10.39 -5.20 25.99
CA ILE C 478 -9.81 -5.26 27.33
C ILE C 478 -10.83 -5.16 28.45
N CYS C 479 -11.77 -4.23 28.33
CA CYS C 479 -12.81 -4.02 29.33
C CYS C 479 -13.71 -5.25 29.62
N GLU C 480 -13.64 -6.29 28.79
CA GLU C 480 -14.46 -7.45 29.01
C GLU C 480 -13.91 -8.27 30.17
N VAL C 481 -12.64 -8.05 30.49
CA VAL C 481 -12.03 -8.66 31.65
C VAL C 481 -12.78 -8.29 32.90
N LEU C 482 -13.14 -7.01 32.97
CA LEU C 482 -13.85 -6.47 34.10
C LEU C 482 -15.21 -7.12 34.25
N TYR C 483 -15.85 -7.45 33.13
CA TYR C 483 -17.13 -8.16 33.16
C TYR C 483 -17.01 -9.39 34.04
N ALA C 484 -16.02 -10.21 33.72
CA ALA C 484 -15.82 -11.46 34.44
C ALA C 484 -15.34 -11.24 35.86
N ALA C 485 -14.39 -10.33 36.03
CA ALA C 485 -13.80 -10.09 37.33
C ALA C 485 -14.84 -9.67 38.34
N ALA C 486 -15.72 -8.76 37.92
CA ALA C 486 -16.76 -8.28 38.79
C ALA C 486 -17.75 -9.37 39.13
N TRP C 487 -18.11 -10.18 38.13
CA TRP C 487 -19.09 -11.22 38.36
C TRP C 487 -18.62 -12.19 39.41
N ILE C 488 -17.35 -12.59 39.30
CA ILE C 488 -16.75 -13.50 40.25
C ILE C 488 -16.61 -12.91 41.62
N CYS C 489 -16.13 -11.69 41.70
CA CYS C 489 -15.92 -11.09 43.00
C CYS C 489 -17.22 -10.90 43.72
N GLY C 490 -18.28 -10.60 42.98
CA GLY C 490 -19.58 -10.46 43.60
C GLY C 490 -20.06 -11.82 44.09
N GLU C 491 -20.07 -12.81 43.21
CA GLU C 491 -20.59 -14.11 43.56
C GLU C 491 -19.80 -14.80 44.64
N PHE C 492 -18.48 -14.58 44.64
CA PHE C 492 -17.60 -15.23 45.65
C PHE C 492 -17.04 -14.17 46.60
N SER C 493 -17.89 -13.18 46.92
CA SER C 493 -17.50 -12.11 47.83
C SER C 493 -17.08 -12.59 49.21
N GLU C 494 -17.46 -13.80 49.59
CA GLU C 494 -17.06 -14.37 50.87
C GLU C 494 -15.55 -14.62 50.93
N HIS C 495 -14.86 -14.52 49.80
CA HIS C 495 -13.43 -14.68 49.78
C HIS C 495 -12.70 -13.34 49.70
N LEU C 496 -13.42 -12.25 49.93
CA LEU C 496 -12.79 -10.93 50.00
C LEU C 496 -12.24 -10.66 51.37
N GLN C 497 -11.09 -10.00 51.41
CA GLN C 497 -10.45 -9.62 52.65
C GLN C 497 -10.78 -8.18 52.98
N GLU C 498 -11.05 -7.40 51.93
CA GLU C 498 -11.40 -6.01 52.07
C GLU C 498 -12.54 -5.67 51.13
N PRO C 499 -13.75 -6.16 51.41
CA PRO C 499 -14.97 -5.96 50.67
C PRO C 499 -15.37 -4.50 50.67
N HIS C 500 -14.96 -3.78 51.69
CA HIS C 500 -15.22 -2.36 51.76
C HIS C 500 -14.44 -1.67 50.67
N HIS C 501 -13.15 -1.97 50.62
CA HIS C 501 -12.27 -1.47 49.58
C HIS C 501 -12.78 -1.87 48.23
N THR C 502 -13.17 -3.14 48.10
CA THR C 502 -13.72 -3.66 46.86
C THR C 502 -14.85 -2.78 46.38
N LEU C 503 -15.78 -2.48 47.29
CA LEU C 503 -16.88 -1.60 46.95
C LEU C 503 -16.38 -0.25 46.54
N GLU C 504 -15.45 0.31 47.29
CA GLU C 504 -14.93 1.63 46.97
C GLU C 504 -14.36 1.67 45.57
N ALA C 505 -13.67 0.61 45.18
CA ALA C 505 -13.14 0.53 43.83
C ALA C 505 -14.28 0.53 42.82
N MET C 506 -15.34 -0.21 43.12
CA MET C 506 -16.49 -0.26 42.26
C MET C 506 -17.26 1.05 42.23
N LEU C 507 -17.13 1.83 43.28
CA LEU C 507 -17.80 3.09 43.38
C LEU C 507 -17.02 4.23 42.74
N ARG C 508 -15.84 3.95 42.18
CA ARG C 508 -15.05 4.99 41.56
C ARG C 508 -15.78 5.60 40.36
N PRO C 509 -15.80 6.94 40.23
CA PRO C 509 -16.40 7.76 39.17
C PRO C 509 -16.00 7.28 37.78
N ARG C 510 -14.78 6.76 37.67
CA ARG C 510 -14.26 6.24 36.42
C ARG C 510 -15.18 5.20 35.78
N VAL C 511 -15.88 4.43 36.62
CA VAL C 511 -16.82 3.41 36.18
C VAL C 511 -17.82 3.93 35.16
N THR C 512 -18.19 5.22 35.25
CA THR C 512 -19.16 5.81 34.34
C THR C 512 -18.67 5.85 32.89
N THR C 513 -17.37 5.65 32.65
CA THR C 513 -16.82 5.65 31.31
C THR C 513 -16.76 4.23 30.73
N LEU C 514 -17.14 3.23 31.51
CA LEU C 514 -17.12 1.85 31.06
C LEU C 514 -18.29 1.57 30.12
N PRO C 515 -18.20 0.54 29.29
CA PRO C 515 -19.23 0.10 28.38
C PRO C 515 -20.47 -0.18 29.19
N GLY C 516 -21.62 0.13 28.62
CA GLY C 516 -22.89 -0.02 29.29
C GLY C 516 -23.05 -1.34 30.01
N HIS C 517 -22.81 -2.44 29.30
CA HIS C 517 -23.00 -3.74 29.91
C HIS C 517 -21.99 -4.03 31.01
N ILE C 518 -20.87 -3.33 31.01
CA ILE C 518 -19.90 -3.50 32.07
C ILE C 518 -20.43 -2.82 33.30
N GLN C 519 -20.96 -1.62 33.09
CA GLN C 519 -21.52 -0.87 34.20
C GLN C 519 -22.70 -1.61 34.78
N ALA C 520 -23.49 -2.24 33.92
CA ALA C 520 -24.63 -3.00 34.37
C ALA C 520 -24.18 -4.14 35.26
N VAL C 521 -23.11 -4.81 34.85
CA VAL C 521 -22.55 -5.87 35.67
C VAL C 521 -22.10 -5.33 37.00
N TYR C 522 -21.45 -4.18 36.96
CA TYR C 522 -20.99 -3.59 38.19
C TYR C 522 -22.11 -3.26 39.13
N VAL C 523 -23.20 -2.67 38.67
CA VAL C 523 -24.19 -2.30 39.66
C VAL C 523 -24.89 -3.52 40.23
N GLN C 524 -24.98 -4.58 39.44
CA GLN C 524 -25.61 -5.79 39.94
C GLN C 524 -24.71 -6.47 40.97
N ASN C 525 -23.42 -6.51 40.69
CA ASN C 525 -22.52 -7.12 41.64
C ASN C 525 -22.31 -6.26 42.83
N VAL C 526 -22.32 -4.95 42.63
CA VAL C 526 -22.18 -4.01 43.72
C VAL C 526 -23.27 -4.15 44.73
N VAL C 527 -24.51 -4.30 44.30
CA VAL C 527 -25.53 -4.48 45.31
C VAL C 527 -25.43 -5.83 45.97
N LYS C 528 -24.89 -6.82 45.27
CA LYS C 528 -24.64 -8.09 45.92
C LYS C 528 -23.54 -7.91 46.96
N LEU C 529 -22.50 -7.15 46.60
CA LEU C 529 -21.42 -6.86 47.51
C LEU C 529 -21.94 -6.09 48.68
N TYR C 530 -22.89 -5.20 48.43
CA TYR C 530 -23.52 -4.50 49.52
C TYR C 530 -24.29 -5.42 50.38
N ALA C 531 -24.97 -6.40 49.79
CA ALA C 531 -25.69 -7.34 50.61
C ALA C 531 -24.74 -8.05 51.55
N SER C 532 -23.56 -8.40 51.05
CA SER C 532 -22.58 -9.08 51.87
C SER C 532 -22.05 -8.21 53.00
N ILE C 533 -21.72 -6.94 52.70
CA ILE C 533 -21.19 -6.09 53.75
C ILE C 533 -22.30 -5.66 54.70
N LEU C 534 -23.52 -5.58 54.20
CA LEU C 534 -24.64 -5.24 55.05
C LEU C 534 -24.88 -6.37 56.01
N GLN C 535 -24.78 -7.59 55.52
CA GLN C 535 -24.93 -8.72 56.40
C GLN C 535 -23.80 -8.77 57.37
N GLN C 536 -22.60 -8.46 56.90
CA GLN C 536 -21.43 -8.42 57.77
C GLN C 536 -21.63 -7.50 58.94
N LYS C 537 -22.13 -6.29 58.67
CA LYS C 537 -22.26 -5.31 59.71
C LYS C 537 -23.50 -5.53 60.55
N GLU C 538 -24.59 -6.00 59.95
CA GLU C 538 -25.78 -6.26 60.75
C GLU C 538 -25.57 -7.50 61.59
N GLN C 539 -24.80 -8.46 61.09
CA GLN C 539 -24.45 -9.65 61.84
C GLN C 539 -23.55 -9.26 63.00
N ALA C 540 -22.59 -8.39 62.72
CA ALA C 540 -21.69 -7.86 63.73
C ALA C 540 -22.45 -7.03 64.76
N GLY C 541 -23.47 -6.32 64.29
CA GLY C 541 -24.25 -5.45 65.14
C GLY C 541 -23.82 -4.00 64.94
N GLU C 542 -22.95 -3.76 63.96
CA GLU C 542 -22.45 -2.43 63.67
C GLU C 542 -23.45 -1.63 62.85
N ALA C 543 -24.54 -1.23 63.52
CA ALA C 543 -25.62 -0.50 62.89
C ALA C 543 -25.15 0.80 62.27
N GLU C 544 -24.26 1.50 62.95
CA GLU C 544 -23.76 2.76 62.42
C GLU C 544 -22.83 2.50 61.24
N GLY C 545 -22.13 1.37 61.27
CA GLY C 545 -21.31 0.97 60.15
C GLY C 545 -22.24 0.78 58.96
N ALA C 546 -23.36 0.10 59.20
CA ALA C 546 -24.36 -0.14 58.19
C ALA C 546 -24.95 1.19 57.71
N GLN C 547 -25.10 2.18 58.60
CA GLN C 547 -25.60 3.48 58.18
C GLN C 547 -24.62 4.13 57.22
N ALA C 548 -23.33 3.98 57.48
CA ALA C 548 -22.31 4.53 56.58
C ALA C 548 -22.40 3.84 55.23
N VAL C 549 -22.57 2.52 55.25
CA VAL C 549 -22.73 1.74 54.04
C VAL C 549 -23.93 2.20 53.22
N THR C 550 -25.04 2.41 53.90
CA THR C 550 -26.25 2.88 53.24
C THR C 550 -26.02 4.25 52.69
N GLN C 551 -25.34 5.10 53.44
CA GLN C 551 -25.03 6.43 53.00
C GLN C 551 -24.19 6.41 51.73
N LEU C 552 -23.28 5.43 51.63
CA LEU C 552 -22.50 5.29 50.42
C LEU C 552 -23.39 4.98 49.24
N MET C 553 -24.41 4.17 49.46
CA MET C 553 -25.34 3.86 48.38
C MET C 553 -26.11 5.11 47.99
N VAL C 554 -26.52 5.87 49.00
CA VAL C 554 -27.22 7.12 48.79
C VAL C 554 -26.39 8.09 47.97
N ASP C 555 -25.09 8.12 48.24
CA ASP C 555 -24.19 9.03 47.57
C ASP C 555 -23.55 8.51 46.29
N ARG C 556 -23.99 7.35 45.80
CA ARG C 556 -23.37 6.82 44.59
C ARG C 556 -24.37 6.50 43.50
N LEU C 557 -25.52 5.95 43.86
CA LEU C 557 -26.49 5.59 42.85
C LEU C 557 -26.99 6.77 41.99
N PRO C 558 -27.20 7.98 42.55
CA PRO C 558 -27.58 9.22 41.85
C PRO C 558 -26.61 9.58 40.73
N GLN C 559 -25.39 9.09 40.81
CA GLN C 559 -24.44 9.32 39.74
C GLN C 559 -24.76 8.40 38.58
N PHE C 560 -24.95 7.12 38.91
CA PHE C 560 -25.17 6.10 37.84
C PHE C 560 -26.50 6.32 37.14
N VAL C 561 -27.54 6.75 37.87
CA VAL C 561 -28.85 6.88 37.21
C VAL C 561 -28.80 7.79 35.98
N GLN C 562 -27.72 8.56 35.80
CA GLN C 562 -27.64 9.41 34.64
C GLN C 562 -26.90 8.76 33.48
N SER C 563 -26.53 7.49 33.62
CA SER C 563 -25.86 6.77 32.55
C SER C 563 -26.69 6.73 31.28
N ALA C 564 -26.01 6.91 30.15
CA ALA C 564 -26.62 6.85 28.84
C ALA C 564 -27.19 5.46 28.55
N ASP C 565 -26.66 4.43 29.21
CA ASP C 565 -27.15 3.10 28.99
C ASP C 565 -28.42 2.87 29.74
N LEU C 566 -29.49 2.75 28.98
CA LEU C 566 -30.83 2.50 29.48
C LEU C 566 -30.88 1.53 30.63
N GLU C 567 -30.18 0.41 30.53
CA GLU C 567 -30.25 -0.59 31.55
C GLU C 567 -29.42 -0.28 32.76
N VAL C 568 -28.40 0.54 32.61
CA VAL C 568 -27.61 0.91 33.75
C VAL C 568 -28.40 1.87 34.57
N GLN C 569 -28.96 2.88 33.91
CA GLN C 569 -29.78 3.84 34.62
C GLN C 569 -31.06 3.18 35.14
N GLU C 570 -31.51 2.13 34.47
CA GLU C 570 -32.69 1.39 34.90
C GLU C 570 -32.40 0.68 36.18
N ARG C 571 -31.33 -0.10 36.19
CA ARG C 571 -30.97 -0.83 37.38
C ARG C 571 -30.62 0.13 38.47
N ALA C 572 -29.87 1.17 38.16
CA ALA C 572 -29.48 2.13 39.16
C ALA C 572 -30.68 2.77 39.80
N SER C 573 -31.71 3.06 38.99
CA SER C 573 -32.91 3.67 39.51
C SER C 573 -33.62 2.75 40.47
N CYS C 574 -33.74 1.48 40.13
CA CYS C 574 -34.46 0.58 41.01
C CYS C 574 -33.64 0.25 42.22
N ILE C 575 -32.32 0.33 42.10
CA ILE C 575 -31.44 0.11 43.22
C ILE C 575 -31.59 1.24 44.18
N LEU C 576 -31.55 2.47 43.68
CA LEU C 576 -31.70 3.61 44.53
C LEU C 576 -33.03 3.57 45.25
N GLN C 577 -34.09 3.15 44.57
CA GLN C 577 -35.38 3.04 45.22
C GLN C 577 -35.31 2.04 46.36
N LEU C 578 -34.59 0.93 46.14
CA LEU C 578 -34.39 -0.06 47.18
C LEU C 578 -33.64 0.57 48.34
N VAL C 579 -32.60 1.35 48.02
CA VAL C 579 -31.79 2.04 49.01
C VAL C 579 -32.63 2.98 49.85
N LYS C 580 -33.58 3.68 49.21
CA LYS C 580 -34.46 4.58 49.92
C LYS C 580 -35.23 3.81 50.99
N HIS C 581 -35.72 2.63 50.62
CA HIS C 581 -36.47 1.81 51.55
C HIS C 581 -35.57 1.26 52.63
N ILE C 582 -34.34 0.90 52.25
CA ILE C 582 -33.36 0.41 53.20
C ILE C 582 -33.03 1.44 54.24
N GLN C 583 -32.81 2.68 53.82
CA GLN C 583 -32.52 3.73 54.76
C GLN C 583 -33.65 3.93 55.73
N LYS C 584 -34.88 3.87 55.23
CA LYS C 584 -36.03 4.03 56.09
C LYS C 584 -36.16 2.88 57.07
N LEU C 585 -35.99 1.67 56.58
CA LEU C 585 -36.11 0.50 57.43
C LEU C 585 -35.01 0.39 58.47
N GLN C 586 -33.80 0.75 58.10
CA GLN C 586 -32.71 0.74 59.07
C GLN C 586 -32.90 1.86 60.08
N ALA C 587 -33.45 2.98 59.65
CA ALA C 587 -33.78 4.05 60.58
C ALA C 587 -34.78 3.54 61.60
N LYS C 588 -35.65 2.62 61.16
CA LYS C 588 -36.63 1.96 62.01
C LYS C 588 -36.11 0.69 62.69
N ASP C 589 -34.78 0.50 62.70
CA ASP C 589 -34.12 -0.64 63.32
C ASP C 589 -34.52 -1.99 62.74
N VAL C 590 -34.59 -2.08 61.42
CA VAL C 590 -34.92 -3.31 60.74
C VAL C 590 -33.67 -3.92 60.08
N PRO C 591 -33.35 -5.20 60.36
CA PRO C 591 -32.22 -5.99 59.87
C PRO C 591 -32.46 -6.48 58.44
N VAL C 592 -32.56 -5.52 57.52
CA VAL C 592 -32.89 -5.75 56.12
C VAL C 592 -31.90 -6.60 55.34
N ALA C 593 -30.68 -6.76 55.83
CA ALA C 593 -29.69 -7.51 55.08
C ALA C 593 -30.14 -8.94 54.81
N GLU C 594 -30.97 -9.51 55.69
CA GLU C 594 -31.45 -10.84 55.41
C GLU C 594 -32.28 -10.85 54.14
N GLU C 595 -33.23 -9.93 54.06
CA GLU C 595 -34.09 -9.83 52.91
C GLU C 595 -33.31 -9.45 51.67
N VAL C 596 -32.30 -8.58 51.84
CA VAL C 596 -31.50 -8.15 50.71
C VAL C 596 -30.65 -9.29 50.18
N SER C 597 -29.97 -10.01 51.08
CA SER C 597 -29.11 -11.11 50.67
C SER C 597 -29.88 -12.22 49.98
N ALA C 598 -31.16 -12.37 50.34
CA ALA C 598 -32.02 -13.37 49.74
C ALA C 598 -32.16 -13.17 48.23
N LEU C 599 -31.96 -11.94 47.76
CA LEU C 599 -32.07 -11.56 46.36
C LEU C 599 -30.90 -12.09 45.52
N PHE C 600 -29.86 -12.58 46.18
CA PHE C 600 -28.67 -13.06 45.49
C PHE C 600 -28.42 -14.53 45.80
N ALA C 601 -28.82 -14.95 47.00
CA ALA C 601 -28.67 -16.32 47.49
C ALA C 601 -29.35 -17.37 46.61
N GLY C 602 -30.31 -16.94 45.78
CA GLY C 602 -31.07 -17.84 44.92
C GLY C 602 -30.25 -18.64 43.89
N GLU C 603 -29.02 -18.23 43.59
CA GLU C 603 -28.25 -19.02 42.62
C GLU C 603 -26.78 -19.08 42.91
N LEU C 604 -26.26 -20.31 42.87
CA LEU C 604 -24.84 -20.55 43.05
C LEU C 604 -24.18 -20.99 41.75
N ASN C 605 -24.97 -21.49 40.79
CA ASN C 605 -24.44 -21.97 39.51
C ASN C 605 -25.54 -22.28 38.50
N MET D 1 10.85 16.84 16.55
CA MET D 1 9.47 16.50 16.74
C MET D 1 9.20 15.16 16.10
N ILE D 2 9.28 15.13 14.78
CA ILE D 2 9.00 13.93 14.01
C ILE D 2 10.08 12.87 14.08
N HIS D 3 9.68 11.65 14.43
CA HIS D 3 10.62 10.54 14.50
C HIS D 3 10.91 9.92 13.15
N SER D 4 9.87 9.74 12.32
CA SER D 4 10.05 9.12 11.01
C SER D 4 8.93 9.45 10.02
N LEU D 5 9.10 9.04 8.77
CA LEU D 5 8.11 9.32 7.73
C LEU D 5 7.96 8.21 6.72
N PHE D 6 6.72 7.82 6.47
CA PHE D 6 6.42 6.81 5.48
C PHE D 6 5.55 7.37 4.37
N LEU D 7 5.96 7.15 3.14
CA LEU D 7 5.13 7.52 2.02
C LEU D 7 4.35 6.31 1.58
N ILE D 8 3.03 6.39 1.69
CA ILE D 8 2.18 5.27 1.35
C ILE D 8 1.18 5.59 0.25
N ASN D 9 1.19 4.77 -0.78
CA ASN D 9 0.22 4.92 -1.86
C ASN D 9 -1.10 4.38 -1.42
N CYS D 10 -2.20 4.92 -1.96
CA CYS D 10 -3.54 4.46 -1.62
C CYS D 10 -3.72 2.94 -1.80
N SER D 11 -2.87 2.31 -2.63
CA SER D 11 -2.87 0.87 -2.83
C SER D 11 -2.57 0.09 -1.56
N GLY D 12 -1.93 0.73 -0.59
CA GLY D 12 -1.55 0.08 0.66
C GLY D 12 -0.07 -0.23 0.66
N ASP D 13 0.65 0.26 -0.34
CA ASP D 13 2.08 -0.01 -0.43
C ASP D 13 2.96 1.14 0.09
N ILE D 14 4.11 0.79 0.65
CA ILE D 14 5.06 1.76 1.18
C ILE D 14 6.15 2.00 0.15
N PHE D 15 6.39 3.27 -0.19
CA PHE D 15 7.38 3.57 -1.26
C PHE D 15 8.58 4.31 -0.70
N LEU D 16 8.38 5.23 0.25
CA LEU D 16 9.53 5.98 0.71
C LEU D 16 9.64 5.96 2.19
N GLU D 17 10.74 5.41 2.68
CA GLU D 17 10.95 5.27 4.10
C GLU D 17 12.04 6.18 4.62
N LYS D 18 11.71 7.00 5.62
CA LYS D 18 12.67 7.90 6.24
C LYS D 18 12.72 7.71 7.73
N HIS D 19 13.89 7.96 8.32
CA HIS D 19 14.00 7.89 9.77
C HIS D 19 14.92 9.00 10.24
N TRP D 20 14.50 9.78 11.20
CA TRP D 20 15.39 10.82 11.70
C TRP D 20 15.85 10.57 13.10
N LYS D 21 14.94 10.18 13.98
CA LYS D 21 15.33 9.99 15.36
C LYS D 21 15.76 8.56 15.66
N SER D 22 15.09 7.61 15.03
CA SER D 22 15.42 6.21 15.21
C SER D 22 14.68 5.42 14.17
N VAL D 23 15.00 4.14 14.06
CA VAL D 23 14.32 3.33 13.07
C VAL D 23 13.00 2.83 13.59
N VAL D 24 11.94 3.24 12.92
CA VAL D 24 10.60 2.81 13.28
C VAL D 24 10.16 1.63 12.43
N SER D 25 9.68 0.59 13.08
CA SER D 25 9.20 -0.59 12.38
C SER D 25 8.09 -0.27 11.42
N GLN D 26 8.13 -0.91 10.25
CA GLN D 26 7.11 -0.73 9.23
C GLN D 26 5.75 -1.24 9.69
N SER D 27 5.74 -2.07 10.73
CA SER D 27 4.51 -2.62 11.28
C SER D 27 3.61 -1.54 11.86
N VAL D 28 4.16 -0.37 12.17
CA VAL D 28 3.34 0.73 12.66
C VAL D 28 2.30 1.15 11.62
N CYS D 29 2.57 0.86 10.34
CA CYS D 29 1.69 1.24 9.27
C CYS D 29 0.43 0.40 9.26
N ASP D 30 0.44 -0.72 9.98
CA ASP D 30 -0.72 -1.57 10.07
C ASP D 30 -1.85 -0.87 10.77
N TYR D 31 -1.53 0.06 11.67
CA TYR D 31 -2.57 0.76 12.38
C TYR D 31 -3.25 1.67 11.40
N PHE D 32 -2.46 2.29 10.52
CA PHE D 32 -3.06 3.14 9.46
C PHE D 32 -3.88 2.23 8.54
N PHE D 33 -3.31 1.10 8.12
CA PHE D 33 -4.02 0.25 7.18
C PHE D 33 -5.34 -0.19 7.75
N GLU D 34 -5.36 -0.50 9.04
CA GLU D 34 -6.58 -0.89 9.70
C GLU D 34 -7.59 0.22 9.63
N ALA D 35 -7.16 1.43 9.98
CA ALA D 35 -8.06 2.58 9.92
C ALA D 35 -8.53 2.82 8.50
N GLN D 36 -7.64 2.66 7.53
CA GLN D 36 -7.99 2.83 6.13
C GLN D 36 -9.06 1.85 5.74
N GLU D 37 -8.94 0.62 6.24
CA GLU D 37 -9.92 -0.42 5.97
C GLU D 37 -11.26 -0.12 6.62
N LYS D 38 -11.22 0.39 7.84
CA LYS D 38 -12.45 0.72 8.54
C LYS D 38 -13.18 1.88 7.88
N ALA D 39 -12.44 2.85 7.38
CA ALA D 39 -13.05 3.97 6.69
C ALA D 39 -13.62 3.53 5.35
N ALA D 40 -14.71 4.14 4.95
CA ALA D 40 -15.32 3.82 3.66
C ALA D 40 -14.69 4.63 2.53
N ASP D 41 -13.77 5.52 2.87
CA ASP D 41 -13.13 6.37 1.89
C ASP D 41 -11.86 6.96 2.44
N VAL D 42 -10.87 7.13 1.57
CA VAL D 42 -9.59 7.68 1.99
C VAL D 42 -9.74 9.08 2.57
N GLU D 43 -10.76 9.81 2.16
CA GLU D 43 -10.99 11.13 2.69
C GLU D 43 -11.46 11.08 4.12
N ASN D 44 -12.07 9.97 4.51
CA ASN D 44 -12.59 9.85 5.85
C ASN D 44 -11.64 9.15 6.79
N VAL D 45 -10.40 8.97 6.39
CA VAL D 45 -9.45 8.35 7.30
C VAL D 45 -8.96 9.39 8.27
N PRO D 46 -9.08 9.16 9.58
CA PRO D 46 -8.68 10.05 10.66
C PRO D 46 -7.24 10.47 10.46
N PRO D 47 -6.96 11.76 10.52
CA PRO D 47 -5.67 12.39 10.35
C PRO D 47 -4.79 12.14 11.54
N VAL D 48 -5.40 11.79 12.66
CA VAL D 48 -4.67 11.52 13.87
C VAL D 48 -5.04 10.15 14.39
N ILE D 49 -4.08 9.26 14.42
CA ILE D 49 -4.33 7.91 14.89
C ILE D 49 -3.38 7.53 15.99
N SER D 50 -3.92 7.13 17.13
CA SER D 50 -3.06 6.73 18.23
C SER D 50 -2.80 5.24 18.22
N THR D 51 -1.54 4.87 18.43
CA THR D 51 -1.14 3.48 18.51
C THR D 51 -0.52 3.33 19.89
N PRO D 52 -0.22 2.13 20.36
CA PRO D 52 0.33 1.80 21.66
C PRO D 52 1.54 2.64 22.04
N HIS D 53 2.41 2.92 21.08
CA HIS D 53 3.61 3.69 21.39
C HIS D 53 3.87 4.86 20.46
N HIS D 54 3.05 5.03 19.43
CA HIS D 54 3.30 6.12 18.49
C HIS D 54 2.05 6.88 18.13
N TYR D 55 2.22 8.14 17.77
CA TYR D 55 1.09 8.90 17.31
C TYR D 55 1.27 9.05 15.81
N LEU D 56 0.23 8.79 15.06
CA LEU D 56 0.33 8.89 13.63
C LEU D 56 -0.38 10.10 13.11
N ILE D 57 0.37 10.99 12.52
CA ILE D 57 -0.21 12.19 11.95
C ILE D 57 -0.10 12.04 10.47
N SER D 58 -1.21 12.20 9.75
CA SER D 58 -1.07 12.00 8.33
C SER D 58 -1.91 12.88 7.46
N ILE D 59 -1.46 13.02 6.22
CA ILE D 59 -2.14 13.80 5.22
C ILE D 59 -2.43 13.02 3.98
N TYR D 60 -3.68 13.04 3.56
CA TYR D 60 -4.00 12.43 2.30
C TYR D 60 -3.95 13.45 1.20
N ARG D 61 -3.21 13.16 0.16
CA ARG D 61 -3.08 14.09 -0.93
C ARG D 61 -2.60 13.43 -2.20
N ASP D 62 -3.33 13.66 -3.28
CA ASP D 62 -2.94 13.18 -4.60
C ASP D 62 -2.62 11.68 -4.62
N LYS D 63 -3.52 10.88 -4.03
CA LYS D 63 -3.40 9.43 -3.94
C LYS D 63 -2.24 8.95 -3.06
N LEU D 64 -1.66 9.85 -2.30
CA LEU D 64 -0.58 9.51 -1.42
C LEU D 64 -0.91 9.81 0.02
N PHE D 65 -0.39 9.02 0.91
CA PHE D 65 -0.53 9.28 2.31
C PHE D 65 0.81 9.63 2.88
N PHE D 66 0.84 10.75 3.56
CA PHE D 66 2.05 11.16 4.20
C PHE D 66 1.88 10.82 5.63
N VAL D 67 2.48 9.73 6.07
CA VAL D 67 2.27 9.29 7.42
C VAL D 67 3.50 9.51 8.26
N SER D 68 3.40 10.43 9.19
CA SER D 68 4.53 10.69 10.05
C SER D 68 4.37 9.97 11.36
N VAL D 69 5.50 9.70 12.00
CA VAL D 69 5.49 9.03 13.27
C VAL D 69 6.08 9.91 14.33
N ILE D 70 5.29 10.16 15.37
CA ILE D 70 5.72 11.01 16.47
C ILE D 70 5.48 10.32 17.81
N GLN D 71 6.49 10.24 18.66
CA GLN D 71 6.28 9.61 19.98
C GLN D 71 5.94 10.57 21.12
N THR D 72 5.97 11.87 20.89
CA THR D 72 5.66 12.83 21.95
C THR D 72 4.60 13.85 21.52
N GLU D 73 4.19 14.71 22.43
CA GLU D 73 3.15 15.69 22.14
C GLU D 73 3.64 16.83 21.27
N VAL D 74 3.11 16.90 20.06
CA VAL D 74 3.43 17.97 19.13
C VAL D 74 2.13 18.52 18.56
N PRO D 75 1.93 19.84 18.56
CA PRO D 75 0.76 20.53 18.03
C PRO D 75 0.46 20.04 16.62
N PRO D 76 -0.68 19.39 16.41
CA PRO D 76 -1.13 18.76 15.18
C PRO D 76 -0.98 19.63 13.96
N LEU D 77 -1.30 20.92 14.05
CA LEU D 77 -1.19 21.73 12.86
C LEU D 77 0.23 22.05 12.52
N PHE D 78 1.10 22.06 13.51
CA PHE D 78 2.50 22.29 13.25
C PHE D 78 2.97 21.21 12.31
N VAL D 79 2.62 19.99 12.66
CA VAL D 79 2.99 18.83 11.87
C VAL D 79 2.30 18.81 10.54
N ILE D 80 1.00 19.07 10.53
CA ILE D 80 0.24 19.04 9.30
C ILE D 80 0.72 20.06 8.31
N GLU D 81 0.90 21.30 8.75
CA GLU D 81 1.42 22.29 7.83
C GLU D 81 2.77 21.89 7.30
N PHE D 82 3.62 21.35 8.16
CA PHE D 82 4.94 20.96 7.74
C PHE D 82 4.90 19.92 6.66
N LEU D 83 4.17 18.84 6.91
CA LEU D 83 4.10 17.78 5.93
C LEU D 83 3.49 18.25 4.65
N HIS D 84 2.48 19.10 4.76
CA HIS D 84 1.81 19.63 3.61
C HIS D 84 2.81 20.43 2.78
N ARG D 85 3.65 21.20 3.47
CA ARG D 85 4.66 22.02 2.83
C ARG D 85 5.64 21.14 2.08
N VAL D 86 5.98 20.00 2.66
CA VAL D 86 6.87 19.06 1.99
C VAL D 86 6.31 18.61 0.68
N ALA D 87 5.04 18.25 0.69
CA ALA D 87 4.41 17.84 -0.54
C ALA D 87 4.43 18.98 -1.56
N ASP D 88 4.22 20.21 -1.09
CA ASP D 88 4.27 21.37 -1.97
C ASP D 88 5.66 21.51 -2.58
N THR D 89 6.68 21.25 -1.78
CA THR D 89 8.05 21.31 -2.26
C THR D 89 8.26 20.31 -3.36
N PHE D 90 7.72 19.11 -3.20
CA PHE D 90 7.87 18.12 -4.23
C PHE D 90 7.22 18.61 -5.51
N GLN D 91 6.07 19.26 -5.39
CA GLN D 91 5.43 19.82 -6.56
C GLN D 91 6.33 20.84 -7.23
N ASP D 92 6.99 21.67 -6.42
CA ASP D 92 7.91 22.65 -6.95
C ASP D 92 9.04 22.02 -7.75
N TYR D 93 9.62 20.93 -7.23
CA TYR D 93 10.80 20.32 -7.88
C TYR D 93 10.42 19.33 -8.97
N PHE D 94 9.28 18.65 -8.83
CA PHE D 94 8.95 17.58 -9.81
C PHE D 94 7.56 17.77 -10.41
N GLY D 95 7.02 18.99 -10.36
CA GLY D 95 5.73 19.26 -11.03
C GLY D 95 4.56 18.89 -10.15
N GLU D 96 4.72 17.86 -9.32
CA GLU D 96 3.61 17.38 -8.45
C GLU D 96 4.11 16.25 -7.54
N CYS D 97 3.52 16.09 -6.35
CA CYS D 97 3.87 14.97 -5.47
C CYS D 97 3.15 13.70 -5.97
N SER D 98 3.85 12.85 -6.74
CA SER D 98 3.25 11.60 -7.27
C SER D 98 4.20 10.44 -7.00
N GLU D 99 3.68 9.21 -6.83
CA GLU D 99 4.58 8.14 -6.49
C GLU D 99 5.60 7.94 -7.60
N ALA D 100 5.19 8.21 -8.84
CA ALA D 100 6.07 8.06 -9.98
C ALA D 100 7.24 9.03 -9.86
N ALA D 101 6.92 10.27 -9.50
CA ALA D 101 7.95 11.28 -9.35
C ALA D 101 8.91 10.89 -8.26
N ILE D 102 8.38 10.25 -7.22
CA ILE D 102 9.23 9.84 -6.12
C ILE D 102 10.13 8.70 -6.52
N LYS D 103 9.58 7.64 -7.10
CA LYS D 103 10.42 6.51 -7.48
C LYS D 103 11.42 6.85 -8.58
N ASP D 104 11.15 7.89 -9.36
CA ASP D 104 12.10 8.26 -10.40
C ASP D 104 13.16 9.24 -9.91
N ASN D 105 12.99 9.79 -8.72
CA ASN D 105 13.94 10.75 -8.22
C ASN D 105 14.27 10.46 -6.77
N VAL D 106 14.35 9.19 -6.43
CA VAL D 106 14.54 8.76 -5.06
C VAL D 106 15.67 9.44 -4.35
N VAL D 107 16.84 9.44 -4.95
CA VAL D 107 17.97 10.05 -4.30
C VAL D 107 17.74 11.51 -4.06
N ILE D 108 17.20 12.19 -5.05
CA ILE D 108 16.96 13.61 -4.94
C ILE D 108 15.97 13.94 -3.86
N VAL D 109 14.85 13.23 -3.82
CA VAL D 109 13.86 13.55 -2.82
C VAL D 109 14.33 13.14 -1.47
N TYR D 110 15.15 12.09 -1.43
CA TYR D 110 15.67 11.66 -0.17
C TYR D 110 16.52 12.79 0.39
N GLU D 111 17.32 13.38 -0.48
CA GLU D 111 18.19 14.46 -0.10
C GLU D 111 17.41 15.69 0.31
N LEU D 112 16.34 15.99 -0.42
CA LEU D 112 15.52 17.14 -0.08
C LEU D 112 14.95 17.02 1.31
N LEU D 113 14.49 15.83 1.65
CA LEU D 113 13.94 15.58 2.96
C LEU D 113 14.98 15.75 4.03
N GLU D 114 16.20 15.34 3.75
CA GLU D 114 17.28 15.51 4.72
C GLU D 114 17.59 16.96 4.97
N GLU D 115 17.44 17.81 3.96
CA GLU D 115 17.66 19.22 4.17
C GLU D 115 16.50 19.90 4.86
N MET D 116 15.29 19.49 4.54
CA MET D 116 14.14 20.12 5.13
C MET D 116 13.90 19.76 6.58
N LEU D 117 14.09 18.52 6.95
CA LEU D 117 13.79 18.15 8.32
C LEU D 117 15.04 17.69 9.05
N ASP D 118 15.37 18.37 10.13
CA ASP D 118 16.57 18.07 10.89
C ASP D 118 16.25 17.45 12.23
N ASN D 119 16.41 16.15 12.36
CA ASN D 119 16.14 15.49 13.63
C ASN D 119 14.74 15.75 14.13
N GLY D 120 13.80 15.82 13.21
CA GLY D 120 12.42 16.08 13.57
C GLY D 120 12.07 17.55 13.70
N PHE D 121 13.01 18.46 13.45
CA PHE D 121 12.69 19.87 13.54
C PHE D 121 12.91 20.52 12.17
N PRO D 122 12.09 21.49 11.77
CA PRO D 122 12.16 22.21 10.51
C PRO D 122 13.50 22.88 10.34
N LEU D 123 14.15 22.62 9.22
CA LEU D 123 15.41 23.28 8.90
C LEU D 123 15.32 24.10 7.63
N ALA D 124 15.37 23.43 6.48
CA ALA D 124 15.22 24.16 5.23
C ALA D 124 13.76 24.27 4.91
N THR D 125 13.22 25.46 5.02
CA THR D 125 11.79 25.59 4.83
C THR D 125 11.41 26.57 3.75
N GLU D 126 12.27 27.53 3.50
CA GLU D 126 11.93 28.52 2.52
C GLU D 126 12.39 28.13 1.12
N SER D 127 11.42 27.97 0.23
CA SER D 127 11.60 27.56 -1.16
C SER D 127 12.86 28.08 -1.85
N ASN D 128 12.98 29.39 -1.95
CA ASN D 128 14.10 30.02 -2.64
C ASN D 128 15.45 29.72 -2.03
N ILE D 129 15.51 29.43 -0.73
CA ILE D 129 16.79 29.07 -0.19
C ILE D 129 17.07 27.65 -0.58
N LEU D 130 16.07 26.80 -0.40
CA LEU D 130 16.19 25.40 -0.74
C LEU D 130 16.57 25.21 -2.19
N LYS D 131 16.02 26.03 -3.08
CA LYS D 131 16.33 25.98 -4.49
C LYS D 131 17.80 26.19 -4.77
N GLU D 132 18.48 26.91 -3.90
CA GLU D 132 19.89 27.14 -4.06
C GLU D 132 20.70 26.09 -3.34
N LEU D 133 20.18 25.57 -2.24
CA LEU D 133 20.89 24.53 -1.55
C LEU D 133 20.97 23.29 -2.41
N ILE D 134 19.86 22.97 -3.07
CA ILE D 134 19.81 21.86 -4.00
C ILE D 134 19.17 22.29 -5.30
N LYS D 135 19.95 22.22 -6.37
CA LYS D 135 19.45 22.63 -7.65
C LYS D 135 18.38 21.67 -8.13
N PRO D 136 17.28 22.16 -8.68
CA PRO D 136 16.21 21.43 -9.31
C PRO D 136 16.81 20.58 -10.41
N PRO D 137 16.24 19.41 -10.66
CA PRO D 137 16.67 18.37 -11.57
C PRO D 137 16.39 18.70 -13.02
N THR D 138 17.03 19.75 -13.49
CA THR D 138 16.91 20.16 -14.87
C THR D 138 17.78 19.25 -15.69
N ILE D 139 17.22 18.68 -16.76
CA ILE D 139 17.97 17.73 -17.57
C ILE D 139 19.23 18.34 -18.15
N LEU D 140 19.19 19.63 -18.44
CA LEU D 140 20.33 20.33 -18.97
C LEU D 140 21.44 20.37 -17.94
N ARG D 141 21.07 20.55 -16.68
CA ARG D 141 22.03 20.57 -15.62
C ARG D 141 22.65 19.20 -15.43
N SER D 142 21.84 18.14 -15.55
CA SER D 142 22.37 16.80 -15.38
C SER D 142 23.38 16.46 -16.45
N VAL D 143 23.20 17.04 -17.63
CA VAL D 143 24.16 16.84 -18.69
C VAL D 143 25.45 17.51 -18.30
N VAL D 144 25.36 18.74 -17.85
CA VAL D 144 26.52 19.48 -17.39
C VAL D 144 27.21 18.74 -16.26
N ASN D 145 26.43 18.16 -15.37
CA ASN D 145 26.99 17.40 -14.26
C ASN D 145 27.80 16.22 -14.75
N SER D 146 27.29 15.51 -15.75
CA SER D 146 28.03 14.37 -16.28
C SER D 146 29.29 14.80 -17.03
N ILE D 147 29.27 16.00 -17.57
CA ILE D 147 30.41 16.54 -18.29
C ILE D 147 31.50 17.10 -17.40
N THR D 148 31.09 17.96 -16.48
CA THR D 148 32.01 18.68 -15.61
C THR D 148 32.20 18.06 -14.24
N GLY D 149 31.27 17.23 -13.83
CA GLY D 149 31.34 16.64 -12.51
C GLY D 149 30.69 17.57 -11.47
N SER D 150 29.99 18.60 -11.94
CA SER D 150 29.32 19.54 -11.06
C SER D 150 28.28 18.87 -10.19
N SER D 151 28.11 19.40 -8.98
CA SER D 151 27.16 18.90 -8.02
C SER D 151 25.82 19.61 -8.12
N ASN D 152 24.80 19.07 -7.47
CA ASN D 152 23.54 19.75 -7.38
C ASN D 152 23.44 20.39 -6.02
N VAL D 153 24.37 20.00 -5.15
CA VAL D 153 24.46 20.54 -3.82
C VAL D 153 25.42 21.70 -3.80
N GLY D 154 24.98 22.83 -3.27
CA GLY D 154 25.83 24.00 -3.23
C GLY D 154 26.81 23.91 -2.07
N ASP D 155 27.75 24.84 -2.02
CA ASP D 155 28.73 24.83 -0.96
C ASP D 155 28.79 26.16 -0.26
N THR D 156 27.84 27.02 -0.59
CA THR D 156 27.79 28.32 0.00
C THR D 156 26.41 28.58 0.50
N LEU D 157 26.29 28.92 1.77
CA LEU D 157 24.99 29.23 2.31
C LEU D 157 24.49 30.44 1.57
N PRO D 158 23.33 30.39 0.92
CA PRO D 158 22.73 31.47 0.18
C PRO D 158 22.68 32.69 1.07
N THR D 159 23.17 33.81 0.56
CA THR D 159 23.30 35.04 1.33
C THR D 159 21.98 35.44 1.94
N GLY D 160 20.90 35.25 1.19
CA GLY D 160 19.56 35.58 1.66
C GLY D 160 19.21 34.90 2.97
N GLN D 161 19.79 33.74 3.25
CA GLN D 161 19.56 33.02 4.49
C GLN D 161 19.92 33.85 5.69
N LEU D 162 20.93 34.68 5.57
CA LEU D 162 21.39 35.49 6.67
C LEU D 162 21.00 36.94 6.51
N SER D 163 20.11 37.23 5.56
CA SER D 163 19.69 38.60 5.32
C SER D 163 18.43 38.90 6.09
N ASN D 164 17.97 40.13 5.98
CA ASN D 164 16.73 40.54 6.62
C ASN D 164 15.53 40.27 5.71
N ILE D 165 15.77 39.61 4.57
CA ILE D 165 14.74 39.23 3.64
C ILE D 165 14.91 37.77 3.25
N PRO D 166 14.78 36.84 4.22
CA PRO D 166 15.02 35.41 4.14
C PRO D 166 14.16 34.69 3.14
N TRP D 167 13.09 35.30 2.68
CA TRP D 167 12.24 34.65 1.71
C TRP D 167 12.76 34.74 0.30
N ARG D 168 13.90 35.35 0.09
CA ARG D 168 14.38 35.45 -1.27
C ARG D 168 15.87 35.41 -1.44
N ARG D 169 16.27 35.20 -2.69
CA ARG D 169 17.67 35.10 -3.08
C ARG D 169 18.28 36.47 -3.28
N ALA D 170 19.60 36.50 -3.31
CA ALA D 170 20.31 37.74 -3.52
C ALA D 170 21.13 37.67 -4.79
N GLY D 171 21.27 38.81 -5.47
CA GLY D 171 22.09 38.89 -6.67
C GLY D 171 21.46 38.28 -7.91
N VAL D 172 20.14 38.14 -7.91
CA VAL D 172 19.48 37.54 -9.05
C VAL D 172 19.04 38.60 -10.03
N LYS D 173 19.41 38.40 -11.29
CA LYS D 173 19.07 39.36 -12.32
C LYS D 173 18.36 38.73 -13.50
N TYR D 174 17.56 39.54 -14.16
CA TYR D 174 16.83 39.15 -15.34
C TYR D 174 17.04 40.20 -16.41
N THR D 175 17.08 39.78 -17.67
CA THR D 175 17.12 40.78 -18.74
C THR D 175 15.71 41.10 -19.15
N ASN D 176 14.82 40.14 -18.94
CA ASN D 176 13.42 40.31 -19.21
C ASN D 176 12.73 40.65 -17.91
N ASN D 177 12.79 41.91 -17.51
CA ASN D 177 12.19 42.28 -16.24
C ASN D 177 10.69 42.33 -16.35
N GLU D 178 10.03 41.49 -15.58
CA GLU D 178 8.59 41.41 -15.61
C GLU D 178 7.99 40.87 -14.34
N ALA D 179 6.72 41.16 -14.15
CA ALA D 179 5.99 40.67 -13.00
C ALA D 179 4.54 40.42 -13.37
N TYR D 180 4.06 39.24 -13.04
CA TYR D 180 2.69 38.89 -13.36
C TYR D 180 1.86 38.73 -12.12
N PHE D 181 0.63 39.25 -12.18
CA PHE D 181 -0.29 39.14 -11.03
C PHE D 181 -1.53 38.38 -11.47
N ASP D 182 -2.04 37.51 -10.59
CA ASP D 182 -3.21 36.74 -10.91
C ASP D 182 -4.23 36.75 -9.79
N VAL D 183 -5.30 37.51 -10.00
CA VAL D 183 -6.37 37.63 -9.03
C VAL D 183 -7.37 36.54 -9.30
N VAL D 184 -7.44 35.56 -8.40
CA VAL D 184 -8.34 34.44 -8.55
C VAL D 184 -9.41 34.45 -7.50
N GLU D 185 -10.66 34.39 -7.93
CA GLU D 185 -11.73 34.35 -6.95
C GLU D 185 -12.52 33.08 -7.09
N GLU D 186 -13.00 32.57 -5.97
CA GLU D 186 -13.79 31.37 -5.96
C GLU D 186 -15.13 31.61 -5.31
N ILE D 187 -16.18 31.12 -5.94
CA ILE D 187 -17.49 31.31 -5.34
C ILE D 187 -17.95 30.12 -4.56
N ASP D 188 -18.06 30.32 -3.27
CA ASP D 188 -18.56 29.33 -2.36
C ASP D 188 -20.04 29.52 -2.23
N ALA D 189 -20.83 28.53 -2.62
CA ALA D 189 -22.26 28.75 -2.56
C ALA D 189 -23.07 27.48 -2.33
N ILE D 190 -24.15 27.65 -1.57
CA ILE D 190 -25.11 26.61 -1.30
C ILE D 190 -26.45 27.04 -1.85
N ILE D 191 -26.93 26.31 -2.84
CA ILE D 191 -28.20 26.62 -3.46
C ILE D 191 -29.19 25.55 -3.10
N ASP D 192 -30.40 25.92 -2.72
CA ASP D 192 -31.36 24.88 -2.33
C ASP D 192 -32.14 24.36 -3.53
N LYS D 193 -33.08 23.46 -3.26
CA LYS D 193 -33.92 22.87 -4.28
C LYS D 193 -34.69 23.90 -5.10
N SER D 194 -35.18 24.95 -4.44
CA SER D 194 -35.95 25.98 -5.12
C SER D 194 -35.09 26.90 -5.96
N GLY D 195 -33.77 26.81 -5.82
CA GLY D 195 -32.87 27.68 -6.54
C GLY D 195 -32.54 28.91 -5.70
N SER D 196 -32.98 28.93 -4.44
CA SER D 196 -32.68 30.05 -3.59
C SER D 196 -31.28 29.95 -3.03
N THR D 197 -30.67 31.10 -2.78
CA THR D 197 -29.33 31.09 -2.24
C THR D 197 -29.38 30.87 -0.75
N VAL D 198 -28.82 29.76 -0.32
CA VAL D 198 -28.78 29.46 1.09
C VAL D 198 -27.64 30.19 1.75
N PHE D 199 -26.47 30.02 1.16
CA PHE D 199 -25.26 30.59 1.69
C PHE D 199 -24.25 30.91 0.62
N ALA D 200 -23.60 32.06 0.71
CA ALA D 200 -22.57 32.33 -0.26
C ALA D 200 -21.55 33.34 0.23
N GLU D 201 -20.32 33.16 -0.23
CA GLU D 201 -19.23 34.07 0.10
C GLU D 201 -18.16 33.99 -0.97
N ILE D 202 -17.27 34.97 -1.02
CA ILE D 202 -16.24 34.90 -2.05
C ILE D 202 -14.86 34.74 -1.45
N GLN D 203 -14.15 33.74 -1.95
CA GLN D 203 -12.80 33.47 -1.53
C GLN D 203 -11.82 33.90 -2.57
N GLY D 204 -10.99 34.88 -2.27
CA GLY D 204 -10.05 35.32 -3.26
C GLY D 204 -8.61 35.09 -2.86
N VAL D 205 -7.74 35.04 -3.85
CA VAL D 205 -6.31 34.87 -3.62
C VAL D 205 -5.53 35.50 -4.75
N ILE D 206 -4.45 36.18 -4.41
CA ILE D 206 -3.64 36.80 -5.42
C ILE D 206 -2.25 36.22 -5.45
N ASP D 207 -1.93 35.60 -6.57
CA ASP D 207 -0.62 35.02 -6.80
C ASP D 207 0.19 35.91 -7.73
N ALA D 208 1.47 35.64 -7.82
CA ALA D 208 2.31 36.41 -8.71
C ALA D 208 3.57 35.67 -9.12
N CYS D 209 4.08 36.04 -10.29
CA CYS D 209 5.33 35.51 -10.76
C CYS D 209 6.30 36.65 -10.88
N ILE D 210 7.35 36.61 -10.07
CA ILE D 210 8.29 37.72 -10.06
C ILE D 210 9.59 37.41 -10.78
N LYS D 211 9.83 38.16 -11.85
CA LYS D 211 11.05 38.04 -12.64
C LYS D 211 11.71 39.38 -12.73
N LEU D 212 11.79 40.04 -11.60
CA LEU D 212 12.38 41.36 -11.56
C LEU D 212 13.80 41.31 -11.03
N SER D 213 14.71 42.03 -11.69
CA SER D 213 16.10 42.04 -11.27
C SER D 213 16.34 42.75 -9.96
N GLY D 214 17.30 42.26 -9.20
CA GLY D 214 17.70 42.88 -7.95
C GLY D 214 16.67 42.75 -6.85
N MET D 215 16.47 43.84 -6.12
CA MET D 215 15.60 43.89 -4.95
C MET D 215 14.56 44.99 -4.99
N PRO D 216 13.64 44.96 -5.95
CA PRO D 216 12.57 45.91 -6.17
C PRO D 216 11.58 45.87 -5.03
N ASP D 217 11.15 47.05 -4.63
CA ASP D 217 10.19 47.17 -3.57
C ASP D 217 8.84 47.43 -4.15
N LEU D 218 7.99 46.43 -4.15
CA LEU D 218 6.70 46.60 -4.78
C LEU D 218 5.69 47.22 -3.85
N SER D 219 4.77 47.95 -4.46
CA SER D 219 3.71 48.62 -3.74
C SER D 219 2.41 48.39 -4.47
N LEU D 220 1.58 47.54 -3.89
CA LEU D 220 0.31 47.20 -4.51
C LEU D 220 -0.85 47.85 -3.77
N SER D 221 -1.70 48.54 -4.51
CA SER D 221 -2.85 49.21 -3.92
C SER D 221 -4.10 49.00 -4.73
N PHE D 222 -5.24 49.08 -4.08
CA PHE D 222 -6.52 48.82 -4.73
C PHE D 222 -7.40 50.05 -4.87
N MET D 223 -8.29 49.99 -5.85
CA MET D 223 -9.27 51.05 -6.09
C MET D 223 -10.42 50.96 -5.11
N ASN D 224 -10.57 49.80 -4.51
CA ASN D 224 -11.68 49.50 -3.63
C ASN D 224 -11.36 48.49 -2.54
N PRO D 225 -10.30 48.76 -1.74
CA PRO D 225 -9.72 47.96 -0.67
C PRO D 225 -10.70 47.73 0.45
N ARG D 226 -11.72 48.57 0.50
CA ARG D 226 -12.80 48.45 1.45
C ARG D 226 -13.59 47.15 1.29
N LEU D 227 -13.46 46.51 0.11
CA LEU D 227 -14.15 45.26 -0.12
C LEU D 227 -13.35 44.07 0.37
N LEU D 228 -12.13 44.32 0.80
CA LEU D 228 -11.29 43.26 1.29
C LEU D 228 -11.46 43.12 2.77
N ASP D 229 -11.59 41.90 3.24
CA ASP D 229 -11.59 41.68 4.65
C ASP D 229 -11.05 40.33 4.99
N ASP D 230 -10.55 40.22 6.21
CA ASP D 230 -9.99 38.99 6.71
C ASP D 230 -8.93 38.51 5.73
N VAL D 231 -8.02 39.42 5.41
CA VAL D 231 -7.00 39.17 4.42
C VAL D 231 -5.79 38.51 5.05
N SER D 232 -5.31 37.43 4.45
CA SER D 232 -4.09 36.84 4.98
C SER D 232 -2.92 37.51 4.32
N PHE D 233 -1.79 37.49 4.99
CA PHE D 233 -0.63 38.12 4.40
C PHE D 233 0.59 37.24 4.47
N HIS D 234 1.29 37.12 3.36
CA HIS D 234 2.57 36.46 3.40
C HIS D 234 3.50 37.34 4.22
N PRO D 235 4.32 36.79 5.12
CA PRO D 235 5.26 37.45 6.02
C PRO D 235 6.12 38.52 5.34
N CYS D 236 6.40 38.37 4.05
CA CYS D 236 7.16 39.39 3.34
C CYS D 236 6.47 40.76 3.30
N ILE D 237 5.16 40.80 3.56
CA ILE D 237 4.39 42.03 3.52
C ILE D 237 4.54 42.88 4.76
N ARG D 238 4.76 44.17 4.55
CA ARG D 238 4.88 45.13 5.64
C ARG D 238 3.51 45.49 6.19
N PHE D 239 2.98 44.57 6.98
CA PHE D 239 1.67 44.65 7.60
C PHE D 239 1.35 46.01 8.18
N LYS D 240 2.31 46.61 8.87
CA LYS D 240 2.11 47.91 9.45
C LYS D 240 1.64 48.94 8.43
N ARG D 241 2.22 48.90 7.23
CA ARG D 241 1.85 49.84 6.19
C ARG D 241 0.53 49.45 5.59
N TRP D 242 0.25 48.15 5.58
CA TRP D 242 -1.07 47.74 5.21
C TRP D 242 -2.08 48.36 6.14
N GLU D 243 -1.75 48.44 7.41
CA GLU D 243 -2.68 49.02 8.33
C GLU D 243 -2.76 50.54 8.27
N SER D 244 -1.62 51.21 8.18
CA SER D 244 -1.65 52.66 8.22
C SER D 244 -1.86 53.32 6.88
N GLU D 245 -1.45 52.67 5.81
CA GLU D 245 -1.61 53.24 4.50
C GLU D 245 -2.61 52.48 3.68
N ARG D 246 -2.82 51.21 4.04
CA ARG D 246 -3.68 50.32 3.26
C ARG D 246 -2.95 50.04 1.98
N VAL D 247 -1.64 49.83 2.12
CA VAL D 247 -0.79 49.54 0.98
C VAL D 247 0.10 48.33 1.19
N LEU D 248 0.11 47.45 0.21
CA LEU D 248 0.92 46.25 0.28
C LEU D 248 2.33 46.50 -0.18
N SER D 249 3.15 47.03 0.72
CA SER D 249 4.56 47.28 0.41
C SER D 249 5.43 46.10 0.78
N PHE D 250 6.24 45.65 -0.17
CA PHE D 250 7.13 44.52 0.09
C PHE D 250 8.13 44.27 -1.00
N ILE D 251 9.22 43.61 -0.65
CA ILE D 251 10.17 43.15 -1.64
C ILE D 251 9.92 41.68 -1.77
N PRO D 252 9.37 41.24 -2.89
CA PRO D 252 8.93 39.90 -3.17
C PRO D 252 10.07 38.96 -3.46
N PRO D 253 9.81 37.68 -3.27
CA PRO D 253 10.63 36.55 -3.60
C PRO D 253 10.55 36.23 -5.05
N ASP D 254 11.54 35.53 -5.54
CA ASP D 254 11.62 35.17 -6.94
C ASP D 254 10.61 34.11 -7.34
N GLY D 255 10.16 34.19 -8.58
CA GLY D 255 9.31 33.18 -9.21
C GLY D 255 7.90 33.07 -8.68
N ASN D 256 7.40 31.84 -8.68
CA ASN D 256 6.04 31.50 -8.25
C ASN D 256 5.81 31.95 -6.83
N PHE D 257 4.82 32.79 -6.64
CA PHE D 257 4.61 33.32 -5.32
C PHE D 257 3.18 33.70 -4.96
N ARG D 258 2.70 33.19 -3.83
CA ARG D 258 1.38 33.57 -3.35
C ARG D 258 1.49 34.76 -2.42
N LEU D 259 0.79 35.83 -2.75
CA LEU D 259 0.92 37.07 -1.99
C LEU D 259 -0.09 37.18 -0.85
N ILE D 260 -1.37 37.23 -1.20
CA ILE D 260 -2.43 37.37 -0.20
C ILE D 260 -3.66 36.57 -0.51
N SER D 261 -4.54 36.46 0.48
CA SER D 261 -5.83 35.84 0.25
C SER D 261 -6.84 36.64 1.01
N TYR D 262 -8.08 36.62 0.58
CA TYR D 262 -9.05 37.47 1.21
C TYR D 262 -10.46 36.99 1.09
N ARG D 263 -11.33 37.57 1.88
CA ARG D 263 -12.71 37.20 1.84
C ARG D 263 -13.57 38.39 1.55
N VAL D 264 -14.63 38.16 0.80
CA VAL D 264 -15.56 39.23 0.53
C VAL D 264 -16.73 39.04 1.44
N SER D 265 -17.00 40.09 2.20
CA SER D 265 -18.05 40.14 3.20
C SER D 265 -19.42 39.80 2.67
N SER D 266 -20.14 39.03 3.48
CA SER D 266 -21.47 38.57 3.19
C SER D 266 -22.49 39.69 3.10
N GLN D 267 -22.12 40.88 3.60
CA GLN D 267 -22.98 42.05 3.50
C GLN D 267 -23.35 42.36 2.06
N ASN D 268 -22.47 41.99 1.13
CA ASN D 268 -22.77 42.16 -0.27
C ASN D 268 -23.26 40.84 -0.82
N LEU D 269 -24.38 40.89 -1.52
CA LEU D 269 -24.92 39.68 -2.09
C LEU D 269 -23.98 39.12 -3.14
N VAL D 270 -23.61 37.87 -2.98
CA VAL D 270 -22.72 37.25 -3.92
C VAL D 270 -23.47 36.84 -5.15
N ALA D 271 -23.06 37.41 -6.27
CA ALA D 271 -23.69 37.08 -7.53
C ALA D 271 -23.47 35.64 -7.89
N ILE D 272 -24.53 34.97 -8.31
CA ILE D 272 -24.41 33.61 -8.76
C ILE D 272 -24.58 33.58 -10.27
N PRO D 273 -23.54 33.22 -11.02
CA PRO D 273 -23.47 33.20 -12.46
C PRO D 273 -24.21 32.07 -13.10
N VAL D 274 -24.54 31.05 -12.34
CA VAL D 274 -25.18 29.88 -12.92
C VAL D 274 -26.44 29.46 -12.20
N TYR D 275 -27.48 29.17 -12.96
CA TYR D 275 -28.66 28.61 -12.33
C TYR D 275 -28.87 27.22 -12.88
N VAL D 276 -29.61 26.42 -12.13
CA VAL D 276 -29.87 25.07 -12.58
C VAL D 276 -31.33 24.71 -12.52
N LYS D 277 -31.86 24.22 -13.61
CA LYS D 277 -33.23 23.70 -13.61
C LYS D 277 -33.08 22.21 -13.52
N HIS D 278 -33.93 21.56 -12.77
CA HIS D 278 -33.72 20.15 -12.60
C HIS D 278 -34.97 19.38 -12.25
N SER D 279 -34.95 18.10 -12.60
CA SER D 279 -36.02 17.20 -12.26
C SER D 279 -35.55 15.77 -12.38
N ILE D 280 -35.67 15.02 -11.30
CA ILE D 280 -35.32 13.61 -11.35
C ILE D 280 -36.48 12.82 -10.78
N SER D 281 -37.01 11.90 -11.57
CA SER D 281 -38.15 11.13 -11.12
C SER D 281 -37.77 9.72 -10.76
N PHE D 282 -38.09 9.34 -9.53
CA PHE D 282 -37.86 7.99 -9.06
C PHE D 282 -39.13 7.33 -8.57
N LYS D 283 -39.70 6.45 -9.38
CA LYS D 283 -40.84 5.71 -8.89
C LYS D 283 -40.31 4.56 -8.05
N GLU D 284 -40.84 4.42 -6.84
CA GLU D 284 -40.39 3.39 -5.92
C GLU D 284 -40.53 2.00 -6.53
N ASN D 285 -39.42 1.23 -6.50
CA ASN D 285 -39.32 -0.13 -7.03
C ASN D 285 -39.43 -0.24 -8.56
N SER D 286 -39.35 0.89 -9.26
CA SER D 286 -39.40 0.90 -10.72
C SER D 286 -38.10 0.50 -11.35
N SER D 287 -38.20 -0.06 -12.56
CA SER D 287 -37.04 -0.44 -13.34
C SER D 287 -36.41 0.79 -14.02
N CYS D 288 -37.09 1.93 -13.97
CA CYS D 288 -36.54 3.12 -14.58
C CYS D 288 -37.20 4.40 -14.08
N GLY D 289 -36.54 5.51 -14.33
CA GLY D 289 -37.03 6.83 -13.93
C GLY D 289 -36.69 7.88 -14.99
N ARG D 290 -36.62 9.13 -14.58
CA ARG D 290 -36.35 10.21 -15.52
C ARG D 290 -35.30 11.19 -15.01
N PHE D 291 -34.48 11.70 -15.90
CA PHE D 291 -33.47 12.69 -15.52
C PHE D 291 -33.47 13.90 -16.46
N ASP D 292 -33.57 15.08 -15.86
CA ASP D 292 -33.60 16.31 -16.62
C ASP D 292 -32.86 17.44 -15.93
N ILE D 293 -31.74 17.90 -16.51
CA ILE D 293 -31.04 19.03 -15.92
C ILE D 293 -30.68 20.05 -16.98
N THR D 294 -30.85 21.32 -16.64
CA THR D 294 -30.49 22.39 -17.55
C THR D 294 -29.58 23.37 -16.85
N ILE D 295 -28.48 23.70 -17.50
CA ILE D 295 -27.51 24.63 -16.96
C ILE D 295 -27.60 25.94 -17.70
N GLY D 296 -27.73 27.03 -16.98
CA GLY D 296 -27.77 28.29 -17.69
C GLY D 296 -27.14 29.39 -16.88
N PRO D 297 -26.90 30.51 -17.52
CA PRO D 297 -26.27 31.71 -17.03
C PRO D 297 -27.24 32.50 -16.21
N LYS D 298 -26.73 33.24 -15.26
CA LYS D 298 -27.58 34.05 -14.43
C LYS D 298 -26.89 35.37 -14.22
N GLN D 299 -26.06 35.48 -13.21
CA GLN D 299 -25.33 36.73 -13.04
C GLN D 299 -23.93 36.58 -13.61
N ASN D 300 -23.85 36.44 -14.93
CA ASN D 300 -22.58 36.19 -15.58
C ASN D 300 -21.85 37.46 -15.94
N MET D 301 -22.43 38.61 -15.60
CA MET D 301 -21.85 39.91 -15.84
C MET D 301 -21.50 40.17 -17.29
N GLY D 302 -22.21 39.53 -18.22
CA GLY D 302 -21.95 39.73 -19.64
C GLY D 302 -20.74 38.93 -20.13
N LYS D 303 -20.19 38.06 -19.28
CA LYS D 303 -19.02 37.30 -19.62
C LYS D 303 -19.39 35.86 -19.96
N THR D 304 -18.48 35.18 -20.63
CA THR D 304 -18.71 33.78 -21.01
C THR D 304 -18.38 32.83 -19.88
N ILE D 305 -19.29 31.90 -19.64
CA ILE D 305 -19.06 30.89 -18.63
C ILE D 305 -18.53 29.66 -19.34
N GLU D 306 -17.38 29.18 -18.93
CA GLU D 306 -16.71 28.12 -19.67
C GLU D 306 -16.00 27.15 -18.76
N GLY D 307 -15.68 25.96 -19.28
CA GLY D 307 -15.01 24.95 -18.47
C GLY D 307 -15.99 24.42 -17.45
N ILE D 308 -17.21 24.19 -17.91
CA ILE D 308 -18.27 23.81 -17.03
C ILE D 308 -18.40 22.30 -16.90
N THR D 309 -18.40 21.81 -15.67
CA THR D 309 -18.53 20.37 -15.40
C THR D 309 -19.54 20.07 -14.31
N VAL D 310 -20.41 19.11 -14.55
CA VAL D 310 -21.38 18.75 -13.54
C VAL D 310 -21.17 17.32 -13.04
N THR D 311 -20.99 17.15 -11.74
CA THR D 311 -20.78 15.83 -11.16
C THR D 311 -21.85 15.49 -10.13
N VAL D 312 -22.44 14.31 -10.29
CA VAL D 312 -23.49 13.86 -9.39
C VAL D 312 -23.29 12.42 -8.88
N HIS D 313 -23.38 12.23 -7.57
CA HIS D 313 -23.23 10.89 -7.00
C HIS D 313 -24.59 10.26 -6.76
N MET D 314 -24.95 9.32 -7.62
CA MET D 314 -26.26 8.71 -7.59
C MET D 314 -26.34 7.59 -6.56
N PRO D 315 -27.56 7.29 -6.06
CA PRO D 315 -27.89 6.25 -5.10
C PRO D 315 -27.80 4.87 -5.75
N LYS D 316 -27.69 3.84 -4.91
CA LYS D 316 -27.50 2.46 -5.35
C LYS D 316 -28.61 1.93 -6.25
N VAL D 317 -29.81 2.49 -6.13
CA VAL D 317 -30.92 2.12 -7.01
C VAL D 317 -30.62 2.40 -8.47
N VAL D 318 -29.72 3.35 -8.74
CA VAL D 318 -29.40 3.67 -10.11
C VAL D 318 -28.43 2.67 -10.66
N LEU D 319 -28.79 2.06 -11.78
CA LEU D 319 -27.93 1.07 -12.41
C LEU D 319 -27.20 1.66 -13.61
N ASN D 320 -27.90 2.45 -14.40
CA ASN D 320 -27.30 3.06 -15.57
C ASN D 320 -28.18 4.23 -16.03
N MET D 321 -27.80 4.92 -17.09
CA MET D 321 -28.62 6.03 -17.56
C MET D 321 -28.68 6.17 -19.08
N ASN D 322 -29.86 6.55 -19.54
CA ASN D 322 -30.14 6.74 -20.96
C ASN D 322 -30.21 8.23 -21.26
N LEU D 323 -29.08 8.93 -21.18
CA LEU D 323 -29.16 10.37 -21.35
C LEU D 323 -28.53 10.87 -22.64
N THR D 324 -29.10 11.94 -23.17
CA THR D 324 -28.55 12.58 -24.35
C THR D 324 -28.21 14.04 -24.04
N PRO D 325 -26.94 14.42 -24.11
CA PRO D 325 -26.41 15.75 -23.90
C PRO D 325 -26.63 16.62 -25.11
N THR D 326 -26.76 17.92 -24.89
CA THR D 326 -26.88 18.87 -25.98
C THR D 326 -25.51 19.33 -26.45
N GLN D 327 -24.50 19.07 -25.63
CA GLN D 327 -23.13 19.42 -25.95
C GLN D 327 -22.20 18.84 -24.92
N GLY D 328 -20.91 18.98 -25.17
CA GLY D 328 -19.91 18.44 -24.27
C GLY D 328 -20.00 16.92 -24.23
N SER D 329 -20.12 16.33 -23.05
CA SER D 329 -20.15 14.87 -23.01
C SER D 329 -20.75 14.21 -21.78
N TYR D 330 -21.68 13.32 -22.05
CA TYR D 330 -22.33 12.49 -21.06
C TYR D 330 -21.65 11.18 -20.79
N THR D 331 -21.34 10.92 -19.52
CA THR D 331 -20.79 9.65 -19.15
C THR D 331 -21.30 9.25 -17.78
N PHE D 332 -21.34 7.97 -17.52
CA PHE D 332 -21.84 7.48 -16.26
C PHE D 332 -21.10 6.24 -15.80
N ASP D 333 -20.70 6.24 -14.55
CA ASP D 333 -20.01 5.11 -13.96
C ASP D 333 -20.93 4.29 -13.08
N PRO D 334 -21.40 3.13 -13.55
CA PRO D 334 -22.31 2.22 -12.87
C PRO D 334 -21.64 1.51 -11.71
N VAL D 335 -20.31 1.57 -11.64
CA VAL D 335 -19.59 0.95 -10.55
C VAL D 335 -19.72 1.77 -9.30
N THR D 336 -19.49 3.07 -9.42
CA THR D 336 -19.58 3.96 -8.27
C THR D 336 -20.79 4.89 -8.38
N LYS D 337 -21.65 4.66 -9.39
CA LYS D 337 -22.86 5.44 -9.60
C LYS D 337 -22.57 6.91 -9.77
N VAL D 338 -21.56 7.23 -10.57
CA VAL D 338 -21.20 8.63 -10.75
C VAL D 338 -21.57 9.15 -12.11
N LEU D 339 -22.33 10.21 -12.09
CA LEU D 339 -22.77 10.86 -13.29
C LEU D 339 -21.91 12.06 -13.56
N THR D 340 -21.26 12.07 -14.71
CA THR D 340 -20.42 13.20 -15.05
C THR D 340 -20.79 13.78 -16.41
N TRP D 341 -21.09 15.06 -16.40
CA TRP D 341 -21.42 15.72 -17.62
C TRP D 341 -20.49 16.86 -17.92
N ASP D 342 -19.72 16.70 -18.98
CA ASP D 342 -18.87 17.77 -19.42
C ASP D 342 -19.76 18.74 -20.14
N VAL D 343 -20.00 19.88 -19.55
CA VAL D 343 -20.87 20.84 -20.19
C VAL D 343 -20.13 21.66 -21.23
N GLY D 344 -18.99 22.23 -20.84
CA GLY D 344 -18.23 23.07 -21.76
C GLY D 344 -18.48 24.55 -21.47
N LYS D 345 -19.06 25.26 -22.43
CA LYS D 345 -19.34 26.67 -22.19
C LYS D 345 -20.74 27.03 -22.63
N ILE D 346 -21.25 28.13 -22.10
CA ILE D 346 -22.60 28.55 -22.42
C ILE D 346 -22.71 29.57 -23.51
N THR D 347 -23.49 29.22 -24.52
CA THR D 347 -23.84 30.12 -25.60
C THR D 347 -25.32 30.44 -25.42
N PRO D 348 -25.71 31.71 -25.31
CA PRO D 348 -27.04 32.23 -25.02
C PRO D 348 -28.07 31.86 -26.07
N GLN D 349 -27.61 31.46 -27.24
CA GLN D 349 -28.46 31.06 -28.33
C GLN D 349 -29.18 29.75 -28.04
N LYS D 350 -28.63 28.97 -27.13
CA LYS D 350 -29.23 27.72 -26.70
C LYS D 350 -28.52 27.24 -25.48
N LEU D 351 -29.25 27.08 -24.40
CA LEU D 351 -28.61 26.68 -23.18
C LEU D 351 -28.49 25.18 -23.14
N PRO D 352 -27.40 24.67 -22.58
CA PRO D 352 -27.02 23.28 -22.48
C PRO D 352 -27.90 22.51 -21.53
N SER D 353 -28.10 21.24 -21.85
CA SER D 353 -28.87 20.38 -20.98
C SER D 353 -28.50 18.92 -21.19
N LEU D 354 -28.92 18.10 -20.25
CA LEU D 354 -28.71 16.67 -20.30
C LEU D 354 -30.01 16.01 -19.93
N LYS D 355 -30.56 15.21 -20.83
CA LYS D 355 -31.86 14.64 -20.53
C LYS D 355 -32.14 13.30 -21.12
N GLY D 356 -32.90 12.51 -20.38
CA GLY D 356 -33.29 11.20 -20.82
C GLY D 356 -33.90 10.42 -19.68
N LEU D 357 -33.70 9.12 -19.70
CA LEU D 357 -34.26 8.26 -18.67
C LEU D 357 -33.16 7.63 -17.84
N VAL D 358 -33.54 7.12 -16.68
CA VAL D 358 -32.60 6.48 -15.78
C VAL D 358 -32.91 5.02 -15.61
N ASN D 359 -31.90 4.18 -15.73
CA ASN D 359 -32.11 2.75 -15.56
C ASN D 359 -31.97 2.43 -14.09
N LEU D 360 -33.07 2.03 -13.46
CA LEU D 360 -33.08 1.76 -12.03
C LEU D 360 -33.18 0.29 -11.71
N GLN D 361 -32.86 -0.03 -10.47
CA GLN D 361 -32.99 -1.39 -10.02
C GLN D 361 -34.42 -1.72 -9.66
N SER D 362 -35.02 -2.58 -10.46
CA SER D 362 -36.37 -3.04 -10.20
C SER D 362 -36.44 -3.72 -8.85
N GLY D 363 -37.45 -3.38 -8.08
CA GLY D 363 -37.61 -3.94 -6.74
C GLY D 363 -36.92 -3.11 -5.67
N ALA D 364 -36.06 -2.17 -6.07
CA ALA D 364 -35.40 -1.32 -5.10
C ALA D 364 -36.17 0.00 -5.00
N PRO D 365 -36.39 0.51 -3.81
CA PRO D 365 -37.15 1.70 -3.49
C PRO D 365 -36.44 2.98 -3.88
N LYS D 366 -37.25 4.00 -4.14
CA LYS D 366 -36.76 5.31 -4.52
C LYS D 366 -36.06 5.98 -3.35
N PRO D 367 -35.05 6.78 -3.60
CA PRO D 367 -34.25 7.53 -2.65
C PRO D 367 -35.06 8.65 -2.06
N GLU D 368 -34.76 8.97 -0.82
CA GLU D 368 -35.40 10.03 -0.06
C GLU D 368 -34.98 11.44 -0.49
N GLU D 369 -33.91 11.54 -1.27
CA GLU D 369 -33.43 12.82 -1.74
C GLU D 369 -32.77 12.66 -3.07
N ASN D 370 -32.66 13.72 -3.85
CA ASN D 370 -31.88 13.57 -5.05
C ASN D 370 -30.49 14.03 -4.64
N PRO D 371 -29.44 13.46 -5.19
CA PRO D 371 -28.05 13.79 -4.94
C PRO D 371 -27.80 15.25 -5.26
N SER D 372 -26.97 15.89 -4.45
CA SER D 372 -26.64 17.28 -4.67
C SER D 372 -25.79 17.44 -5.93
N LEU D 373 -25.73 18.64 -6.46
CA LEU D 373 -24.99 18.86 -7.69
C LEU D 373 -23.68 19.56 -7.41
N ASN D 374 -22.60 19.01 -7.95
CA ASN D 374 -21.31 19.66 -7.81
C ASN D 374 -20.97 20.25 -9.16
N ILE D 375 -20.89 21.56 -9.23
CA ILE D 375 -20.71 22.15 -10.54
C ILE D 375 -19.51 23.09 -10.63
N GLN D 376 -18.66 22.83 -11.63
CA GLN D 376 -17.47 23.62 -11.87
C GLN D 376 -17.69 24.59 -13.01
N PHE D 377 -16.99 25.71 -12.98
CA PHE D 377 -17.07 26.69 -14.06
C PHE D 377 -16.02 27.78 -13.92
N LYS D 378 -15.74 28.46 -15.02
CA LYS D 378 -14.78 29.55 -15.01
C LYS D 378 -15.17 30.72 -15.86
N ILE D 379 -14.93 31.92 -15.35
CA ILE D 379 -15.14 33.12 -16.13
C ILE D 379 -13.87 33.94 -16.16
N GLN D 380 -13.29 34.09 -17.34
CA GLN D 380 -12.06 34.85 -17.47
C GLN D 380 -12.33 36.32 -17.58
N GLN D 381 -11.32 37.12 -17.27
CA GLN D 381 -11.41 38.57 -17.31
C GLN D 381 -12.50 39.07 -16.39
N LEU D 382 -12.68 38.41 -15.26
CA LEU D 382 -13.71 38.83 -14.35
C LEU D 382 -13.46 38.49 -12.90
N ALA D 383 -13.36 39.53 -12.08
CA ALA D 383 -13.32 39.37 -10.65
C ALA D 383 -14.73 39.59 -10.19
N ILE D 384 -15.43 38.53 -9.83
CA ILE D 384 -16.83 38.67 -9.46
C ILE D 384 -17.06 39.61 -8.29
N SER D 385 -16.07 39.78 -7.41
CA SER D 385 -16.23 40.70 -6.31
C SER D 385 -16.21 42.15 -6.76
N GLY D 386 -15.67 42.40 -7.95
CA GLY D 386 -15.52 43.76 -8.43
C GLY D 386 -14.20 44.37 -7.97
N LEU D 387 -13.36 43.57 -7.30
CA LEU D 387 -12.07 44.05 -6.85
C LEU D 387 -11.23 44.53 -8.00
N LYS D 388 -10.69 45.73 -7.86
CA LYS D 388 -9.86 46.30 -8.90
C LYS D 388 -8.62 46.92 -8.32
N VAL D 389 -7.49 46.63 -8.93
CA VAL D 389 -6.23 47.17 -8.47
C VAL D 389 -5.99 48.59 -8.95
N ASN D 390 -5.57 49.46 -8.05
CA ASN D 390 -5.28 50.85 -8.35
C ASN D 390 -3.90 51.03 -8.92
N ARG D 391 -2.89 50.69 -8.13
CA ARG D 391 -1.53 50.89 -8.59
C ARG D 391 -0.56 49.81 -8.21
N LEU D 392 0.43 49.64 -9.07
CA LEU D 392 1.55 48.77 -8.82
C LEU D 392 2.83 49.55 -9.02
N ASP D 393 3.47 49.92 -7.93
CA ASP D 393 4.69 50.70 -8.02
C ASP D 393 5.90 49.93 -7.55
N MET D 394 7.06 50.36 -8.02
CA MET D 394 8.30 49.68 -7.67
C MET D 394 9.39 50.66 -7.28
N TYR D 395 10.11 50.35 -6.21
CA TYR D 395 11.17 51.24 -5.78
C TYR D 395 12.49 50.51 -5.58
N GLY D 396 13.58 51.23 -5.76
CA GLY D 396 14.92 50.68 -5.55
C GLY D 396 15.62 50.20 -6.82
N GLU D 397 14.85 49.94 -7.87
CA GLU D 397 15.45 49.51 -9.13
C GLU D 397 15.18 50.58 -10.18
N LYS D 398 15.87 50.50 -11.31
CA LYS D 398 15.75 51.56 -12.31
C LYS D 398 15.01 51.17 -13.58
N TYR D 399 15.00 49.88 -13.90
CA TYR D 399 14.33 49.43 -15.11
C TYR D 399 12.83 49.59 -15.02
N LYS D 400 12.17 49.46 -16.16
CA LYS D 400 10.73 49.62 -16.28
C LYS D 400 10.14 48.32 -16.80
N PRO D 401 9.83 47.38 -15.91
CA PRO D 401 9.43 46.02 -16.15
C PRO D 401 8.04 45.87 -16.69
N PHE D 402 7.80 44.75 -17.33
CA PHE D 402 6.49 44.47 -17.81
C PHE D 402 5.58 44.26 -16.63
N LYS D 403 4.49 44.97 -16.59
CA LYS D 403 3.56 44.80 -15.51
C LYS D 403 2.25 44.30 -16.05
N GLY D 404 1.81 43.14 -15.57
CA GLY D 404 0.55 42.59 -16.06
C GLY D 404 -0.25 41.89 -14.98
N VAL D 405 -1.57 41.95 -15.09
CA VAL D 405 -2.45 41.35 -14.11
C VAL D 405 -3.69 40.73 -14.73
N LYS D 406 -4.13 39.62 -14.20
CA LYS D 406 -5.37 39.01 -14.68
C LYS D 406 -6.41 38.92 -13.60
N TYR D 407 -7.66 38.90 -14.03
CA TYR D 407 -8.78 38.77 -13.12
C TYR D 407 -9.63 37.61 -13.59
N VAL D 408 -9.86 36.64 -12.73
CA VAL D 408 -10.63 35.47 -13.12
C VAL D 408 -11.40 34.88 -11.96
N THR D 409 -12.62 34.43 -12.22
CA THR D 409 -13.41 33.82 -11.18
C THR D 409 -13.79 32.40 -11.54
N LYS D 410 -13.58 31.50 -10.61
CA LYS D 410 -13.85 30.09 -10.81
C LYS D 410 -14.82 29.57 -9.78
N ALA D 411 -15.43 28.43 -10.06
CA ALA D 411 -16.29 27.83 -9.09
C ALA D 411 -15.51 27.50 -7.84
N GLY D 412 -16.05 27.83 -6.69
CA GLY D 412 -15.47 27.41 -5.43
C GLY D 412 -16.24 26.22 -4.95
N LYS D 413 -16.62 26.23 -3.68
CA LYS D 413 -17.41 25.13 -3.17
C LYS D 413 -18.83 25.41 -3.60
N PHE D 414 -19.15 25.04 -4.82
CA PHE D 414 -20.44 25.33 -5.41
C PHE D 414 -21.30 24.08 -5.47
N GLN D 415 -22.32 24.03 -4.62
CA GLN D 415 -23.18 22.85 -4.55
C GLN D 415 -24.68 23.20 -4.51
N VAL D 416 -25.46 22.45 -5.30
CA VAL D 416 -26.88 22.70 -5.42
C VAL D 416 -27.74 21.53 -4.94
N ARG D 417 -28.73 21.82 -4.10
CA ARG D 417 -29.61 20.80 -3.55
C ARG D 417 -30.73 20.46 -4.53
N THR D 418 -31.28 19.26 -4.40
CA THR D 418 -32.36 18.78 -5.26
C THR D 418 -33.06 17.55 -4.69
N MET E 1 -1.16 -30.12 -16.09
CA MET E 1 0.16 -29.66 -15.67
C MET E 1 0.19 -28.14 -15.56
N ILE E 2 0.82 -27.48 -16.52
CA ILE E 2 0.88 -26.03 -16.48
C ILE E 2 -0.30 -25.48 -17.21
N LYS E 3 -1.06 -24.65 -16.53
CA LYS E 3 -2.25 -24.08 -17.11
C LYS E 3 -1.97 -22.76 -17.76
N ALA E 4 -1.07 -21.98 -17.17
CA ALA E 4 -0.71 -20.70 -17.76
C ALA E 4 0.56 -20.14 -17.16
N ILE E 5 1.29 -19.37 -17.96
CA ILE E 5 2.49 -18.70 -17.47
C ILE E 5 2.34 -17.22 -17.69
N LEU E 6 2.42 -16.47 -16.62
CA LEU E 6 2.22 -15.04 -16.71
C LEU E 6 3.42 -14.26 -16.21
N ILE E 7 3.74 -13.18 -16.91
CA ILE E 7 4.78 -12.29 -16.45
C ILE E 7 4.20 -10.90 -16.48
N PHE E 8 4.31 -10.20 -15.37
CA PHE E 8 3.73 -8.87 -15.26
C PHE E 8 4.48 -8.02 -14.25
N ASN E 9 4.38 -6.72 -14.38
CA ASN E 9 5.10 -5.85 -13.47
C ASN E 9 4.31 -5.59 -12.20
N ASN E 10 4.86 -4.73 -11.34
CA ASN E 10 4.23 -4.35 -10.08
C ASN E 10 3.01 -3.43 -10.20
N HIS E 11 2.53 -3.18 -11.41
CA HIS E 11 1.35 -2.39 -11.64
C HIS E 11 0.30 -3.24 -12.35
N GLY E 12 0.62 -4.51 -12.55
CA GLY E 12 -0.28 -5.44 -13.21
C GLY E 12 -0.19 -5.40 -14.71
N LYS E 13 0.79 -4.67 -15.24
CA LYS E 13 0.89 -4.60 -16.68
C LYS E 13 1.65 -5.83 -17.15
N PRO E 14 1.18 -6.47 -18.21
CA PRO E 14 1.68 -7.70 -18.75
C PRO E 14 3.01 -7.52 -19.45
N ARG E 15 3.78 -8.59 -19.39
CA ARG E 15 5.07 -8.70 -20.05
C ARG E 15 5.09 -10.00 -20.83
N LEU E 16 4.31 -10.97 -20.37
CA LEU E 16 4.11 -12.21 -21.07
C LEU E 16 2.85 -12.90 -20.61
N SER E 17 2.09 -13.38 -21.57
CA SER E 17 0.88 -14.10 -21.22
C SER E 17 0.70 -15.28 -22.12
N LYS E 18 0.87 -16.47 -21.57
CA LYS E 18 0.69 -17.64 -22.38
C LYS E 18 -0.16 -18.64 -21.65
N PHE E 19 -1.28 -18.97 -22.25
CA PHE E 19 -2.19 -19.91 -21.66
C PHE E 19 -2.14 -21.22 -22.37
N TYR E 20 -2.45 -22.27 -21.62
CA TYR E 20 -2.46 -23.61 -22.15
C TYR E 20 -3.87 -24.15 -22.06
N GLN E 21 -4.53 -23.92 -20.93
CA GLN E 21 -5.92 -24.29 -20.83
C GLN E 21 -6.74 -23.16 -21.46
N PRO E 22 -7.72 -23.46 -22.32
CA PRO E 22 -8.63 -22.52 -22.97
C PRO E 22 -9.41 -21.66 -21.99
N TYR E 23 -9.35 -20.36 -22.19
CA TYR E 23 -10.14 -19.39 -21.43
C TYR E 23 -10.59 -18.31 -22.40
N SER E 24 -11.68 -17.61 -22.08
CA SER E 24 -12.08 -16.51 -22.96
C SER E 24 -11.09 -15.40 -22.76
N GLU E 25 -11.03 -14.48 -23.71
CA GLU E 25 -10.08 -13.38 -23.60
C GLU E 25 -10.30 -12.58 -22.33
N ASP E 26 -11.56 -12.35 -22.01
CA ASP E 26 -11.89 -11.62 -20.82
C ASP E 26 -11.50 -12.40 -19.60
N THR E 27 -11.74 -13.72 -19.63
CA THR E 27 -11.39 -14.57 -18.52
C THR E 27 -9.90 -14.51 -18.29
N GLN E 28 -9.14 -14.57 -19.37
CA GLN E 28 -7.69 -14.51 -19.32
C GLN E 28 -7.22 -13.24 -18.64
N GLN E 29 -7.80 -12.12 -19.04
CA GLN E 29 -7.43 -10.83 -18.47
C GLN E 29 -7.74 -10.81 -16.99
N GLN E 30 -8.90 -11.34 -16.65
CA GLN E 30 -9.35 -11.38 -15.28
C GLN E 30 -8.47 -12.27 -14.44
N ILE E 31 -8.03 -13.40 -15.01
CA ILE E 31 -7.11 -14.29 -14.33
C ILE E 31 -5.85 -13.57 -14.00
N ILE E 32 -5.36 -12.78 -14.95
CA ILE E 32 -4.16 -12.00 -14.75
C ILE E 32 -4.36 -11.02 -13.61
N ARG E 33 -5.48 -10.30 -13.63
CA ARG E 33 -5.77 -9.35 -12.58
C ARG E 33 -5.88 -10.04 -11.23
N GLU E 34 -6.57 -11.18 -11.20
CA GLU E 34 -6.73 -11.95 -9.99
C GLU E 34 -5.37 -12.33 -9.46
N THR E 35 -4.56 -12.89 -10.33
CA THR E 35 -3.21 -13.33 -10.03
C THR E 35 -2.37 -12.20 -9.50
N PHE E 36 -2.47 -11.04 -10.14
CA PHE E 36 -1.76 -9.85 -9.71
C PHE E 36 -2.07 -9.52 -8.29
N HIS E 37 -3.34 -9.48 -7.95
CA HIS E 37 -3.69 -9.17 -6.58
C HIS E 37 -3.26 -10.29 -5.64
N LEU E 38 -3.31 -11.53 -6.10
CA LEU E 38 -2.89 -12.67 -5.30
C LEU E 38 -1.38 -12.76 -5.13
N VAL E 39 -0.62 -12.18 -6.04
CA VAL E 39 0.84 -12.31 -6.00
C VAL E 39 1.56 -11.04 -5.64
N SER E 40 1.23 -9.94 -6.30
CA SER E 40 1.92 -8.67 -6.04
C SER E 40 1.71 -8.13 -4.64
N LYS E 41 0.65 -8.57 -3.98
CA LYS E 41 0.39 -8.13 -2.63
C LYS E 41 1.10 -9.00 -1.60
N ARG E 42 1.78 -10.04 -2.04
CA ARG E 42 2.50 -10.90 -1.14
C ARG E 42 3.85 -10.27 -0.84
N ASP E 43 4.29 -10.36 0.40
CA ASP E 43 5.58 -9.85 0.80
C ASP E 43 6.71 -10.69 0.24
N GLU E 44 7.91 -10.12 0.18
CA GLU E 44 9.11 -10.80 -0.29
C GLU E 44 9.45 -12.02 0.58
N ASN E 45 8.97 -12.03 1.82
CA ASN E 45 9.21 -13.12 2.74
C ASN E 45 8.07 -14.14 2.77
N VAL E 46 7.16 -14.07 1.79
CA VAL E 46 6.04 -15.02 1.70
C VAL E 46 6.37 -16.22 0.81
N CYS E 47 5.96 -17.40 1.27
CA CYS E 47 6.15 -18.66 0.54
C CYS E 47 5.74 -18.52 -0.92
N ASN E 48 6.60 -18.98 -1.82
CA ASN E 48 6.37 -18.86 -3.24
C ASN E 48 5.30 -19.78 -3.75
N PHE E 49 4.90 -20.74 -2.91
CA PHE E 49 3.90 -21.73 -3.27
C PHE E 49 2.53 -21.27 -2.81
N LEU E 50 1.77 -20.66 -3.70
CA LEU E 50 0.45 -20.20 -3.33
C LEU E 50 -0.64 -21.08 -3.87
N GLU E 51 -1.82 -20.93 -3.32
CA GLU E 51 -3.02 -21.62 -3.77
C GLU E 51 -3.39 -21.11 -5.15
N GLY E 52 -4.22 -21.83 -5.87
CA GLY E 52 -4.60 -21.38 -7.19
C GLY E 52 -5.67 -20.33 -7.09
N GLY E 53 -5.94 -19.67 -8.20
CA GLY E 53 -7.01 -18.69 -8.24
C GLY E 53 -8.31 -19.42 -8.50
N LEU E 54 -9.39 -18.68 -8.63
CA LEU E 54 -10.66 -19.33 -8.90
C LEU E 54 -11.03 -19.24 -10.37
N LEU E 55 -10.63 -18.15 -11.02
CA LEU E 55 -10.98 -17.96 -12.43
C LEU E 55 -10.33 -18.99 -13.33
N ILE E 56 -9.20 -19.53 -12.90
CA ILE E 56 -8.49 -20.56 -13.63
C ILE E 56 -9.20 -21.92 -13.62
N GLY E 57 -10.20 -22.09 -12.77
CA GLY E 57 -10.88 -23.37 -12.69
C GLY E 57 -10.85 -23.98 -11.30
N GLY E 58 -10.20 -23.32 -10.35
CA GLY E 58 -10.19 -23.82 -8.97
C GLY E 58 -8.88 -23.64 -8.23
N SER E 59 -9.02 -23.44 -6.91
CA SER E 59 -7.91 -23.20 -5.98
C SER E 59 -7.06 -24.44 -5.69
N ASP E 60 -7.51 -25.60 -6.16
CA ASP E 60 -6.76 -26.84 -6.06
C ASP E 60 -5.43 -26.71 -6.80
N ASN E 61 -5.45 -25.87 -7.83
CA ASN E 61 -4.32 -25.57 -8.65
C ASN E 61 -3.37 -24.68 -7.86
N LYS E 62 -2.16 -24.45 -8.33
CA LYS E 62 -1.24 -23.61 -7.58
C LYS E 62 -0.68 -22.46 -8.38
N LEU E 63 -0.32 -21.39 -7.67
CA LEU E 63 0.35 -20.25 -8.27
C LEU E 63 1.77 -20.22 -7.74
N ILE E 64 2.70 -20.69 -8.54
CA ILE E 64 4.07 -20.72 -8.11
C ILE E 64 4.72 -19.47 -8.61
N TYR E 65 5.33 -18.67 -7.73
CA TYR E 65 5.80 -17.41 -8.25
C TYR E 65 7.16 -17.04 -7.77
N ARG E 66 7.76 -16.14 -8.50
CA ARG E 66 9.07 -15.63 -8.18
C ARG E 66 9.13 -14.22 -8.70
N HIS E 67 9.78 -13.34 -7.97
CA HIS E 67 9.83 -11.98 -8.47
C HIS E 67 11.05 -11.26 -7.99
N TYR E 68 11.36 -10.19 -8.68
CA TYR E 68 12.49 -9.35 -8.35
C TYR E 68 12.24 -7.99 -8.95
N ALA E 69 12.92 -6.97 -8.44
CA ALA E 69 12.72 -5.62 -8.92
C ALA E 69 11.22 -5.32 -8.99
N THR E 70 10.71 -5.08 -10.18
CA THR E 70 9.30 -4.79 -10.37
C THR E 70 8.59 -5.85 -11.19
N LEU E 71 9.28 -6.96 -11.46
CA LEU E 71 8.71 -8.00 -12.30
C LEU E 71 8.30 -9.26 -11.55
N TYR E 72 7.13 -9.78 -11.90
CA TYR E 72 6.57 -10.98 -11.31
C TYR E 72 6.40 -12.08 -12.32
N PHE E 73 6.79 -13.28 -11.93
CA PHE E 73 6.72 -14.46 -12.79
C PHE E 73 5.84 -15.49 -12.13
N VAL E 74 4.70 -15.79 -12.74
CA VAL E 74 3.77 -16.72 -12.13
C VAL E 74 3.42 -17.89 -13.00
N PHE E 75 3.58 -19.07 -12.43
CA PHE E 75 3.30 -20.31 -13.11
C PHE E 75 2.07 -20.97 -12.54
N CYS E 76 0.98 -20.87 -13.30
CA CYS E 76 -0.27 -21.47 -12.91
C CYS E 76 -0.23 -22.92 -13.30
N VAL E 77 -0.25 -23.79 -12.31
CA VAL E 77 -0.14 -25.21 -12.50
C VAL E 77 -1.23 -25.94 -11.77
N ASP E 78 -1.47 -27.20 -12.08
CA ASP E 78 -2.54 -27.87 -11.37
C ASP E 78 -2.07 -28.51 -10.07
N SER E 79 -3.01 -29.17 -9.38
CA SER E 79 -2.80 -29.77 -8.06
C SER E 79 -1.80 -30.91 -8.01
N SER E 80 -1.52 -31.55 -9.13
CA SER E 80 -0.62 -32.68 -9.14
C SER E 80 0.83 -32.30 -9.38
N GLU E 81 1.10 -31.02 -9.60
CA GLU E 81 2.46 -30.62 -9.92
C GLU E 81 3.32 -30.40 -8.69
N SER E 82 4.64 -30.55 -8.86
CA SER E 82 5.59 -30.37 -7.76
C SER E 82 5.95 -28.93 -7.62
N GLU E 83 5.43 -28.28 -6.61
CA GLU E 83 5.71 -26.86 -6.40
C GLU E 83 7.20 -26.59 -6.34
N LEU E 84 7.93 -27.46 -5.64
CA LEU E 84 9.36 -27.37 -5.51
C LEU E 84 10.08 -27.58 -6.84
N GLY E 85 9.65 -28.61 -7.57
CA GLY E 85 10.24 -28.91 -8.87
C GLY E 85 10.00 -27.76 -9.84
N ILE E 86 8.81 -27.18 -9.75
CA ILE E 86 8.45 -26.07 -10.58
C ILE E 86 9.33 -24.90 -10.33
N LEU E 87 9.51 -24.58 -9.05
CA LEU E 87 10.35 -23.46 -8.71
C LEU E 87 11.74 -23.64 -9.30
N ASP E 88 12.27 -24.87 -9.20
CA ASP E 88 13.56 -25.15 -9.80
C ASP E 88 13.50 -24.88 -11.29
N LEU E 89 12.44 -25.35 -11.95
CA LEU E 89 12.25 -25.14 -13.37
C LEU E 89 12.12 -23.66 -13.72
N ILE E 90 11.52 -22.89 -12.83
CA ILE E 90 11.37 -21.47 -13.07
C ILE E 90 12.71 -20.81 -13.14
N GLN E 91 13.57 -21.15 -12.18
CA GLN E 91 14.89 -20.55 -12.14
C GLN E 91 15.72 -20.92 -13.34
N VAL E 92 15.67 -22.17 -13.76
CA VAL E 92 16.50 -22.54 -14.89
C VAL E 92 15.94 -21.97 -16.18
N PHE E 93 14.63 -21.73 -16.23
CA PHE E 93 14.04 -21.04 -17.36
C PHE E 93 14.67 -19.67 -17.48
N VAL E 94 14.73 -18.97 -16.35
CA VAL E 94 15.37 -17.68 -16.31
C VAL E 94 16.83 -17.76 -16.74
N GLU E 95 17.53 -18.83 -16.30
CA GLU E 95 18.92 -19.01 -16.68
C GLU E 95 19.04 -19.12 -18.20
N THR E 96 18.08 -19.79 -18.82
CA THR E 96 18.05 -19.92 -20.27
C THR E 96 17.88 -18.56 -20.91
N LEU E 97 16.98 -17.75 -20.34
CA LEU E 97 16.75 -16.43 -20.88
C LEU E 97 18.02 -15.61 -20.82
N ASP E 98 18.79 -15.78 -19.74
CA ASP E 98 20.06 -15.10 -19.65
C ASP E 98 21.04 -15.60 -20.69
N LYS E 99 21.07 -16.91 -20.90
CA LYS E 99 21.95 -17.49 -21.89
C LYS E 99 21.62 -17.01 -23.30
N CYS E 100 20.34 -16.84 -23.58
CA CYS E 100 19.92 -16.44 -24.91
C CYS E 100 19.90 -14.93 -25.13
N PHE E 101 19.63 -14.16 -24.09
CA PHE E 101 19.62 -12.70 -24.23
C PHE E 101 20.84 -12.03 -23.63
N GLU E 102 21.86 -12.82 -23.28
CA GLU E 102 23.08 -12.27 -22.67
C GLU E 102 22.73 -11.44 -21.44
N ASN E 103 21.85 -12.00 -20.62
CA ASN E 103 21.26 -11.42 -19.40
C ASN E 103 19.95 -10.76 -19.80
N VAL E 104 18.85 -11.51 -19.68
CA VAL E 104 17.56 -10.98 -20.07
C VAL E 104 17.15 -9.83 -19.17
N CYS E 105 16.49 -8.84 -19.74
CA CYS E 105 16.01 -7.71 -18.94
C CYS E 105 14.60 -7.38 -19.36
N GLU E 106 13.98 -6.44 -18.65
CA GLU E 106 12.60 -6.05 -18.92
C GLU E 106 12.39 -5.66 -20.38
N LEU E 107 13.37 -4.97 -20.95
CA LEU E 107 13.30 -4.52 -22.34
C LEU E 107 13.22 -5.67 -23.36
N ASP E 108 13.61 -6.88 -22.96
CA ASP E 108 13.52 -8.02 -23.83
C ASP E 108 12.12 -8.57 -23.71
N LEU E 109 11.58 -8.49 -22.51
CA LEU E 109 10.19 -8.89 -22.32
C LEU E 109 9.29 -7.92 -23.08
N ILE E 110 9.70 -6.65 -23.12
CA ILE E 110 8.96 -5.61 -23.80
C ILE E 110 9.10 -5.64 -25.32
N PHE E 111 10.32 -5.72 -25.84
CA PHE E 111 10.52 -5.64 -27.27
C PHE E 111 10.93 -6.92 -27.99
N HIS E 112 11.23 -7.97 -27.24
CA HIS E 112 11.65 -9.23 -27.82
C HIS E 112 10.81 -10.39 -27.36
N VAL E 113 9.59 -10.09 -26.94
CA VAL E 113 8.68 -11.08 -26.40
C VAL E 113 8.41 -12.25 -27.34
N ASP E 114 8.52 -12.02 -28.65
CA ASP E 114 8.29 -13.07 -29.62
C ASP E 114 9.32 -14.18 -29.47
N LYS E 115 10.53 -13.80 -29.13
CA LYS E 115 11.61 -14.72 -28.95
C LYS E 115 11.53 -15.30 -27.58
N VAL E 116 11.02 -14.52 -26.63
CA VAL E 116 10.81 -15.03 -25.30
C VAL E 116 9.83 -16.18 -25.41
N HIS E 117 8.79 -16.00 -26.23
CA HIS E 117 7.83 -17.05 -26.48
C HIS E 117 8.46 -18.22 -27.18
N ASN E 118 9.37 -17.97 -28.10
CA ASN E 118 10.03 -19.07 -28.79
C ASN E 118 10.81 -19.92 -27.79
N ILE E 119 11.48 -19.23 -26.87
CA ILE E 119 12.26 -19.87 -25.84
C ILE E 119 11.35 -20.64 -24.93
N LEU E 120 10.28 -19.98 -24.52
CA LEU E 120 9.28 -20.56 -23.66
C LEU E 120 8.68 -21.79 -24.30
N ALA E 121 8.41 -21.73 -25.59
CA ALA E 121 7.88 -22.86 -26.31
C ALA E 121 8.83 -24.04 -26.24
N GLU E 122 10.12 -23.75 -26.29
CA GLU E 122 11.10 -24.82 -26.15
C GLU E 122 11.14 -25.36 -24.73
N MET E 123 10.82 -24.52 -23.76
CA MET E 123 10.79 -24.97 -22.37
C MET E 123 9.53 -25.78 -22.05
N VAL E 124 8.38 -25.26 -22.45
CA VAL E 124 7.08 -25.86 -22.18
C VAL E 124 6.23 -25.99 -23.43
N MET E 125 5.72 -27.19 -23.65
CA MET E 125 4.87 -27.42 -24.80
C MET E 125 3.48 -27.81 -24.39
N GLY E 126 2.53 -26.91 -24.57
CA GLY E 126 1.14 -27.23 -24.27
C GLY E 126 0.87 -27.39 -22.79
N GLY E 127 1.71 -26.81 -21.97
CA GLY E 127 1.57 -26.94 -20.54
C GLY E 127 2.37 -28.10 -20.00
N MET E 128 3.00 -28.88 -20.88
CA MET E 128 3.80 -29.98 -20.42
C MET E 128 5.26 -29.57 -20.55
N VAL E 129 6.10 -29.98 -19.63
CA VAL E 129 7.47 -29.54 -19.72
C VAL E 129 8.15 -30.20 -20.90
N LEU E 130 8.59 -29.37 -21.84
CA LEU E 130 9.23 -29.84 -23.05
C LEU E 130 10.72 -30.10 -22.86
N GLU E 131 11.39 -29.23 -22.11
CA GLU E 131 12.81 -29.46 -21.90
C GLU E 131 13.28 -29.04 -20.51
N THR E 132 14.17 -29.85 -19.95
CA THR E 132 14.74 -29.63 -18.64
C THR E 132 16.25 -29.44 -18.72
N ASN E 133 16.84 -29.87 -19.84
CA ASN E 133 18.26 -29.68 -20.09
C ASN E 133 18.52 -28.29 -20.63
N MET E 134 19.14 -27.47 -19.79
CA MET E 134 19.38 -26.06 -20.08
C MET E 134 20.37 -25.80 -21.21
N ASN E 135 21.28 -26.71 -21.47
CA ASN E 135 22.19 -26.46 -22.57
C ASN E 135 21.56 -26.90 -23.87
N GLU E 136 20.73 -27.94 -23.80
CA GLU E 136 20.03 -28.41 -24.97
C GLU E 136 18.97 -27.44 -25.41
N ILE E 137 18.26 -26.84 -24.44
CA ILE E 137 17.25 -25.89 -24.85
C ILE E 137 17.89 -24.70 -25.53
N VAL E 138 19.09 -24.29 -25.09
CA VAL E 138 19.78 -23.20 -25.74
C VAL E 138 20.22 -23.61 -27.12
N THR E 139 20.73 -24.84 -27.22
CA THR E 139 21.17 -25.39 -28.48
C THR E 139 20.08 -25.34 -29.54
N GLN E 140 18.87 -25.77 -29.18
CA GLN E 140 17.78 -25.78 -30.13
C GLN E 140 17.30 -24.37 -30.46
N ILE E 141 17.35 -23.47 -29.48
CA ILE E 141 17.01 -22.08 -29.70
C ILE E 141 17.93 -21.46 -30.73
N ASP E 142 19.22 -21.67 -30.54
CA ASP E 142 20.19 -21.15 -31.48
C ASP E 142 20.13 -21.87 -32.81
N ALA E 143 19.77 -23.15 -32.81
CA ALA E 143 19.64 -23.87 -34.08
C ALA E 143 18.58 -23.19 -34.93
N GLN E 144 17.49 -22.78 -34.29
CA GLN E 144 16.44 -22.06 -34.98
C GLN E 144 16.91 -20.68 -35.39
N ASN E 145 17.69 -20.02 -34.53
CA ASN E 145 18.22 -18.71 -34.85
C ASN E 145 19.11 -18.76 -36.08
N LYS E 146 19.92 -19.82 -36.16
CA LYS E 146 20.81 -20.04 -37.28
C LYS E 146 20.02 -20.28 -38.53
N LEU E 147 18.95 -21.07 -38.43
CA LEU E 147 18.09 -21.35 -39.56
C LEU E 147 17.52 -20.06 -40.12
N GLU E 148 17.02 -19.21 -39.22
CA GLU E 148 16.46 -17.92 -39.58
C GLU E 148 17.48 -17.04 -40.26
N LYS E 149 18.67 -16.97 -39.67
CA LYS E 149 19.75 -16.17 -40.24
C LYS E 149 20.19 -16.69 -41.59
N SER E 150 20.22 -18.02 -41.74
CA SER E 150 20.60 -18.67 -42.99
C SER E 150 19.63 -18.36 -44.12
N GLU E 151 18.34 -18.48 -43.86
CA GLU E 151 17.35 -18.22 -44.89
C GLU E 151 15.98 -17.95 -44.30
N SER F 5 4.10 34.74 -23.16
CA SER F 5 3.56 34.63 -21.81
C SER F 5 2.91 35.93 -21.38
N HIS F 6 3.35 37.03 -21.98
CA HIS F 6 2.81 38.34 -21.69
C HIS F 6 1.38 38.54 -22.19
N ALA F 7 1.00 37.74 -23.18
CA ALA F 7 -0.32 37.82 -23.75
C ALA F 7 -1.36 37.40 -22.74
N GLY F 8 -2.49 38.10 -22.75
CA GLY F 8 -3.59 37.78 -21.85
C GLY F 8 -3.58 38.59 -20.56
N TYR F 9 -2.50 39.30 -20.26
CA TYR F 9 -2.49 40.07 -19.02
C TYR F 9 -2.88 41.50 -19.26
N GLN F 10 -3.59 42.05 -18.29
CA GLN F 10 -4.00 43.43 -18.35
C GLN F 10 -2.86 44.32 -17.99
N THR F 11 -2.58 45.27 -18.86
CA THR F 11 -1.53 46.20 -18.60
C THR F 11 -1.78 46.90 -17.30
N ILE F 12 -0.76 46.92 -16.46
CA ILE F 12 -0.86 47.57 -15.17
C ILE F 12 0.49 48.07 -14.73
N GLY G 35 24.96 -2.67 -10.91
CA GLY G 35 23.77 -3.39 -10.52
C GLY G 35 22.95 -3.79 -11.73
N LEU G 36 22.39 -4.99 -11.69
CA LEU G 36 21.60 -5.55 -12.78
C LEU G 36 20.73 -6.70 -12.28
N PHE G 37 20.15 -7.45 -13.21
CA PHE G 37 19.37 -8.62 -12.87
C PHE G 37 20.20 -9.80 -12.38
N SER G 38 20.73 -9.70 -11.16
CA SER G 38 21.54 -10.76 -10.59
C SER G 38 21.38 -10.87 -9.09
N SER G 39 22.25 -11.68 -8.47
CA SER G 39 22.23 -11.87 -7.03
C SER G 39 22.60 -10.60 -6.30
N ASP G 40 21.81 -10.27 -5.30
CA ASP G 40 22.03 -9.07 -4.52
C ASP G 40 23.36 -9.09 -3.82
N LEU G 41 23.76 -10.26 -3.36
CA LEU G 41 25.04 -10.41 -2.70
C LEU G 41 26.17 -10.03 -3.62
N LYS G 42 26.15 -10.58 -4.82
CA LYS G 42 27.18 -10.30 -5.80
C LYS G 42 27.20 -8.83 -6.17
N LYS G 43 26.02 -8.25 -6.31
CA LYS G 43 25.92 -6.84 -6.64
C LYS G 43 26.50 -5.99 -5.53
N ASN G 44 26.28 -6.39 -4.29
CA ASN G 44 26.84 -5.65 -3.18
C ASN G 44 28.35 -5.74 -3.20
N GLU G 45 28.88 -6.88 -3.62
CA GLU G 45 30.32 -6.99 -3.72
C GLU G 45 30.83 -6.07 -4.82
N ASP G 46 30.06 -5.94 -5.90
CA ASP G 46 30.42 -5.03 -6.95
C ASP G 46 30.38 -3.60 -6.43
N LEU G 47 29.42 -3.31 -5.56
CA LEU G 47 29.35 -1.98 -4.98
C LEU G 47 30.59 -1.73 -4.14
N LYS G 48 31.07 -2.76 -3.45
CA LYS G 48 32.27 -2.62 -2.68
C LYS G 48 33.42 -2.29 -3.58
N GLN G 49 33.45 -2.89 -4.77
CA GLN G 49 34.49 -2.60 -5.73
C GLN G 49 34.41 -1.15 -6.14
N MET G 50 33.20 -0.64 -6.35
CA MET G 50 33.00 0.75 -6.71
C MET G 50 33.46 1.67 -5.60
N LEU G 51 33.18 1.29 -4.37
CA LEU G 51 33.57 2.06 -3.21
C LEU G 51 35.08 2.09 -3.06
N GLU G 52 35.73 0.98 -3.42
CA GLU G 52 37.19 0.88 -3.40
C GLU G 52 37.82 1.55 -4.61
N SER G 53 37.12 1.55 -5.74
CA SER G 53 37.61 2.14 -6.97
C SER G 53 37.94 3.59 -6.84
N ASN G 54 38.92 4.02 -7.60
CA ASN G 54 39.37 5.39 -7.56
C ASN G 54 38.50 6.32 -8.40
N LYS G 55 37.56 5.77 -9.15
CA LYS G 55 36.70 6.62 -9.98
C LYS G 55 35.56 7.20 -9.17
N ASP G 56 35.45 8.52 -9.18
CA ASP G 56 34.41 9.21 -8.45
C ASP G 56 33.03 8.87 -8.96
N SER G 57 32.91 8.70 -10.27
CA SER G 57 31.62 8.37 -10.83
C SER G 57 31.18 6.98 -10.40
N ALA G 58 32.14 6.08 -10.20
CA ALA G 58 31.82 4.76 -9.72
C ALA G 58 31.30 4.86 -8.32
N LYS G 59 31.94 5.74 -7.54
CA LYS G 59 31.55 5.95 -6.17
C LYS G 59 30.15 6.54 -6.10
N LEU G 60 29.88 7.52 -6.97
CA LEU G 60 28.56 8.13 -7.02
C LEU G 60 27.50 7.15 -7.39
N ASP G 61 27.79 6.30 -8.35
CA ASP G 61 26.82 5.32 -8.78
C ASP G 61 26.49 4.41 -7.63
N ALA G 62 27.52 3.92 -6.96
CA ALA G 62 27.32 3.02 -5.85
C ALA G 62 26.51 3.66 -4.77
N MET G 63 26.86 4.90 -4.41
CA MET G 63 26.16 5.55 -3.34
C MET G 63 24.74 5.84 -3.69
N LYS G 64 24.46 6.16 -4.93
CA LYS G 64 23.09 6.38 -5.30
C LYS G 64 22.30 5.10 -5.19
N ARG G 65 22.91 3.99 -5.60
CA ARG G 65 22.25 2.71 -5.49
C ARG G 65 22.00 2.36 -4.04
N ILE G 66 22.98 2.66 -3.20
CA ILE G 66 22.88 2.41 -1.78
C ILE G 66 21.81 3.23 -1.12
N VAL G 67 21.76 4.52 -1.44
CA VAL G 67 20.73 5.37 -0.89
C VAL G 67 19.38 4.87 -1.32
N GLY G 68 19.26 4.44 -2.57
CA GLY G 68 18.01 3.88 -3.05
C GLY G 68 17.61 2.71 -2.16
N MET G 69 18.56 1.85 -1.82
CA MET G 69 18.27 0.73 -0.95
C MET G 69 17.84 1.20 0.43
N ILE G 70 18.45 2.28 0.91
CA ILE G 70 18.05 2.82 2.21
C ILE G 70 16.63 3.30 2.15
N ALA G 71 16.29 4.02 1.09
CA ALA G 71 14.95 4.54 0.89
C ALA G 71 13.92 3.40 0.81
N LYS G 72 14.34 2.27 0.27
CA LYS G 72 13.49 1.10 0.16
C LYS G 72 13.44 0.23 1.42
N GLY G 73 14.19 0.58 2.44
CA GLY G 73 14.19 -0.21 3.67
C GLY G 73 15.01 -1.48 3.55
N LYS G 74 15.98 -1.49 2.65
CA LYS G 74 16.80 -2.67 2.45
C LYS G 74 17.99 -2.68 3.41
N ASN G 75 18.46 -3.87 3.73
CA ASN G 75 19.57 -3.96 4.66
C ASN G 75 20.91 -3.79 3.99
N ALA G 76 21.33 -2.54 3.84
CA ALA G 76 22.63 -2.23 3.27
C ALA G 76 23.75 -2.15 4.32
N SER G 77 23.48 -2.59 5.56
CA SER G 77 24.47 -2.47 6.64
C SER G 77 25.75 -3.24 6.39
N GLU G 78 25.69 -4.29 5.58
CA GLU G 78 26.88 -5.07 5.29
C GLU G 78 27.92 -4.29 4.51
N LEU G 79 27.52 -3.19 3.88
CA LEU G 79 28.43 -2.36 3.12
C LEU G 79 29.11 -1.31 3.98
N PHE G 80 28.73 -1.22 5.26
CA PHE G 80 29.21 -0.16 6.13
C PHE G 80 30.71 0.07 6.10
N PRO G 81 31.58 -0.94 6.30
CA PRO G 81 33.03 -0.80 6.33
C PRO G 81 33.57 -0.40 4.97
N ALA G 82 32.80 -0.60 3.92
CA ALA G 82 33.24 -0.22 2.61
C ALA G 82 32.85 1.21 2.33
N VAL G 83 31.68 1.60 2.82
CA VAL G 83 31.19 2.94 2.58
C VAL G 83 31.94 3.97 3.39
N VAL G 84 32.12 3.70 4.68
CA VAL G 84 32.78 4.63 5.58
C VAL G 84 34.12 5.12 5.09
N LYS G 85 34.82 4.32 4.29
CA LYS G 85 36.11 4.73 3.78
C LYS G 85 36.06 5.97 2.93
N ASN G 86 34.91 6.27 2.36
CA ASN G 86 34.81 7.42 1.50
C ASN G 86 34.31 8.65 2.22
N VAL G 87 34.22 8.59 3.55
CA VAL G 87 33.78 9.75 4.32
C VAL G 87 34.68 10.95 4.14
N ALA G 88 35.93 10.72 3.81
CA ALA G 88 36.88 11.80 3.62
C ALA G 88 36.95 12.28 2.17
N SER G 89 36.11 11.75 1.30
CA SER G 89 36.14 12.16 -0.10
C SER G 89 35.93 13.63 -0.28
N LYS G 90 36.59 14.18 -1.27
CA LYS G 90 36.50 15.60 -1.57
C LYS G 90 35.27 15.94 -2.40
N ASN G 91 34.59 14.93 -2.93
CA ASN G 91 33.44 15.23 -3.74
C ASN G 91 32.23 15.46 -2.88
N ILE G 92 31.96 16.73 -2.60
CA ILE G 92 30.80 17.15 -1.80
C ILE G 92 29.50 16.41 -2.08
N GLU G 93 29.26 15.99 -3.32
CA GLU G 93 28.03 15.30 -3.63
C GLU G 93 28.06 13.96 -2.92
N ILE G 94 29.21 13.31 -3.00
CA ILE G 94 29.40 12.04 -2.34
C ILE G 94 29.31 12.22 -0.85
N LYS G 95 29.89 13.30 -0.34
CA LYS G 95 29.87 13.53 1.09
C LYS G 95 28.46 13.46 1.63
N LYS G 96 27.54 14.11 0.95
CA LYS G 96 26.19 14.13 1.41
C LYS G 96 25.60 12.73 1.41
N LEU G 97 25.89 11.97 0.38
CA LEU G 97 25.38 10.62 0.28
C LEU G 97 25.91 9.76 1.42
N VAL G 98 27.18 9.96 1.75
CA VAL G 98 27.81 9.21 2.82
C VAL G 98 27.16 9.52 4.14
N TYR G 99 26.87 10.78 4.37
CA TYR G 99 26.28 11.17 5.61
C TYR G 99 24.96 10.45 5.81
N VAL G 100 24.19 10.33 4.74
CA VAL G 100 22.92 9.63 4.83
C VAL G 100 23.11 8.22 5.29
N TYR G 101 24.06 7.54 4.67
CA TYR G 101 24.34 6.17 5.00
C TYR G 101 24.69 6.03 6.46
N LEU G 102 25.57 6.89 6.94
CA LEU G 102 26.00 6.82 8.30
C LEU G 102 24.87 7.04 9.25
N VAL G 103 23.99 7.97 8.94
CA VAL G 103 22.86 8.19 9.81
C VAL G 103 22.02 6.94 9.91
N ARG G 104 21.80 6.29 8.79
CA ARG G 104 20.99 5.10 8.79
C ARG G 104 21.57 3.92 9.56
N TYR G 105 22.88 3.71 9.50
CA TYR G 105 23.40 2.52 10.16
C TYR G 105 24.41 2.68 11.29
N ALA G 106 24.87 3.90 11.58
CA ALA G 106 25.90 4.08 12.59
C ALA G 106 25.50 3.56 13.96
N GLU G 107 24.24 3.70 14.32
CA GLU G 107 23.77 3.21 15.59
C GLU G 107 24.03 1.72 15.77
N GLU G 108 23.96 0.96 14.67
CA GLU G 108 24.18 -0.45 14.76
C GLU G 108 25.66 -0.78 14.72
N GLN G 109 26.35 -0.27 13.72
CA GLN G 109 27.78 -0.54 13.56
C GLN G 109 28.61 0.48 14.32
N GLN G 110 28.42 0.51 15.63
CA GLN G 110 29.03 1.55 16.45
C GLN G 110 30.54 1.55 16.41
N ASP G 111 31.15 0.38 16.31
CA ASP G 111 32.60 0.35 16.27
C ASP G 111 33.12 0.89 14.96
N LEU G 112 32.52 0.46 13.85
CA LEU G 112 32.97 0.92 12.54
C LEU G 112 32.78 2.40 12.36
N ALA G 113 31.71 2.93 12.94
CA ALA G 113 31.39 4.33 12.84
C ALA G 113 32.48 5.24 13.40
N LEU G 114 33.31 4.71 14.30
CA LEU G 114 34.33 5.49 14.95
C LEU G 114 35.32 6.05 13.93
N LEU G 115 35.46 5.37 12.81
CA LEU G 115 36.39 5.75 11.77
C LEU G 115 36.07 7.11 11.15
N SER G 116 34.82 7.51 11.20
CA SER G 116 34.43 8.77 10.61
C SER G 116 34.67 10.00 11.50
N ILE G 117 35.04 9.77 12.76
CA ILE G 117 35.10 10.87 13.71
C ILE G 117 36.06 11.98 13.36
N SER G 118 37.29 11.65 13.01
CA SER G 118 38.26 12.70 12.70
C SER G 118 37.85 13.56 11.55
N THR G 119 37.22 12.98 10.54
CA THR G 119 36.77 13.76 9.41
C THR G 119 35.89 14.88 9.89
N PHE G 120 34.96 14.54 10.78
CA PHE G 120 34.01 15.56 11.30
C PHE G 120 34.78 16.58 12.11
N GLN G 121 35.73 16.11 12.94
CA GLN G 121 36.45 17.02 13.80
C GLN G 121 37.18 18.04 12.99
N ARG G 122 37.78 17.61 11.90
CA ARG G 122 38.49 18.52 11.04
C ARG G 122 37.53 19.44 10.34
N ALA G 123 36.40 18.90 9.90
CA ALA G 123 35.40 19.69 9.21
C ALA G 123 34.89 20.81 10.08
N LEU G 124 34.79 20.57 11.38
CA LEU G 124 34.33 21.58 12.31
C LEU G 124 35.26 22.77 12.44
N LYS G 125 36.49 22.66 11.96
CA LYS G 125 37.41 23.75 12.05
C LYS G 125 37.50 24.54 10.74
N ASP G 126 36.82 24.05 9.71
CA ASP G 126 36.84 24.64 8.37
C ASP G 126 36.22 26.05 8.37
N PRO G 127 36.78 27.02 7.64
CA PRO G 127 36.32 28.40 7.49
C PRO G 127 34.92 28.50 6.85
N ASN G 128 34.50 27.49 6.13
CA ASN G 128 33.17 27.50 5.53
C ASN G 128 32.15 27.05 6.54
N GLN G 129 31.36 27.99 7.03
CA GLN G 129 30.38 27.71 8.07
C GLN G 129 29.27 26.80 7.63
N LEU G 130 29.03 26.69 6.32
CA LEU G 130 28.00 25.80 5.86
C LEU G 130 28.48 24.41 6.14
N ILE G 131 29.73 24.18 5.78
CA ILE G 131 30.34 22.91 6.04
C ILE G 131 30.41 22.65 7.51
N ARG G 132 30.81 23.64 8.31
CA ARG G 132 30.91 23.41 9.73
C ARG G 132 29.60 22.96 10.29
N ALA G 133 28.54 23.64 9.88
CA ALA G 133 27.22 23.30 10.36
C ALA G 133 26.84 21.91 9.94
N SER G 134 27.15 21.56 8.70
CA SER G 134 26.82 20.24 8.23
C SER G 134 27.52 19.20 9.05
N ALA G 135 28.78 19.45 9.33
CA ALA G 135 29.56 18.53 10.13
C ALA G 135 28.98 18.41 11.51
N LEU G 136 28.58 19.54 12.07
CA LEU G 136 28.03 19.55 13.40
C LEU G 136 26.80 18.67 13.45
N ARG G 137 25.92 18.85 12.49
CA ARG G 137 24.70 18.08 12.43
C ARG G 137 24.95 16.60 12.34
N VAL G 138 25.80 16.24 11.39
CA VAL G 138 26.05 14.84 11.17
C VAL G 138 26.69 14.23 12.37
N LEU G 139 27.68 14.91 12.91
CA LEU G 139 28.33 14.43 14.11
C LEU G 139 27.33 14.15 15.20
N SER G 140 26.47 15.11 15.48
CA SER G 140 25.48 14.94 16.53
C SER G 140 24.52 13.81 16.24
N SER G 141 24.27 13.52 14.97
CA SER G 141 23.32 12.48 14.63
C SER G 141 23.87 11.09 14.82
N ILE G 142 25.17 10.97 15.09
CA ILE G 142 25.74 9.65 15.25
C ILE G 142 25.44 9.13 16.65
N ARG G 143 24.57 8.13 16.71
CA ARG G 143 24.11 7.61 17.99
C ARG G 143 25.04 6.55 18.56
N VAL G 144 26.23 7.00 18.95
CA VAL G 144 27.24 6.16 19.56
C VAL G 144 27.66 6.78 20.90
N PRO G 145 27.50 6.09 22.02
CA PRO G 145 27.74 6.56 23.38
C PRO G 145 29.20 6.93 23.60
N ILE G 146 30.07 6.31 22.84
CA ILE G 146 31.49 6.53 22.92
C ILE G 146 31.86 7.97 22.64
N ILE G 147 31.18 8.58 21.69
CA ILE G 147 31.56 9.91 21.27
C ILE G 147 30.83 11.00 22.00
N VAL G 148 30.14 10.67 23.10
CA VAL G 148 29.44 11.72 23.82
C VAL G 148 30.32 12.89 24.24
N PRO G 149 31.49 12.66 24.87
CA PRO G 149 32.42 13.69 25.30
C PRO G 149 32.76 14.60 24.15
N ILE G 150 32.90 14.00 22.97
CA ILE G 150 33.24 14.71 21.77
C ILE G 150 32.14 15.63 21.36
N MET G 151 30.92 15.10 21.34
CA MET G 151 29.78 15.88 20.93
C MET G 151 29.56 17.03 21.88
N MET G 152 29.79 16.78 23.17
CA MET G 152 29.66 17.80 24.17
C MET G 152 30.59 18.97 23.88
N LEU G 153 31.84 18.66 23.61
CA LEU G 153 32.82 19.69 23.32
C LEU G 153 32.44 20.44 22.07
N ALA G 154 31.96 19.71 21.07
CA ALA G 154 31.56 20.31 19.82
C ALA G 154 30.45 21.31 20.04
N ILE G 155 29.49 20.96 20.88
CA ILE G 155 28.38 21.85 21.18
C ILE G 155 28.85 23.11 21.82
N LYS G 156 29.73 23.00 22.79
CA LYS G 156 30.23 24.18 23.45
C LYS G 156 30.91 25.09 22.45
N GLU G 157 31.74 24.50 21.58
CA GLU G 157 32.41 25.30 20.59
C GLU G 157 31.41 25.90 19.61
N ALA G 158 30.37 25.13 19.29
CA ALA G 158 29.36 25.58 18.37
C ALA G 158 28.67 26.81 18.90
N SER G 159 28.42 26.88 20.21
CA SER G 159 27.80 28.08 20.75
C SER G 159 28.70 29.29 20.57
N ALA G 160 30.00 29.05 20.55
CA ALA G 160 30.99 30.09 20.36
C ALA G 160 31.34 30.33 18.89
N ASP G 161 30.63 29.69 17.97
CA ASP G 161 30.95 29.78 16.54
C ASP G 161 30.95 31.18 15.94
N LEU G 162 30.11 32.05 16.46
CA LEU G 162 29.90 33.41 15.99
C LEU G 162 29.07 33.52 14.69
N SER G 163 28.94 32.46 13.90
CA SER G 163 27.98 32.56 12.81
C SER G 163 26.64 32.09 13.33
N PRO G 164 25.58 32.84 13.12
CA PRO G 164 24.24 32.55 13.55
C PRO G 164 23.74 31.30 12.88
N TYR G 165 24.29 30.97 11.71
CA TYR G 165 23.81 29.80 11.04
C TYR G 165 24.19 28.59 11.83
N VAL G 166 25.44 28.53 12.21
CA VAL G 166 25.91 27.42 12.99
C VAL G 166 25.21 27.39 14.32
N ARG G 167 25.01 28.56 14.93
CA ARG G 167 24.36 28.59 16.21
C ARG G 167 22.98 27.96 16.15
N LYS G 168 22.26 28.21 15.07
CA LYS G 168 20.95 27.59 14.90
C LYS G 168 21.09 26.08 14.96
N ASN G 169 22.09 25.56 14.28
CA ASN G 169 22.34 24.15 14.28
C ASN G 169 22.78 23.68 15.66
N ALA G 170 23.50 24.53 16.37
CA ALA G 170 23.96 24.19 17.70
C ALA G 170 22.78 23.93 18.60
N ALA G 171 21.73 24.72 18.44
CA ALA G 171 20.56 24.52 19.26
C ALA G 171 20.00 23.13 19.05
N HIS G 172 19.99 22.67 17.79
CA HIS G 172 19.47 21.35 17.53
C HIS G 172 20.39 20.29 18.11
N ALA G 173 21.69 20.56 18.07
CA ALA G 173 22.67 19.63 18.62
C ALA G 173 22.44 19.42 20.09
N ILE G 174 22.08 20.49 20.80
CA ILE G 174 21.80 20.38 22.21
C ILE G 174 20.72 19.39 22.46
N GLN G 175 19.63 19.56 21.72
CA GLN G 175 18.48 18.70 21.85
C GLN G 175 18.85 17.27 21.59
N LYS G 176 19.67 17.08 20.56
CA LYS G 176 20.08 15.76 20.19
C LYS G 176 20.87 15.10 21.28
N LEU G 177 21.85 15.81 21.83
CA LEU G 177 22.66 15.22 22.86
C LEU G 177 21.84 14.87 24.05
N TYR G 178 20.92 15.74 24.43
CA TYR G 178 20.06 15.47 25.56
C TYR G 178 19.35 14.16 25.40
N SER G 179 18.76 13.92 24.23
CA SER G 179 18.05 12.68 24.00
C SER G 179 18.99 11.48 24.04
N LEU G 180 20.26 11.70 23.73
CA LEU G 180 21.22 10.61 23.76
C LEU G 180 21.89 10.44 25.11
N ASP G 181 21.96 11.52 25.89
CA ASP G 181 22.59 11.48 27.19
C ASP G 181 22.04 12.54 28.15
N PRO G 182 20.91 12.24 28.80
CA PRO G 182 20.16 13.05 29.75
C PRO G 182 21.02 13.61 30.87
N GLU G 183 22.04 12.86 31.27
CA GLU G 183 22.93 13.26 32.34
C GLU G 183 23.71 14.55 32.06
N GLN G 184 23.81 14.95 30.80
CA GLN G 184 24.55 16.16 30.47
C GLN G 184 23.68 17.40 30.58
N LYS G 185 22.39 17.20 30.89
CA LYS G 185 21.40 18.26 30.97
C LYS G 185 21.89 19.53 31.62
N GLU G 186 22.56 19.43 32.75
CA GLU G 186 23.05 20.63 33.42
C GLU G 186 23.90 21.50 32.52
N MET G 187 24.80 20.88 31.79
CA MET G 187 25.68 21.63 30.93
C MET G 187 24.90 22.16 29.76
N LEU G 188 23.99 21.34 29.27
CA LEU G 188 23.19 21.72 28.13
C LEU G 188 22.37 22.94 28.47
N ILE G 189 21.88 22.99 29.70
CA ILE G 189 21.15 24.13 30.19
C ILE G 189 21.99 25.37 30.16
N GLU G 190 23.23 25.25 30.60
CA GLU G 190 24.13 26.39 30.59
C GLU G 190 24.31 26.91 29.18
N VAL G 191 24.40 25.98 28.22
CA VAL G 191 24.56 26.37 26.84
C VAL G 191 23.33 27.09 26.33
N ILE G 192 22.16 26.57 26.66
CA ILE G 192 20.93 27.19 26.24
C ILE G 192 20.85 28.59 26.79
N GLU G 193 21.18 28.73 28.07
CA GLU G 193 21.17 30.00 28.75
C GLU G 193 21.98 31.01 27.98
N LYS G 194 23.15 30.59 27.51
CA LYS G 194 23.97 31.43 26.67
C LYS G 194 23.26 31.81 25.40
N LEU G 195 22.72 30.81 24.70
CA LEU G 195 22.09 31.03 23.42
C LEU G 195 20.88 31.92 23.49
N LEU G 196 20.17 31.90 24.61
CA LEU G 196 19.02 32.75 24.79
C LEU G 196 19.33 34.24 24.72
N LYS G 197 20.59 34.60 24.87
CA LYS G 197 20.99 35.99 24.85
C LYS G 197 21.23 36.50 23.44
N ASP G 198 21.18 35.61 22.45
CA ASP G 198 21.44 35.98 21.07
C ASP G 198 20.32 36.80 20.46
N LYS G 199 20.64 38.02 20.08
CA LYS G 199 19.70 38.93 19.45
C LYS G 199 19.18 38.45 18.09
N SER G 200 19.92 37.59 17.39
CA SER G 200 19.48 37.14 16.08
C SER G 200 18.22 36.32 16.11
N THR G 201 17.30 36.71 15.24
CA THR G 201 16.02 36.04 15.11
C THR G 201 16.14 34.74 14.35
N LEU G 202 17.30 34.51 13.74
CA LEU G 202 17.51 33.28 13.01
C LEU G 202 17.96 32.18 13.93
N VAL G 203 18.24 32.54 15.17
CA VAL G 203 18.73 31.58 16.14
C VAL G 203 17.72 31.31 17.21
N ALA G 204 17.19 32.38 17.78
CA ALA G 204 16.29 32.29 18.91
C ALA G 204 15.20 31.23 18.76
N GLY G 205 14.57 31.16 17.59
CA GLY G 205 13.50 30.20 17.36
C GLY G 205 13.90 28.79 17.78
N SER G 206 14.97 28.30 17.18
CA SER G 206 15.47 26.98 17.51
C SER G 206 15.88 26.87 18.96
N VAL G 207 16.44 27.93 19.52
CA VAL G 207 16.85 27.90 20.90
C VAL G 207 15.67 27.65 21.80
N VAL G 208 14.56 28.34 21.53
CA VAL G 208 13.35 28.14 22.30
C VAL G 208 12.89 26.72 22.19
N MET G 209 12.93 26.18 20.99
CA MET G 209 12.57 24.80 20.81
C MET G 209 13.42 23.91 21.71
N ALA G 210 14.72 24.16 21.71
CA ALA G 210 15.63 23.37 22.53
C ALA G 210 15.26 23.46 23.99
N PHE G 211 14.87 24.65 24.43
CA PHE G 211 14.45 24.85 25.81
C PHE G 211 13.34 23.90 26.16
N GLU G 212 12.32 23.84 25.32
CA GLU G 212 11.20 22.96 25.57
C GLU G 212 11.60 21.51 25.57
N GLU G 213 12.51 21.15 24.70
CA GLU G 213 12.96 19.79 24.63
C GLU G 213 13.84 19.35 25.78
N VAL G 214 14.64 20.26 26.31
CA VAL G 214 15.59 19.87 27.35
C VAL G 214 15.17 20.24 28.74
N CYS G 215 14.80 21.49 28.94
CA CYS G 215 14.48 21.96 30.28
C CYS G 215 13.32 22.93 30.30
N PRO G 216 12.12 22.47 29.96
CA PRO G 216 10.89 23.21 29.84
C PRO G 216 10.47 23.87 31.16
N ASP G 217 10.98 23.37 32.27
CA ASP G 217 10.63 23.91 33.56
C ASP G 217 11.51 25.07 34.02
N ARG G 218 12.62 25.32 33.34
CA ARG G 218 13.52 26.37 33.80
C ARG G 218 13.15 27.76 33.35
N ILE G 219 11.99 28.23 33.80
CA ILE G 219 11.46 29.53 33.42
C ILE G 219 12.33 30.68 33.88
N ASP G 220 13.13 30.44 34.91
CA ASP G 220 14.03 31.43 35.43
C ASP G 220 15.06 31.85 34.40
N LEU G 221 15.26 31.04 33.37
CA LEU G 221 16.20 31.33 32.32
C LEU G 221 15.59 32.22 31.26
N ILE G 222 14.30 32.42 31.32
CA ILE G 222 13.66 33.15 30.26
C ILE G 222 13.19 34.51 30.70
N HIS G 223 12.71 34.64 31.93
CA HIS G 223 12.18 35.92 32.42
C HIS G 223 12.78 37.17 31.79
N LYS G 224 14.10 37.30 31.84
CA LYS G 224 14.78 38.45 31.26
C LYS G 224 14.62 38.57 29.76
N ASN G 225 14.45 37.45 29.11
CA ASN G 225 14.35 37.38 27.68
C ASN G 225 12.92 37.57 27.16
N TYR G 226 11.94 37.72 28.06
CA TYR G 226 10.56 37.82 27.60
C TYR G 226 10.34 39.01 26.70
N ARG G 227 10.95 40.13 27.04
CA ARG G 227 10.69 41.36 26.36
C ARG G 227 11.08 41.31 24.92
N LYS G 228 12.23 40.75 24.63
CA LYS G 228 12.65 40.69 23.27
C LYS G 228 11.97 39.54 22.57
N LEU G 229 11.59 38.50 23.31
CA LEU G 229 10.87 37.43 22.66
C LEU G 229 9.57 37.96 22.13
N CYS G 230 8.94 38.83 22.89
CA CYS G 230 7.73 39.42 22.41
C CYS G 230 7.99 40.33 21.23
N ASN G 231 8.93 41.24 21.38
CA ASN G 231 9.18 42.21 20.32
C ASN G 231 9.66 41.61 19.03
N LEU G 232 10.42 40.54 19.12
CA LEU G 232 10.98 39.92 17.95
C LEU G 232 10.14 38.78 17.39
N LEU G 233 9.06 38.42 18.06
CA LEU G 233 8.29 37.27 17.62
C LEU G 233 7.84 37.38 16.18
N VAL G 234 7.38 38.55 15.80
CA VAL G 234 6.93 38.77 14.44
C VAL G 234 8.04 38.64 13.40
N ASP G 235 9.29 38.71 13.85
CA ASP G 235 10.43 38.61 12.97
C ASP G 235 11.00 37.20 12.92
N VAL G 236 10.37 36.28 13.64
CA VAL G 236 10.81 34.90 13.67
C VAL G 236 10.17 34.11 12.57
N GLU G 237 10.92 33.18 12.00
CA GLU G 237 10.43 32.31 10.95
C GLU G 237 9.20 31.54 11.46
N GLU G 238 8.20 31.36 10.59
CA GLU G 238 6.91 30.79 10.96
C GLU G 238 6.92 29.53 11.85
N TRP G 239 7.88 28.64 11.72
CA TRP G 239 7.80 27.43 12.51
C TRP G 239 8.24 27.72 13.90
N GLY G 240 9.22 28.60 14.02
CA GLY G 240 9.70 29.00 15.30
C GLY G 240 8.61 29.73 16.03
N GLN G 241 7.86 30.55 15.31
CA GLN G 241 6.80 31.31 15.93
C GLN G 241 5.81 30.41 16.61
N VAL G 242 5.45 29.32 15.96
CA VAL G 242 4.50 28.39 16.56
C VAL G 242 5.02 27.86 17.87
N VAL G 243 6.24 27.38 17.85
CA VAL G 243 6.83 26.81 19.04
C VAL G 243 6.92 27.82 20.16
N ILE G 244 7.36 29.01 19.81
CA ILE G 244 7.52 30.06 20.79
C ILE G 244 6.24 30.39 21.46
N ILE G 245 5.19 30.58 20.67
CA ILE G 245 3.92 30.94 21.25
C ILE G 245 3.44 29.93 22.26
N HIS G 246 3.57 28.65 21.95
CA HIS G 246 3.10 27.68 22.91
C HIS G 246 3.83 27.84 24.22
N MET G 247 5.13 28.00 24.14
CA MET G 247 5.92 28.26 25.33
C MET G 247 5.46 29.50 26.06
N LEU G 248 5.19 30.57 25.30
CA LEU G 248 4.80 31.83 25.88
C LEU G 248 3.53 31.71 26.69
N THR G 249 2.57 30.92 26.20
CA THR G 249 1.31 30.81 26.91
C THR G 249 1.50 30.09 28.21
N ARG G 250 2.36 29.11 28.18
CA ARG G 250 2.57 28.32 29.36
C ARG G 250 3.18 29.14 30.45
N TYR G 251 4.14 30.01 30.14
CA TYR G 251 4.68 30.81 31.21
C TYR G 251 3.75 31.94 31.59
N ALA G 252 2.95 32.40 30.63
CA ALA G 252 2.08 33.54 30.88
C ALA G 252 1.15 33.24 32.01
N ARG G 253 0.69 32.01 32.08
CA ARG G 253 -0.21 31.61 33.15
C ARG G 253 0.46 31.51 34.52
N THR G 254 1.73 31.86 34.65
CA THR G 254 2.37 31.88 35.94
C THR G 254 2.78 33.29 36.28
N GLN G 255 3.01 34.10 35.24
CA GLN G 255 3.42 35.47 35.47
C GLN G 255 2.28 36.43 35.57
N PHE G 256 1.15 36.05 35.02
CA PHE G 256 0.01 36.93 35.05
C PHE G 256 -1.16 36.25 35.73
N VAL G 257 -2.16 37.05 36.11
CA VAL G 257 -3.37 36.58 36.78
C VAL G 257 -4.59 36.91 35.92
N SER G 258 -5.53 35.98 35.82
CA SER G 258 -6.68 36.10 34.93
C SER G 258 -7.30 37.48 34.86
N PRO G 259 -7.37 38.07 33.68
CA PRO G 259 -7.93 39.36 33.38
C PRO G 259 -9.42 39.36 33.38
N TRP G 260 -10.04 38.19 33.40
CA TRP G 260 -11.48 38.17 33.39
C TRP G 260 -12.06 37.81 34.74
N PRO G 290 -9.99 47.88 40.03
CA PRO G 290 -10.37 46.96 38.98
C PRO G 290 -9.12 46.37 38.38
N TYR G 291 -9.26 45.23 37.73
CA TYR G 291 -8.12 44.59 37.12
C TYR G 291 -7.53 45.50 36.09
N THR G 292 -6.26 45.81 36.21
CA THR G 292 -5.63 46.61 35.19
C THR G 292 -4.69 45.70 34.47
N MET G 293 -4.39 46.01 33.23
CA MET G 293 -3.52 45.10 32.50
C MET G 293 -2.08 45.48 32.68
N ASP G 294 -1.29 44.49 33.08
CA ASP G 294 0.13 44.65 33.24
C ASP G 294 0.70 45.00 31.90
N PRO G 295 1.52 46.03 31.78
CA PRO G 295 2.19 46.46 30.57
C PRO G 295 2.85 45.29 29.86
N ASP G 296 3.37 44.33 30.62
CA ASP G 296 4.01 43.17 30.03
C ASP G 296 2.98 42.23 29.44
N HIS G 297 1.85 42.11 30.12
CA HIS G 297 0.75 41.30 29.63
C HIS G 297 0.25 41.91 28.35
N ARG G 298 0.08 43.21 28.37
CA ARG G 298 -0.36 43.97 27.24
C ARG G 298 0.59 43.81 26.09
N LEU G 299 1.88 43.86 26.38
CA LEU G 299 2.90 43.70 25.37
C LEU G 299 2.74 42.39 24.65
N LEU G 300 2.58 41.32 25.41
CA LEU G 300 2.40 40.00 24.84
C LEU G 300 1.27 39.96 23.85
N ILE G 301 0.13 40.46 24.26
CA ILE G 301 -1.04 40.38 23.42
C ILE G 301 -1.00 41.34 22.25
N ARG G 302 -0.61 42.58 22.49
CA ARG G 302 -0.61 43.54 21.40
C ARG G 302 0.40 43.17 20.34
N ASN G 303 1.46 42.48 20.71
CA ASN G 303 2.41 42.09 19.69
C ASN G 303 1.93 40.91 18.90
N THR G 304 1.21 40.00 19.53
CA THR G 304 0.74 38.87 18.76
C THR G 304 -0.42 39.21 17.84
N LYS G 305 -1.22 40.21 18.21
CA LYS G 305 -2.34 40.67 17.37
C LYS G 305 -2.19 40.48 15.84
N PRO G 306 -1.19 41.08 15.16
CA PRO G 306 -0.96 41.01 13.72
C PRO G 306 -0.70 39.61 13.21
N LEU G 307 -0.21 38.74 14.08
CA LEU G 307 0.11 37.39 13.68
C LEU G 307 -1.12 36.63 13.26
N LEU G 308 -2.27 37.06 13.75
CA LEU G 308 -3.51 36.39 13.47
C LEU G 308 -3.78 36.25 11.98
N GLN G 309 -3.29 37.20 11.17
CA GLN G 309 -3.52 37.17 9.74
C GLN G 309 -2.46 36.37 8.95
N SER G 310 -1.62 35.62 9.66
CA SER G 310 -0.60 34.79 9.02
C SER G 310 -1.12 33.75 8.08
N ARG G 311 -0.33 33.43 7.08
CA ARG G 311 -0.67 32.39 6.12
C ARG G 311 -0.51 30.97 6.69
N ASN G 312 0.22 30.85 7.79
CA ASN G 312 0.44 29.55 8.41
C ASN G 312 -0.66 29.19 9.40
N ALA G 313 -1.43 28.16 9.09
CA ALA G 313 -2.57 27.80 9.93
C ALA G 313 -2.14 27.49 11.34
N ALA G 314 -1.00 26.82 11.48
CA ALA G 314 -0.51 26.48 12.80
C ALA G 314 -0.24 27.74 13.59
N VAL G 315 0.30 28.76 12.92
CA VAL G 315 0.55 30.02 13.60
C VAL G 315 -0.74 30.61 14.06
N VAL G 316 -1.72 30.59 13.18
CA VAL G 316 -3.01 31.16 13.52
C VAL G 316 -3.58 30.46 14.72
N MET G 317 -3.49 29.14 14.73
CA MET G 317 -3.99 28.36 15.83
C MET G 317 -3.26 28.69 17.09
N ALA G 318 -1.95 28.87 16.98
CA ALA G 318 -1.17 29.22 18.15
C ALA G 318 -1.64 30.56 18.69
N VAL G 319 -1.92 31.49 17.81
CA VAL G 319 -2.42 32.77 18.26
C VAL G 319 -3.75 32.59 18.94
N ALA G 320 -4.61 31.79 18.33
CA ALA G 320 -5.91 31.56 18.91
C ALA G 320 -5.78 30.96 20.30
N GLN G 321 -4.86 30.03 20.46
CA GLN G 321 -4.60 29.41 21.73
C GLN G 321 -4.28 30.43 22.77
N LEU G 322 -3.37 31.33 22.44
CA LEU G 322 -2.97 32.39 23.34
C LEU G 322 -4.14 33.18 23.81
N TYR G 323 -4.97 33.63 22.90
CA TYR G 323 -6.06 34.42 23.36
C TYR G 323 -7.07 33.62 24.13
N TRP G 324 -7.29 32.38 23.72
CA TRP G 324 -8.25 31.54 24.42
C TRP G 324 -7.88 31.29 25.86
N HIS G 325 -6.59 31.10 26.12
CA HIS G 325 -6.19 30.83 27.48
C HIS G 325 -5.62 32.02 28.21
N ILE G 326 -5.35 33.12 27.53
CA ILE G 326 -4.77 34.29 28.18
C ILE G 326 -5.58 35.57 28.04
N SER G 327 -5.92 35.89 26.80
CA SER G 327 -6.62 37.16 26.53
C SER G 327 -7.95 37.28 27.26
N PRO G 328 -8.29 38.49 27.71
CA PRO G 328 -9.54 38.86 28.36
C PRO G 328 -10.69 38.36 27.53
N LYS G 329 -11.69 37.80 28.19
CA LYS G 329 -12.81 37.19 27.51
C LYS G 329 -13.63 38.16 26.66
N SER G 330 -13.57 39.45 26.99
CA SER G 330 -14.28 40.45 26.23
C SER G 330 -13.54 40.85 24.96
N GLU G 331 -12.27 40.46 24.87
CA GLU G 331 -11.45 40.86 23.75
C GLU G 331 -11.20 39.71 22.80
N ALA G 332 -11.00 38.54 23.38
CA ALA G 332 -10.63 37.33 22.66
C ALA G 332 -11.62 36.95 21.57
N GLY G 333 -12.87 37.41 21.65
CA GLY G 333 -13.88 37.08 20.66
C GLY G 333 -13.39 37.21 19.22
N ILE G 334 -12.52 38.18 18.95
CA ILE G 334 -12.02 38.41 17.61
C ILE G 334 -11.38 37.23 16.92
N ILE G 335 -10.80 36.30 17.68
CA ILE G 335 -10.05 35.23 17.05
C ILE G 335 -10.94 34.28 16.30
N SER G 336 -12.22 34.24 16.65
CA SER G 336 -13.07 33.31 15.96
C SER G 336 -13.24 33.69 14.52
N LYS G 337 -13.08 34.97 14.20
CA LYS G 337 -13.21 35.40 12.84
C LYS G 337 -12.15 34.70 12.01
N SER G 338 -10.94 34.72 12.53
CA SER G 338 -9.84 34.05 11.88
C SER G 338 -10.03 32.56 11.92
N LEU G 339 -10.53 32.03 13.02
CA LEU G 339 -10.72 30.60 13.07
C LEU G 339 -11.65 30.14 11.96
N VAL G 340 -12.63 30.95 11.63
CA VAL G 340 -13.47 30.63 10.50
C VAL G 340 -12.70 30.58 9.20
N ARG G 341 -11.79 31.53 8.95
CA ARG G 341 -11.11 31.48 7.66
C ARG G 341 -10.20 30.27 7.57
N LEU G 342 -9.83 29.67 8.70
CA LEU G 342 -9.04 28.46 8.65
C LEU G 342 -9.82 27.33 7.99
N LEU G 343 -11.14 27.43 8.00
CA LEU G 343 -11.96 26.41 7.41
C LEU G 343 -11.96 26.48 5.90
N ARG G 344 -11.29 27.50 5.35
CA ARG G 344 -11.17 27.67 3.94
C ARG G 344 -9.96 26.92 3.39
N SER G 345 -9.19 26.29 4.27
CA SER G 345 -7.97 25.63 3.84
C SER G 345 -8.17 24.14 3.57
N ASN G 346 -7.05 23.43 3.54
CA ASN G 346 -7.04 22.00 3.29
C ASN G 346 -7.78 21.25 4.35
N ARG G 347 -8.57 20.28 3.93
CA ARG G 347 -9.38 19.47 4.82
C ARG G 347 -8.66 18.92 6.04
N GLU G 348 -7.39 18.55 5.90
CA GLU G 348 -6.70 17.98 7.05
C GLU G 348 -6.65 19.02 8.15
N VAL G 349 -6.47 20.27 7.76
CA VAL G 349 -6.43 21.36 8.69
C VAL G 349 -7.77 21.56 9.28
N GLN G 350 -8.78 21.53 8.43
CA GLN G 350 -10.14 21.76 8.86
C GLN G 350 -10.55 20.81 9.95
N TYR G 351 -10.15 19.55 9.83
CA TYR G 351 -10.50 18.57 10.83
C TYR G 351 -10.05 19.01 12.21
N ILE G 352 -8.80 19.41 12.31
CA ILE G 352 -8.29 19.86 13.59
C ILE G 352 -8.98 21.11 14.05
N VAL G 353 -9.18 22.03 13.12
CA VAL G 353 -9.80 23.28 13.46
C VAL G 353 -11.18 23.09 14.01
N LEU G 354 -11.96 22.23 13.39
CA LEU G 354 -13.32 21.99 13.84
C LEU G 354 -13.32 21.44 15.26
N GLN G 355 -12.37 20.57 15.58
CA GLN G 355 -12.31 20.06 16.93
C GLN G 355 -12.09 21.20 17.92
N ASN G 356 -11.24 22.14 17.55
CA ASN G 356 -10.97 23.27 18.41
C ASN G 356 -12.18 24.16 18.53
N ILE G 357 -12.89 24.36 17.43
CA ILE G 357 -14.07 25.19 17.46
C ILE G 357 -15.10 24.62 18.37
N ALA G 358 -15.34 23.32 18.23
CA ALA G 358 -16.32 22.67 19.05
C ALA G 358 -15.96 22.78 20.51
N THR G 359 -14.69 22.60 20.81
CA THR G 359 -14.23 22.70 22.18
C THR G 359 -14.55 24.08 22.73
N MET G 360 -14.32 25.10 21.94
CA MET G 360 -14.59 26.46 22.36
C MET G 360 -16.07 26.77 22.47
N SER G 361 -16.85 26.28 21.50
CA SER G 361 -18.27 26.59 21.41
C SER G 361 -19.08 26.11 22.58
N ILE G 362 -18.60 25.08 23.25
CA ILE G 362 -19.33 24.59 24.42
C ILE G 362 -19.31 25.60 25.57
N GLN G 363 -18.45 26.63 25.50
CA GLN G 363 -18.39 27.62 26.54
C GLN G 363 -18.73 29.00 26.02
N ARG G 364 -18.20 29.33 24.85
CA ARG G 364 -18.41 30.65 24.29
C ARG G 364 -19.16 30.61 22.99
N LYS G 365 -20.44 30.26 23.07
CA LYS G 365 -21.29 30.13 21.89
C LYS G 365 -21.34 31.40 21.04
N GLY G 366 -21.29 32.55 21.70
CA GLY G 366 -21.35 33.83 21.02
C GLY G 366 -20.18 34.08 20.06
N MET G 367 -19.08 33.34 20.22
CA MET G 367 -17.94 33.53 19.36
C MET G 367 -18.12 32.89 18.00
N PHE G 368 -19.14 32.04 17.82
CA PHE G 368 -19.34 31.34 16.52
C PHE G 368 -20.69 31.77 15.97
N GLU G 369 -21.61 32.13 16.87
CA GLU G 369 -22.93 32.65 16.54
C GLU G 369 -23.08 33.31 15.15
N PRO G 370 -22.44 34.45 14.84
CA PRO G 370 -22.64 35.23 13.64
C PRO G 370 -22.20 34.52 12.37
N TYR G 371 -21.49 33.42 12.52
CA TYR G 371 -21.01 32.68 11.38
C TYR G 371 -21.73 31.38 11.19
N LEU G 372 -22.87 31.20 11.85
CA LEU G 372 -23.61 29.94 11.83
C LEU G 372 -23.70 29.22 10.50
N LYS G 373 -24.05 29.91 9.42
CA LYS G 373 -24.20 29.24 8.13
C LYS G 373 -22.93 28.62 7.60
N SER G 374 -21.78 29.11 8.05
CA SER G 374 -20.51 28.60 7.60
C SER G 374 -20.28 27.19 8.07
N PHE G 375 -21.06 26.74 9.06
CA PHE G 375 -20.90 25.42 9.57
C PHE G 375 -21.84 24.44 8.91
N TYR G 376 -22.53 24.86 7.87
CA TYR G 376 -23.42 23.94 7.20
C TYR G 376 -22.62 22.84 6.55
N VAL G 377 -23.17 21.65 6.60
CA VAL G 377 -22.53 20.48 6.08
C VAL G 377 -22.77 20.30 4.62
N ARG G 378 -21.70 20.04 3.87
CA ARG G 378 -21.79 19.77 2.45
C ARG G 378 -21.76 18.29 2.21
N SER G 379 -22.41 17.85 1.16
CA SER G 379 -22.50 16.41 0.91
C SER G 379 -21.16 15.76 0.62
N THR G 380 -20.19 16.56 0.17
CA THR G 380 -18.86 16.08 -0.17
C THR G 380 -17.97 15.88 1.05
N ASP G 381 -18.40 16.39 2.18
CA ASP G 381 -17.61 16.26 3.39
C ASP G 381 -17.52 14.79 3.81
N PRO G 382 -16.39 14.33 4.30
CA PRO G 382 -16.18 13.04 4.93
C PRO G 382 -17.08 12.93 6.14
N THR G 383 -17.54 11.73 6.45
CA THR G 383 -18.42 11.50 7.57
C THR G 383 -17.93 12.14 8.86
N MET G 384 -16.64 12.00 9.14
CA MET G 384 -16.06 12.57 10.35
C MET G 384 -16.11 14.09 10.36
N ILE G 385 -16.13 14.68 9.18
CA ILE G 385 -16.21 16.12 9.06
C ILE G 385 -17.62 16.55 9.26
N LYS G 386 -18.51 15.78 8.66
CA LYS G 386 -19.93 16.04 8.77
C LYS G 386 -20.33 16.00 10.23
N THR G 387 -19.76 15.04 10.95
CA THR G 387 -20.01 14.86 12.35
C THR G 387 -19.55 16.05 13.17
N LEU G 388 -18.33 16.51 12.95
CA LEU G 388 -17.85 17.63 13.71
C LEU G 388 -18.67 18.87 13.49
N LYS G 389 -19.03 19.13 12.25
CA LYS G 389 -19.82 20.31 11.98
C LYS G 389 -21.14 20.21 12.67
N LEU G 390 -21.73 19.03 12.64
CA LEU G 390 -23.00 18.80 13.28
C LEU G 390 -22.94 19.16 14.74
N GLU G 391 -21.88 18.75 15.41
CA GLU G 391 -21.74 19.06 16.81
C GLU G 391 -21.64 20.54 17.06
N ILE G 392 -20.93 21.24 16.19
CA ILE G 392 -20.82 22.66 16.35
C ILE G 392 -22.18 23.31 16.22
N LEU G 393 -22.94 22.90 15.22
CA LEU G 393 -24.26 23.44 15.02
C LEU G 393 -25.12 23.19 16.22
N THR G 394 -24.95 22.01 16.81
CA THR G 394 -25.69 21.64 17.98
C THR G 394 -25.48 22.64 19.08
N ASN G 395 -24.23 22.92 19.38
CA ASN G 395 -23.93 23.87 20.43
C ASN G 395 -24.44 25.26 20.13
N LEU G 396 -24.46 25.62 18.86
CA LEU G 396 -24.90 26.95 18.50
C LEU G 396 -26.41 27.08 18.35
N ALA G 397 -27.14 25.99 18.48
CA ALA G 397 -28.57 26.09 18.33
C ALA G 397 -29.17 26.88 19.47
N ASN G 398 -30.14 27.72 19.13
CA ASN G 398 -30.87 28.47 20.14
C ASN G 398 -32.22 28.86 19.59
N GLU G 399 -33.05 29.46 20.42
CA GLU G 399 -34.40 29.80 20.01
C GLU G 399 -34.46 30.87 18.92
N ALA G 400 -33.39 31.59 18.70
CA ALA G 400 -33.38 32.61 17.69
C ALA G 400 -33.00 32.05 16.33
N ASN G 401 -32.61 30.78 16.26
CA ASN G 401 -32.22 30.24 14.98
C ASN G 401 -32.64 28.80 14.78
N ILE G 402 -33.27 28.20 15.78
CA ILE G 402 -33.64 26.81 15.70
C ILE G 402 -34.56 26.46 14.56
N SER G 403 -35.42 27.39 14.14
CA SER G 403 -36.31 27.07 13.05
C SER G 403 -35.58 26.83 11.75
N THR G 404 -34.46 27.53 11.58
CA THR G 404 -33.68 27.38 10.38
C THR G 404 -32.95 26.09 10.44
N LEU G 405 -32.36 25.85 11.59
CA LEU G 405 -31.58 24.67 11.80
C LEU G 405 -32.39 23.43 11.65
N LEU G 406 -33.61 23.45 12.16
CA LEU G 406 -34.46 22.27 12.04
C LEU G 406 -34.78 21.96 10.61
N ARG G 407 -35.01 22.99 9.79
CA ARG G 407 -35.26 22.71 8.38
C ARG G 407 -34.05 22.09 7.74
N GLU G 408 -32.88 22.60 8.10
CA GLU G 408 -31.65 22.08 7.56
C GLU G 408 -31.41 20.67 8.03
N PHE G 409 -31.73 20.42 9.30
CA PHE G 409 -31.56 19.12 9.89
C PHE G 409 -32.47 18.14 9.24
N GLN G 410 -33.69 18.59 8.94
CA GLN G 410 -34.66 17.74 8.30
C GLN G 410 -34.13 17.26 6.99
N THR G 411 -33.45 18.15 6.28
CA THR G 411 -32.82 17.77 5.05
C THR G 411 -31.70 16.80 5.31
N TYR G 412 -30.88 17.11 6.32
CA TYR G 412 -29.75 16.25 6.65
C TYR G 412 -30.17 14.85 6.99
N VAL G 413 -31.32 14.67 7.62
CA VAL G 413 -31.81 13.35 7.93
C VAL G 413 -32.00 12.49 6.69
N LYS G 414 -32.27 13.10 5.56
CA LYS G 414 -32.50 12.35 4.35
C LYS G 414 -31.23 12.09 3.55
N SER G 415 -30.08 12.46 4.09
CA SER G 415 -28.83 12.25 3.39
C SER G 415 -28.52 10.80 3.09
N GLN G 416 -27.87 10.58 1.95
CA GLN G 416 -27.39 9.27 1.57
C GLN G 416 -26.46 8.69 2.64
N ASP G 417 -25.74 9.56 3.35
CA ASP G 417 -24.85 9.11 4.40
C ASP G 417 -25.64 8.80 5.65
N LYS G 418 -26.06 7.55 5.72
CA LYS G 418 -26.88 7.07 6.81
C LYS G 418 -26.22 7.22 8.17
N GLN G 419 -24.91 7.12 8.22
CA GLN G 419 -24.23 7.29 9.50
C GLN G 419 -24.42 8.71 9.99
N PHE G 420 -24.29 9.65 9.06
CA PHE G 420 -24.51 11.05 9.34
C PHE G 420 -25.94 11.30 9.73
N ALA G 421 -26.86 10.76 8.95
CA ALA G 421 -28.27 10.93 9.21
C ALA G 421 -28.64 10.43 10.60
N ALA G 422 -28.07 9.29 10.99
CA ALA G 422 -28.35 8.76 12.31
C ALA G 422 -27.89 9.73 13.37
N ALA G 423 -26.70 10.28 13.18
CA ALA G 423 -26.16 11.25 14.11
C ALA G 423 -27.03 12.49 14.14
N THR G 424 -27.55 12.88 12.98
CA THR G 424 -28.40 14.04 12.86
C THR G 424 -29.64 13.86 13.68
N ILE G 425 -30.21 12.67 13.62
CA ILE G 425 -31.38 12.36 14.39
C ILE G 425 -31.09 12.51 15.87
N GLN G 426 -29.93 12.02 16.30
CA GLN G 426 -29.54 12.13 17.69
C GLN G 426 -29.43 13.58 18.08
N THR G 427 -28.84 14.38 17.19
CA THR G 427 -28.67 15.80 17.40
C THR G 427 -29.98 16.50 17.58
N ILE G 428 -30.95 16.14 16.77
CA ILE G 428 -32.25 16.74 16.88
C ILE G 428 -32.79 16.48 18.25
N GLY G 429 -32.63 15.25 18.72
CA GLY G 429 -33.05 14.92 20.06
C GLY G 429 -32.33 15.79 21.08
N ARG G 430 -31.04 15.97 20.89
CA ARG G 430 -30.28 16.77 21.82
C ARG G 430 -30.76 18.20 21.88
N CYS G 431 -31.03 18.77 20.71
CA CYS G 431 -31.45 20.15 20.72
C CYS G 431 -32.86 20.27 21.22
N ALA G 432 -33.62 19.19 21.11
CA ALA G 432 -34.96 19.18 21.64
C ALA G 432 -34.89 19.32 23.15
N THR G 433 -33.93 18.66 23.79
CA THR G 433 -33.84 18.80 25.22
C THR G 433 -33.31 20.17 25.60
N ASN G 434 -32.53 20.76 24.70
CA ASN G 434 -32.02 22.09 24.96
C ASN G 434 -33.10 23.14 24.80
N ILE G 435 -33.99 22.96 23.83
CA ILE G 435 -35.06 23.91 23.61
C ILE G 435 -36.40 23.23 23.75
N LEU G 436 -36.96 23.34 24.94
CA LEU G 436 -38.21 22.68 25.24
C LEU G 436 -39.35 23.18 24.38
N GLU G 437 -39.28 24.45 24.02
CA GLU G 437 -40.28 25.13 23.23
C GLU G 437 -40.59 24.50 21.89
N VAL G 438 -39.68 23.71 21.34
CA VAL G 438 -39.96 23.14 20.03
C VAL G 438 -40.11 21.63 20.05
N THR G 439 -40.07 21.04 21.22
CA THR G 439 -40.09 19.58 21.34
C THR G 439 -41.31 18.90 20.77
N ASP G 440 -42.44 19.56 20.77
CA ASP G 440 -43.63 18.96 20.22
C ASP G 440 -43.48 18.73 18.73
N THR G 441 -42.80 19.65 18.06
CA THR G 441 -42.66 19.56 16.63
C THR G 441 -41.51 18.66 16.32
N CYS G 442 -40.55 18.64 17.23
CA CYS G 442 -39.41 17.79 17.08
C CYS G 442 -39.89 16.37 17.11
N LEU G 443 -40.76 16.10 18.08
CA LEU G 443 -41.33 14.79 18.23
C LEU G 443 -42.11 14.43 17.01
N ASN G 444 -42.96 15.33 16.53
CA ASN G 444 -43.78 15.00 15.38
C ASN G 444 -42.96 14.57 14.18
N GLY G 445 -41.89 15.32 13.89
CA GLY G 445 -41.05 14.97 12.77
C GLY G 445 -40.34 13.66 13.01
N LEU G 446 -39.86 13.49 14.22
CA LEU G 446 -39.15 12.30 14.60
C LEU G 446 -40.06 11.09 14.47
N VAL G 447 -41.30 11.22 14.89
CA VAL G 447 -42.29 10.18 14.75
C VAL G 447 -42.54 9.87 13.31
N CYS G 448 -42.59 10.89 12.46
CA CYS G 448 -42.80 10.65 11.04
C CYS G 448 -41.70 9.77 10.45
N LEU G 449 -40.48 9.90 10.98
CA LEU G 449 -39.37 9.07 10.52
C LEU G 449 -39.58 7.60 10.78
N LEU G 450 -40.48 7.24 11.70
CA LEU G 450 -40.74 5.86 12.01
C LEU G 450 -41.33 5.13 10.80
N SER G 451 -41.97 5.88 9.91
CA SER G 451 -42.56 5.32 8.71
C SER G 451 -41.53 5.08 7.62
N ASN G 452 -40.31 5.57 7.80
CA ASN G 452 -39.27 5.40 6.82
C ASN G 452 -38.91 3.95 6.69
N ARG G 453 -38.75 3.50 5.45
CA ARG G 453 -38.42 2.11 5.18
C ARG G 453 -37.06 1.64 5.71
N ASP G 454 -36.14 2.56 5.97
CA ASP G 454 -34.81 2.14 6.41
C ASP G 454 -34.76 1.75 7.87
N GLU G 455 -34.18 0.58 8.11
CA GLU G 455 -34.08 0.01 9.45
C GLU G 455 -33.26 0.85 10.41
N ILE G 456 -32.14 1.37 9.94
CA ILE G 456 -31.28 2.16 10.80
C ILE G 456 -31.98 3.43 11.20
N VAL G 457 -32.57 4.10 10.21
CA VAL G 457 -33.26 5.34 10.48
C VAL G 457 -34.33 5.19 11.51
N VAL G 458 -35.16 4.18 11.35
CA VAL G 458 -36.25 4.00 12.29
C VAL G 458 -35.73 3.61 13.65
N ALA G 459 -34.83 2.65 13.70
CA ALA G 459 -34.30 2.20 14.97
C ALA G 459 -33.69 3.33 15.76
N GLU G 460 -32.98 4.21 15.06
CA GLU G 460 -32.35 5.32 15.74
C GLU G 460 -33.39 6.27 16.27
N SER G 461 -34.42 6.54 15.47
CA SER G 461 -35.43 7.48 15.92
C SER G 461 -36.19 6.93 17.10
N VAL G 462 -36.35 5.60 17.17
CA VAL G 462 -37.01 4.99 18.30
C VAL G 462 -36.28 5.31 19.57
N VAL G 463 -34.98 5.16 19.53
CA VAL G 463 -34.16 5.43 20.70
C VAL G 463 -34.27 6.88 21.12
N VAL G 464 -34.26 7.77 20.16
CA VAL G 464 -34.36 9.17 20.50
C VAL G 464 -35.73 9.47 21.09
N ILE G 465 -36.78 8.89 20.52
CA ILE G 465 -38.12 9.10 21.06
C ILE G 465 -38.18 8.67 22.49
N LYS G 466 -37.60 7.52 22.79
CA LYS G 466 -37.52 7.04 24.15
C LYS G 466 -36.98 8.12 25.06
N LYS G 467 -35.86 8.70 24.64
CA LYS G 467 -35.25 9.76 25.43
C LYS G 467 -36.18 10.95 25.57
N LEU G 468 -36.92 11.26 24.52
CA LEU G 468 -37.86 12.38 24.60
C LEU G 468 -38.96 12.10 25.59
N LEU G 469 -39.38 10.84 25.65
CA LEU G 469 -40.43 10.47 26.57
C LEU G 469 -39.93 10.47 27.99
N GLN G 470 -38.65 10.20 28.18
CA GLN G 470 -38.08 10.29 29.50
C GLN G 470 -38.09 11.73 29.95
N MET G 471 -37.78 12.63 29.03
CA MET G 471 -37.83 14.04 29.30
C MET G 471 -39.25 14.54 29.51
N GLN G 472 -40.17 14.04 28.71
CA GLN G 472 -41.56 14.44 28.81
C GLN G 472 -42.52 13.27 28.79
N PRO G 473 -42.79 12.64 29.92
CA PRO G 473 -43.64 11.48 30.12
C PRO G 473 -45.13 11.83 30.10
N ALA G 474 -45.55 12.48 29.02
CA ALA G 474 -46.91 12.89 28.80
C ALA G 474 -47.67 11.78 28.15
N GLN G 475 -48.96 11.99 27.96
CA GLN G 475 -49.84 11.00 27.39
C GLN G 475 -49.55 10.72 25.92
N HIS G 476 -48.55 9.90 25.65
CA HIS G 476 -48.21 9.54 24.28
C HIS G 476 -48.33 8.06 24.05
N GLY G 477 -49.40 7.48 24.56
CA GLY G 477 -49.69 6.07 24.40
C GLY G 477 -49.86 5.70 22.95
N GLU G 478 -50.34 6.65 22.14
CA GLU G 478 -50.53 6.44 20.72
C GLU G 478 -49.22 6.20 20.01
N ILE G 479 -48.13 6.64 20.61
CA ILE G 479 -46.83 6.46 20.02
C ILE G 479 -46.43 5.06 20.34
N ILE G 480 -46.66 4.69 21.60
CA ILE G 480 -46.38 3.34 22.04
C ILE G 480 -47.16 2.34 21.24
N LYS G 481 -48.42 2.65 20.96
CA LYS G 481 -49.26 1.77 20.17
C LYS G 481 -48.64 1.56 18.80
N HIS G 482 -48.16 2.65 18.23
CA HIS G 482 -47.50 2.58 16.95
C HIS G 482 -46.24 1.75 17.08
N MET G 483 -45.47 1.97 18.14
CA MET G 483 -44.23 1.23 18.39
C MET G 483 -44.49 -0.24 18.53
N ALA G 484 -45.62 -0.59 19.14
CA ALA G 484 -45.99 -1.97 19.30
C ALA G 484 -46.12 -2.63 17.95
N LYS G 485 -46.62 -1.89 16.99
CA LYS G 485 -46.76 -2.45 15.67
C LYS G 485 -45.41 -2.45 14.97
N LEU G 486 -44.61 -1.43 15.21
CA LEU G 486 -43.29 -1.35 14.60
C LEU G 486 -42.41 -2.48 15.00
N LEU G 487 -42.53 -2.90 16.26
CA LEU G 487 -41.75 -3.98 16.84
C LEU G 487 -41.72 -5.23 15.96
N ASP G 488 -42.80 -5.51 15.24
CA ASP G 488 -42.85 -6.66 14.37
C ASP G 488 -41.76 -6.61 13.30
N SER G 489 -41.44 -5.40 12.85
CA SER G 489 -40.45 -5.21 11.81
C SER G 489 -39.09 -4.81 12.34
N ILE G 490 -39.02 -4.28 13.56
CA ILE G 490 -37.73 -3.86 14.08
C ILE G 490 -36.76 -5.03 14.24
N THR G 491 -35.60 -4.87 13.62
CA THR G 491 -34.54 -5.86 13.66
C THR G 491 -33.50 -5.53 14.70
N VAL G 492 -33.10 -4.26 14.76
CA VAL G 492 -32.05 -3.84 15.69
C VAL G 492 -32.46 -4.04 17.14
N PRO G 493 -31.76 -4.91 17.87
CA PRO G 493 -31.97 -5.32 19.24
C PRO G 493 -32.12 -4.16 20.20
N VAL G 494 -31.34 -3.12 19.99
CA VAL G 494 -31.37 -1.97 20.86
C VAL G 494 -32.74 -1.33 20.82
N ALA G 495 -33.24 -1.12 19.63
CA ALA G 495 -34.55 -0.55 19.45
C ALA G 495 -35.61 -1.51 19.95
N ARG G 496 -35.42 -2.81 19.69
CA ARG G 496 -36.40 -3.78 20.13
C ARG G 496 -36.57 -3.70 21.64
N ALA G 497 -35.44 -3.66 22.32
CA ALA G 497 -35.44 -3.56 23.76
C ALA G 497 -36.05 -2.24 24.19
N SER G 498 -35.72 -1.17 23.48
CA SER G 498 -36.23 0.14 23.82
C SER G 498 -37.73 0.20 23.74
N ILE G 499 -38.30 -0.43 22.71
CA ILE G 499 -39.73 -0.47 22.59
C ILE G 499 -40.34 -1.18 23.74
N LEU G 500 -39.77 -2.32 24.09
CA LEU G 500 -40.30 -3.10 25.19
C LEU G 500 -40.26 -2.31 26.47
N TRP G 501 -39.18 -1.57 26.66
CA TRP G 501 -39.02 -0.77 27.85
C TRP G 501 -40.10 0.28 27.94
N LEU G 502 -40.37 0.96 26.84
CA LEU G 502 -41.40 1.97 26.82
C LEU G 502 -42.76 1.37 27.13
N ILE G 503 -43.01 0.17 26.61
CA ILE G 503 -44.25 -0.51 26.87
C ILE G 503 -44.38 -0.74 28.35
N GLY G 504 -43.32 -1.26 28.95
CA GLY G 504 -43.32 -1.52 30.38
C GLY G 504 -43.55 -0.26 31.19
N GLU G 505 -42.87 0.82 30.79
CA GLU G 505 -42.99 2.07 31.51
C GLU G 505 -44.39 2.61 31.51
N ASN G 506 -45.12 2.33 30.46
CA ASN G 506 -46.48 2.79 30.42
C ASN G 506 -47.46 1.68 30.15
N CYS G 507 -47.19 0.49 30.69
CA CYS G 507 -48.08 -0.65 30.45
C CYS G 507 -49.47 -0.44 31.04
N GLU G 508 -49.57 0.45 32.03
CA GLU G 508 -50.86 0.78 32.62
C GLU G 508 -51.65 1.69 31.69
N ARG G 509 -50.99 2.25 30.69
CA ARG G 509 -51.63 3.12 29.75
C ARG G 509 -52.00 2.29 28.51
N VAL G 510 -51.31 1.15 28.32
CA VAL G 510 -51.63 0.23 27.21
C VAL G 510 -51.77 -1.23 27.66
N PRO G 511 -52.62 -1.52 28.65
CA PRO G 511 -52.74 -2.77 29.39
C PRO G 511 -53.37 -3.85 28.53
N LYS G 512 -53.99 -3.46 27.43
CA LYS G 512 -54.66 -4.40 26.55
C LYS G 512 -53.73 -4.89 25.46
N ILE G 513 -52.57 -4.28 25.36
CA ILE G 513 -51.62 -4.62 24.31
C ILE G 513 -50.46 -5.40 24.85
N ALA G 514 -49.92 -4.90 25.94
CA ALA G 514 -48.75 -5.45 26.60
C ALA G 514 -48.72 -6.98 26.71
N PRO G 515 -49.75 -7.69 27.23
CA PRO G 515 -49.78 -9.13 27.40
C PRO G 515 -49.70 -9.87 26.06
N ASP G 516 -50.10 -9.21 24.98
CA ASP G 516 -50.02 -9.85 23.69
C ASP G 516 -48.60 -9.79 23.22
N VAL G 517 -47.97 -8.65 23.47
CA VAL G 517 -46.58 -8.47 23.14
C VAL G 517 -45.76 -9.44 23.91
N LEU G 518 -46.10 -9.56 25.19
CA LEU G 518 -45.43 -10.45 26.10
C LEU G 518 -45.30 -11.84 25.56
N ARG G 519 -46.40 -12.46 25.19
CA ARG G 519 -46.30 -13.85 24.77
C ARG G 519 -45.59 -13.99 23.44
N LYS G 520 -45.65 -12.95 22.61
CA LYS G 520 -44.93 -12.98 21.36
C LYS G 520 -43.44 -13.01 21.65
N MET G 521 -43.03 -12.19 22.59
CA MET G 521 -41.64 -12.10 22.98
C MET G 521 -41.21 -13.35 23.70
N ALA G 522 -42.12 -13.92 24.48
CA ALA G 522 -41.80 -15.12 25.22
C ALA G 522 -41.44 -16.25 24.28
N LYS G 523 -42.16 -16.35 23.17
CA LYS G 523 -41.82 -17.37 22.20
C LYS G 523 -40.48 -17.10 21.55
N SER G 524 -40.21 -15.84 21.24
CA SER G 524 -38.95 -15.48 20.61
C SER G 524 -37.75 -15.36 21.57
N PHE G 525 -38.02 -15.32 22.87
CA PHE G 525 -37.01 -15.06 23.90
C PHE G 525 -35.65 -15.68 23.69
N THR G 526 -35.59 -16.95 23.34
CA THR G 526 -34.30 -17.62 23.22
C THR G 526 -33.49 -17.14 22.03
N SER G 527 -34.16 -16.56 21.05
CA SER G 527 -33.51 -16.05 19.87
C SER G 527 -33.24 -14.56 19.97
N GLU G 528 -33.65 -13.93 21.06
CA GLU G 528 -33.48 -12.49 21.22
C GLU G 528 -32.10 -12.15 21.74
N ASP G 529 -31.75 -10.88 21.66
CA ASP G 529 -30.51 -10.39 22.22
C ASP G 529 -30.63 -10.40 23.71
N ASP G 530 -29.51 -10.57 24.39
CA ASP G 530 -29.52 -10.61 25.83
C ASP G 530 -30.08 -9.31 26.42
N LEU G 531 -29.84 -8.19 25.75
CA LEU G 531 -30.37 -6.91 26.22
C LEU G 531 -31.87 -6.94 26.16
N VAL G 532 -32.38 -7.52 25.10
CA VAL G 532 -33.80 -7.64 24.91
C VAL G 532 -34.39 -8.55 25.96
N LYS G 533 -33.70 -9.67 26.21
CA LYS G 533 -34.14 -10.65 27.19
C LYS G 533 -34.29 -10.00 28.56
N LEU G 534 -33.36 -9.11 28.89
CA LEU G 534 -33.41 -8.38 30.14
C LEU G 534 -34.64 -7.49 30.18
N GLN G 535 -34.97 -6.89 29.05
CA GLN G 535 -36.18 -6.10 29.01
C GLN G 535 -37.39 -6.96 29.09
N ILE G 536 -37.32 -8.16 28.53
CA ILE G 536 -38.42 -9.07 28.64
C ILE G 536 -38.64 -9.37 30.10
N LEU G 537 -37.56 -9.60 30.84
CA LEU G 537 -37.68 -9.86 32.27
C LEU G 537 -38.30 -8.71 33.02
N ASN G 538 -37.85 -7.50 32.74
CA ASN G 538 -38.36 -6.35 33.46
C ASN G 538 -39.80 -6.08 33.10
N LEU G 539 -40.12 -6.27 31.83
CA LEU G 539 -41.46 -6.12 31.34
C LEU G 539 -42.36 -7.09 32.03
N GLY G 540 -41.94 -8.34 32.03
CA GLY G 540 -42.69 -9.41 32.65
C GLY G 540 -42.89 -9.14 34.12
N ALA G 541 -41.86 -8.63 34.79
CA ALA G 541 -41.97 -8.33 36.20
C ALA G 541 -43.04 -7.31 36.46
N LYS G 542 -43.08 -6.28 35.63
CA LYS G 542 -44.09 -5.25 35.78
C LYS G 542 -45.46 -5.81 35.49
N LEU G 543 -45.56 -6.62 34.45
CA LEU G 543 -46.83 -7.21 34.08
C LEU G 543 -47.31 -8.16 35.15
N TYR G 544 -46.38 -8.88 35.75
CA TYR G 544 -46.68 -9.78 36.82
C TYR G 544 -47.24 -9.04 38.02
N LEU G 545 -46.51 -8.03 38.45
CA LEU G 545 -46.89 -7.31 39.65
C LEU G 545 -48.22 -6.64 39.49
N THR G 546 -48.51 -6.13 38.31
CA THR G 546 -49.76 -5.46 38.10
C THR G 546 -50.86 -6.37 37.59
N ASN G 547 -50.49 -7.50 37.02
CA ASN G 547 -51.49 -8.39 36.46
C ASN G 547 -51.09 -9.85 36.45
N SER G 548 -50.67 -10.37 37.61
CA SER G 548 -50.27 -11.78 37.69
C SER G 548 -51.41 -12.71 37.35
N LYS G 549 -52.64 -12.28 37.60
CA LYS G 549 -53.80 -13.09 37.30
C LYS G 549 -53.93 -13.44 35.81
N GLN G 550 -53.29 -12.67 34.93
CA GLN G 550 -53.30 -13.01 33.51
C GLN G 550 -51.93 -13.36 32.98
N THR G 551 -50.88 -12.90 33.65
CA THR G 551 -49.54 -13.07 33.11
C THR G 551 -48.59 -13.99 33.88
N LYS G 552 -48.94 -14.42 35.09
CA LYS G 552 -48.02 -15.21 35.90
C LYS G 552 -47.54 -16.50 35.26
N LEU G 553 -48.31 -17.08 34.37
CA LEU G 553 -47.89 -18.30 33.74
C LEU G 553 -46.72 -18.03 32.82
N LEU G 554 -46.88 -17.01 32.00
CA LEU G 554 -45.86 -16.61 31.08
C LEU G 554 -44.65 -16.13 31.83
N THR G 555 -44.89 -15.45 32.95
CA THR G 555 -43.83 -14.97 33.79
C THR G 555 -42.98 -16.13 34.25
N GLN G 556 -43.65 -17.17 34.70
CA GLN G 556 -42.97 -18.35 35.15
C GLN G 556 -42.17 -18.95 34.03
N TYR G 557 -42.73 -18.96 32.83
CA TYR G 557 -42.02 -19.51 31.70
C TYR G 557 -40.77 -18.72 31.41
N ILE G 558 -40.88 -17.41 31.49
CA ILE G 558 -39.76 -16.54 31.24
C ILE G 558 -38.72 -16.72 32.28
N LEU G 559 -39.13 -16.87 33.52
CA LEU G 559 -38.19 -17.13 34.60
C LEU G 559 -37.49 -18.44 34.36
N ASN G 560 -38.22 -19.43 33.88
CA ASN G 560 -37.61 -20.70 33.58
C ASN G 560 -36.63 -20.57 32.43
N LEU G 561 -36.93 -19.70 31.48
CA LEU G 561 -36.01 -19.49 30.38
C LEU G 561 -34.73 -18.85 30.88
N GLY G 562 -34.86 -17.81 31.70
CA GLY G 562 -33.72 -17.13 32.26
C GLY G 562 -32.89 -18.09 33.08
N LYS G 563 -33.58 -18.91 33.87
CA LYS G 563 -32.98 -19.93 34.72
C LYS G 563 -31.91 -20.77 34.04
N TYR G 564 -32.07 -21.04 32.75
CA TYR G 564 -31.11 -21.89 32.10
C TYR G 564 -30.25 -21.15 31.09
N ASP G 565 -30.54 -19.87 30.86
CA ASP G 565 -29.79 -19.09 29.90
C ASP G 565 -28.32 -19.03 30.31
N GLN G 566 -27.43 -19.19 29.34
CA GLN G 566 -26.00 -19.24 29.62
C GLN G 566 -25.43 -17.91 30.12
N ASN G 567 -26.09 -16.80 29.79
CA ASN G 567 -25.56 -15.54 30.25
C ASN G 567 -25.95 -15.34 31.69
N TYR G 568 -25.00 -15.59 32.57
CA TYR G 568 -25.21 -15.47 34.00
C TYR G 568 -25.67 -14.10 34.46
N ASP G 569 -25.40 -13.04 33.68
CA ASP G 569 -25.92 -11.74 34.06
C ASP G 569 -27.43 -11.78 34.04
N ILE G 570 -27.97 -12.47 33.04
CA ILE G 570 -29.40 -12.60 32.92
C ILE G 570 -29.91 -13.41 34.06
N ARG G 571 -29.22 -14.50 34.36
CA ARG G 571 -29.64 -15.35 35.45
C ARG G 571 -29.63 -14.60 36.77
N ASP G 572 -28.64 -13.75 36.95
CA ASP G 572 -28.53 -12.94 38.15
C ASP G 572 -29.73 -12.02 38.26
N ARG G 573 -30.05 -11.36 37.16
CA ARG G 573 -31.21 -10.50 37.15
C ARG G 573 -32.47 -11.33 37.38
N THR G 574 -32.50 -12.52 36.80
CA THR G 574 -33.64 -13.42 36.90
C THR G 574 -33.91 -13.84 38.31
N ARG G 575 -32.89 -14.29 39.03
CA ARG G 575 -33.09 -14.72 40.40
C ARG G 575 -33.44 -13.55 41.27
N PHE G 576 -32.87 -12.39 40.93
CA PHE G 576 -33.14 -11.18 41.67
C PHE G 576 -34.59 -10.86 41.57
N ILE G 577 -35.08 -10.81 40.34
CA ILE G 577 -36.47 -10.49 40.10
C ILE G 577 -37.37 -11.54 40.66
N ARG G 578 -37.07 -12.79 40.41
CA ARG G 578 -37.89 -13.86 40.90
C ARG G 578 -38.10 -13.75 42.39
N GLN G 579 -37.00 -13.63 43.11
CA GLN G 579 -37.08 -13.52 44.55
C GLN G 579 -37.89 -12.31 44.96
N LEU G 580 -37.70 -11.22 44.23
CA LEU G 580 -38.37 -9.98 44.52
C LEU G 580 -39.86 -9.98 44.23
N ILE G 581 -40.28 -10.47 43.07
CA ILE G 581 -41.70 -10.37 42.73
C ILE G 581 -42.49 -11.63 43.05
N VAL G 582 -41.84 -12.77 43.12
CA VAL G 582 -42.58 -13.99 43.39
C VAL G 582 -42.68 -14.23 44.88
N PRO G 583 -43.90 -14.36 45.42
CA PRO G 583 -44.22 -14.66 46.81
C PRO G 583 -43.46 -15.89 47.22
N ASN G 584 -42.89 -15.83 48.41
CA ASN G 584 -42.06 -16.92 48.85
C ASN G 584 -41.97 -16.96 50.36
N VAL G 585 -41.19 -17.90 50.86
CA VAL G 585 -40.98 -18.11 52.28
C VAL G 585 -40.57 -16.86 53.02
N LYS G 586 -39.70 -16.05 52.42
CA LYS G 586 -39.24 -14.85 53.09
C LYS G 586 -39.74 -13.56 52.49
N SER G 587 -40.89 -13.59 51.81
CA SER G 587 -41.51 -12.37 51.24
C SER G 587 -41.77 -11.29 52.29
N GLY G 588 -40.73 -10.57 52.67
CA GLY G 588 -40.80 -9.53 53.69
C GLY G 588 -41.09 -8.14 53.15
N ALA G 589 -40.71 -7.13 53.94
CA ALA G 589 -41.04 -5.75 53.64
C ALA G 589 -40.51 -5.27 52.31
N LEU G 590 -39.29 -5.64 51.99
CA LEU G 590 -38.73 -5.18 50.73
C LEU G 590 -39.46 -5.80 49.55
N SER G 591 -39.90 -7.05 49.69
CA SER G 591 -40.65 -7.68 48.59
C SER G 591 -42.01 -7.00 48.46
N LYS G 592 -42.50 -6.46 49.57
CA LYS G 592 -43.75 -5.73 49.55
C LYS G 592 -43.60 -4.37 48.88
N TYR G 593 -42.36 -3.96 48.61
CA TYR G 593 -42.12 -2.70 47.96
C TYR G 593 -41.70 -2.94 46.52
N ALA G 594 -41.82 -4.18 46.03
CA ALA G 594 -41.41 -4.48 44.66
C ALA G 594 -42.15 -3.61 43.67
N LYS G 595 -43.44 -3.39 43.93
CA LYS G 595 -44.24 -2.54 43.08
C LYS G 595 -43.76 -1.09 43.10
N LYS G 596 -43.09 -0.69 44.17
CA LYS G 596 -42.59 0.65 44.29
C LYS G 596 -41.28 0.74 43.56
N ILE G 597 -40.54 -0.35 43.62
CA ILE G 597 -39.27 -0.49 42.96
C ILE G 597 -39.43 -0.48 41.45
N PHE G 598 -40.31 -1.32 40.93
CA PHE G 598 -40.51 -1.37 39.50
C PHE G 598 -41.29 -0.19 38.96
N LEU G 599 -42.11 0.43 39.78
CA LEU G 599 -42.85 1.56 39.29
C LEU G 599 -42.22 2.89 39.72
N ALA G 600 -40.97 2.85 40.19
CA ALA G 600 -40.29 4.07 40.59
C ALA G 600 -40.15 5.03 39.42
N GLN G 601 -40.38 6.31 39.68
CA GLN G 601 -40.26 7.31 38.64
C GLN G 601 -38.81 7.65 38.36
N LYS G 602 -38.41 7.48 37.11
CA LYS G 602 -37.05 7.73 36.70
C LYS G 602 -36.86 9.19 36.27
N PRO G 603 -35.67 9.75 36.49
CA PRO G 603 -35.24 11.09 36.12
C PRO G 603 -34.92 11.18 34.64
N ALA G 604 -35.03 12.38 34.08
CA ALA G 604 -34.72 12.60 32.68
C ALA G 604 -33.20 12.56 32.47
N PRO G 605 -32.74 12.12 31.30
CA PRO G 605 -31.35 12.00 30.86
C PRO G 605 -30.72 13.35 30.53
N LEU G 606 -29.40 13.41 30.64
CA LEU G 606 -28.65 14.64 30.34
C LEU G 606 -27.77 14.47 29.11
N LEU G 607 -28.25 14.96 27.98
CA LEU G 607 -27.54 14.79 26.71
C LEU G 607 -26.48 15.86 26.51
N GLU G 608 -25.40 15.76 27.29
CA GLU G 608 -24.31 16.74 27.30
C GLU G 608 -23.24 16.46 26.25
N SER G 609 -22.64 17.53 25.72
CA SER G 609 -21.62 17.42 24.68
C SER G 609 -20.29 16.95 25.27
N PRO G 610 -19.56 16.09 24.56
CA PRO G 610 -18.31 15.40 24.92
C PRO G 610 -17.14 16.36 25.15
N PHE G 611 -17.25 17.58 24.64
CA PHE G 611 -16.13 18.55 24.76
C PHE G 611 -16.04 19.06 26.20
N LYS G 612 -17.11 18.87 26.98
CA LYS G 612 -17.08 19.27 28.38
C LYS G 612 -15.98 18.55 29.14
N ASP G 613 -15.50 17.43 28.60
CA ASP G 613 -14.46 16.65 29.24
C ASP G 613 -13.07 17.05 28.78
N ARG G 614 -12.96 18.05 27.90
CA ARG G 614 -11.66 18.49 27.41
C ARG G 614 -11.24 19.80 28.00
N ASP G 615 -11.99 20.30 28.97
CA ASP G 615 -11.70 21.59 29.57
C ASP G 615 -10.30 21.70 30.16
N HIS G 616 -9.80 20.59 30.71
CA HIS G 616 -8.47 20.60 31.30
C HIS G 616 -7.33 20.47 30.29
N PHE G 617 -7.63 20.17 29.03
CA PHE G 617 -6.56 20.08 28.05
C PHE G 617 -6.32 21.42 27.41
N GLN G 618 -5.07 21.74 27.12
CA GLN G 618 -4.80 22.99 26.46
C GLN G 618 -5.28 22.95 25.02
N LEU G 619 -6.07 23.94 24.66
CA LEU G 619 -6.64 24.03 23.32
C LEU G 619 -5.55 24.14 22.31
N GLY G 620 -5.60 23.31 21.27
CA GLY G 620 -4.60 23.31 20.23
C GLY G 620 -3.59 22.17 20.38
N THR G 621 -3.55 21.51 21.54
CA THR G 621 -2.60 20.43 21.68
C THR G 621 -3.14 19.10 21.23
N LEU G 622 -2.21 18.19 20.99
CA LEU G 622 -2.50 16.84 20.56
C LEU G 622 -3.45 16.17 21.53
N SER G 623 -3.23 16.44 22.80
CA SER G 623 -3.98 15.80 23.85
C SER G 623 -5.48 16.00 23.81
N HIS G 624 -5.98 17.12 23.28
CA HIS G 624 -7.44 17.21 23.28
C HIS G 624 -7.95 16.71 21.97
N THR G 625 -7.07 16.67 20.96
CA THR G 625 -7.48 16.10 19.70
C THR G 625 -7.61 14.59 19.86
N LEU G 626 -6.88 14.05 20.84
CA LEU G 626 -6.97 12.65 21.24
C LEU G 626 -7.90 12.45 22.43
N ASN G 627 -8.04 13.49 23.24
CA ASN G 627 -8.77 13.43 24.51
C ASN G 627 -8.04 12.49 25.45
N ILE G 628 -6.72 12.50 25.34
CA ILE G 628 -5.81 11.66 26.09
C ILE G 628 -4.58 12.43 26.51
N LYS G 629 -4.15 12.30 27.75
CA LYS G 629 -2.92 12.97 28.19
C LYS G 629 -1.70 12.35 27.49
N ALA G 630 -1.48 12.77 26.25
CA ALA G 630 -0.44 12.28 25.36
C ALA G 630 0.95 12.47 25.90
N THR G 631 1.84 11.58 25.49
CA THR G 631 3.22 11.54 25.95
C THR G 631 3.90 12.88 25.80
N GLY G 632 4.43 13.39 26.90
CA GLY G 632 5.13 14.67 26.90
C GLY G 632 4.23 15.86 27.17
N TYR G 633 2.92 15.65 27.20
CA TYR G 633 2.00 16.74 27.42
C TYR G 633 2.17 17.39 28.77
N LEU G 634 2.30 18.71 28.76
CA LEU G 634 2.40 19.45 29.99
C LEU G 634 1.07 20.07 30.27
N GLU G 635 0.66 20.03 31.52
CA GLU G 635 -0.61 20.59 31.89
C GLU G 635 -0.46 22.06 32.21
N LEU G 636 -1.51 22.83 31.98
CA LEU G 636 -1.43 24.25 32.25
C LEU G 636 -1.56 24.56 33.71
N SER G 637 -0.88 25.61 34.12
CA SER G 637 -0.96 26.05 35.49
C SER G 637 -2.25 26.82 35.69
N ASN G 638 -2.66 26.96 36.93
CA ASN G 638 -3.84 27.73 37.24
C ASN G 638 -3.40 29.15 37.50
N TRP G 639 -4.30 30.08 37.35
CA TRP G 639 -3.95 31.46 37.54
C TRP G 639 -3.51 31.68 38.99
N PRO G 640 -2.37 32.35 39.21
CA PRO G 640 -1.80 32.74 40.49
C PRO G 640 -2.78 33.62 41.24
N GLU G 641 -2.77 33.54 42.56
CA GLU G 641 -3.62 34.41 43.35
C GLU G 641 -3.15 35.83 43.16
N VAL G 642 -1.84 36.00 43.20
CA VAL G 642 -1.21 37.28 42.95
C VAL G 642 -0.09 37.03 41.98
N ALA G 643 0.28 38.07 41.24
CA ALA G 643 1.37 37.93 40.29
C ALA G 643 2.70 37.92 41.04
N PRO G 644 3.68 37.18 40.54
CA PRO G 644 5.04 37.05 41.05
C PRO G 644 5.78 38.34 40.79
N ASP G 645 6.82 38.59 41.57
CA ASP G 645 7.58 39.83 41.50
C ASP G 645 7.98 40.22 40.08
N PRO G 646 7.32 41.24 39.50
CA PRO G 646 7.45 41.78 38.16
C PRO G 646 8.86 42.14 37.75
N SER G 647 9.68 42.56 38.72
CA SER G 647 11.02 43.00 38.39
C SER G 647 11.89 41.89 37.86
N VAL G 648 11.51 40.63 38.11
CA VAL G 648 12.27 39.51 37.57
C VAL G 648 12.23 39.51 36.05
N ARG G 649 11.21 40.13 35.48
CA ARG G 649 11.03 40.19 34.06
C ARG G 649 11.67 41.46 33.47
N ASN G 650 12.28 42.30 34.33
CA ASN G 650 12.87 43.55 33.90
C ASN G 650 14.15 43.35 33.11
MG MG H . -7.64 -30.98 -53.59
PG GTP I . -10.72 -31.56 -53.52
O1G GTP I . -11.68 -32.34 -52.72
O2G GTP I . -9.33 -31.57 -52.83
O3G GTP I . -11.19 -30.12 -53.77
O3B GTP I . -10.57 -32.33 -54.93
PB GTP I . -9.64 -31.84 -56.16
O1B GTP I . -10.36 -30.94 -57.08
O2B GTP I . -8.32 -31.29 -55.67
O3A GTP I . -9.33 -33.23 -56.93
PA GTP I . -7.93 -34.02 -57.02
O1A GTP I . -6.93 -33.16 -57.69
O2A GTP I . -7.59 -34.59 -55.66
O5' GTP I . -8.33 -35.19 -58.04
C5' GTP I . -9.35 -36.12 -57.71
C4' GTP I . -9.14 -37.39 -58.51
O4' GTP I . -9.28 -37.13 -59.90
C3' GTP I . -7.75 -37.98 -58.32
O3' GTP I . -7.86 -39.39 -58.22
C2' GTP I . -7.02 -37.56 -59.58
O2' GTP I . -5.95 -38.41 -59.96
C1' GTP I . -8.15 -37.60 -60.60
N9 GTP I . -7.91 -36.73 -61.76
C8 GTP I . -7.46 -35.43 -61.80
N7 GTP I . -7.41 -35.05 -63.09
C5 GTP I . -7.82 -36.09 -63.88
C6 GTP I . -7.98 -36.26 -65.26
O6 GTP I . -7.72 -35.39 -66.09
N1 GTP I . -8.45 -37.47 -65.71
C2 GTP I . -8.77 -38.50 -64.85
N2 GTP I . -9.22 -39.64 -65.36
N3 GTP I . -8.61 -38.33 -63.50
C4 GTP I . -8.14 -37.15 -63.03
MG MG J . 46.93 10.77 13.95
PG GTP K . 47.40 8.90 16.40
O1G GTP K . 46.90 8.73 17.79
O2G GTP K . 46.54 9.93 15.66
O3G GTP K . 47.49 7.59 15.63
O3B GTP K . 48.90 9.54 16.56
PB GTP K . 49.88 9.89 15.33
O1B GTP K . 50.74 8.74 14.96
O2B GTP K . 49.11 10.49 14.16
O3A GTP K . 50.81 11.05 15.95
PA GTP K . 50.82 12.62 15.57
O1A GTP K . 51.19 12.77 14.14
O2A GTP K . 49.53 13.26 16.06
O5' GTP K . 52.05 13.12 16.45
C5' GTP K . 52.04 12.99 17.87
C4' GTP K . 53.00 14.01 18.47
O4' GTP K . 54.33 13.72 18.07
C3' GTP K . 52.69 15.43 18.00
O3' GTP K . 52.84 16.30 19.12
C2' GTP K . 53.76 15.67 16.95
O2' GTP K . 54.10 17.04 16.77
C1' GTP K . 54.92 14.87 17.51
N9 GTP K . 55.88 14.46 16.47
C8 GTP K . 55.64 13.91 15.24
N7 GTP K . 56.84 13.69 14.64
C5 GTP K . 57.83 14.08 15.49
C6 GTP K . 59.23 14.07 15.42
O6 GTP K . 59.86 13.67 14.45
N1 GTP K . 59.93 14.56 16.50
C2 GTP K . 59.31 15.02 17.63
N2 GTP K . 60.05 15.46 18.64
N3 GTP K . 57.94 15.01 17.70
C4 GTP K . 57.23 14.56 16.64
#